data_8THY
#
_entry.id   8THY
#
_cell.length_a   1.00
_cell.length_b   1.00
_cell.length_c   1.00
_cell.angle_alpha   90.00
_cell.angle_beta   90.00
_cell.angle_gamma   90.00
#
_symmetry.space_group_name_H-M   'P 1'
#
loop_
_entity.id
_entity.type
_entity.pdbx_description
1 polymer Actin
2 non-polymer "ADENOSINE-5'-DIPHOSPHATE"
3 non-polymer 'MAGNESIUM ION'
#
_entity_poly.entity_id   1
_entity_poly.type   'polypeptide(L)'
_entity_poly.pdbx_seq_one_letter_code
;AALVIDNGSGMCKAGFAGDDAPRAVFPSIVGRPRHQGIMVGMGQKDSYVGDEAQSKRGILTLRYPIEHGIVTNWDDMEKI
WHHTFYNELRVAPEEHPVLLTEAPMNPKSNREKMTQIMFETFNVPAFYVSIQAVLSLYSSGRTTGIVLDSGDGVTHVVPI
YEGFSLPHAILRIDLAGRDLTDYLMKILSERGYSFSTTAEREIVRDIKEKLCYVALDFEQEMQTAAQSSSIEKSYELPDG
QVITIGNERFRAPEALFHPSVLGLESAGIDQTTYNSIMKCDVDVRKELYGNIVMSGGTTMFPGIAERMQKEITALAPSSM
KVKIIAPPERKYSVWIGGSILASLTTFQQMWISKQEYDESGPSIVHHKCF
;
_entity_poly.pdbx_strand_id   A,B,C,D,E
#
loop_
_chem_comp.id
_chem_comp.type
_chem_comp.name
_chem_comp.formula
ADP non-polymer ADENOSINE-5'-DIPHOSPHATE 'C10 H15 N5 O10 P2'
MG non-polymer 'MAGNESIUM ION' 'Mg 2'
#
# COMPACT_ATOMS: atom_id res chain seq x y z
N ALA A 1 -53.90 -17.49 24.38
CA ALA A 1 -54.31 -18.31 23.21
C ALA A 1 -54.35 -17.47 21.95
N ALA A 2 -54.18 -18.12 20.80
CA ALA A 2 -54.21 -17.44 19.52
C ALA A 2 -54.70 -18.43 18.46
N LEU A 3 -55.24 -17.87 17.38
CA LEU A 3 -55.73 -18.66 16.26
C LEU A 3 -54.76 -18.55 15.08
N VAL A 4 -54.48 -19.69 14.47
CA VAL A 4 -53.56 -19.79 13.34
C VAL A 4 -54.36 -20.26 12.14
N ILE A 5 -54.23 -19.54 11.02
CA ILE A 5 -55.00 -19.80 9.82
C ILE A 5 -54.05 -19.83 8.63
N ASP A 6 -54.05 -20.96 7.92
CA ASP A 6 -53.21 -21.10 6.73
C ASP A 6 -53.74 -20.25 5.57
N ASN A 7 -55.02 -19.91 5.59
CA ASN A 7 -55.66 -19.17 4.50
C ASN A 7 -55.30 -19.80 3.16
N GLY A 8 -55.39 -21.13 3.12
CA GLY A 8 -54.74 -21.87 2.06
C GLY A 8 -55.31 -21.53 0.70
N SER A 9 -54.45 -21.59 -0.32
CA SER A 9 -54.93 -21.44 -1.68
C SER A 9 -55.91 -22.55 -2.03
N GLY A 10 -55.79 -23.70 -1.39
CA GLY A 10 -56.63 -24.85 -1.68
C GLY A 10 -57.46 -25.26 -0.49
N MET A 11 -56.88 -26.09 0.37
CA MET A 11 -57.49 -26.39 1.67
C MET A 11 -57.18 -25.24 2.63
N CYS A 12 -58.22 -24.64 3.17
CA CYS A 12 -58.06 -23.83 4.38
C CYS A 12 -57.70 -24.73 5.55
N LYS A 13 -56.86 -24.20 6.44
CA LYS A 13 -56.56 -24.83 7.72
C LYS A 13 -56.63 -23.77 8.81
N ALA A 14 -57.26 -24.13 9.92
CA ALA A 14 -57.32 -23.24 11.06
C ALA A 14 -57.32 -24.05 12.35
N GLY A 15 -56.83 -23.42 13.41
CA GLY A 15 -56.79 -24.07 14.71
C GLY A 15 -56.18 -23.13 15.73
N PHE A 16 -56.07 -23.65 16.95
CA PHE A 16 -55.44 -22.90 18.02
C PHE A 16 -53.93 -23.11 18.01
N ALA A 17 -53.22 -22.05 18.37
CA ALA A 17 -51.77 -22.13 18.56
C ALA A 17 -51.43 -23.13 19.66
N GLY A 18 -50.31 -23.82 19.47
CA GLY A 18 -49.88 -24.85 20.37
C GLY A 18 -50.45 -26.23 20.11
N ASP A 19 -51.40 -26.34 19.19
CA ASP A 19 -51.83 -27.66 18.73
C ASP A 19 -50.83 -28.23 17.72
N ASP A 20 -50.89 -29.54 17.54
CA ASP A 20 -50.02 -30.23 16.61
C ASP A 20 -50.64 -30.41 15.23
N ALA A 21 -51.91 -30.06 15.06
CA ALA A 21 -52.56 -30.09 13.76
C ALA A 21 -53.70 -29.09 13.77
N PRO A 22 -54.10 -28.59 12.60
CA PRO A 22 -55.30 -27.76 12.54
C PRO A 22 -56.55 -28.57 12.86
N ARG A 23 -57.52 -27.91 13.48
CA ARG A 23 -58.77 -28.54 13.83
C ARG A 23 -59.80 -28.44 12.71
N ALA A 24 -59.93 -27.27 12.09
CA ALA A 24 -60.74 -27.11 10.89
C ALA A 24 -59.86 -27.25 9.66
N VAL A 25 -60.15 -28.25 8.84
CA VAL A 25 -59.56 -28.38 7.52
C VAL A 25 -60.69 -28.63 6.52
N PHE A 26 -60.80 -27.75 5.52
CA PHE A 26 -61.89 -27.86 4.56
C PHE A 26 -61.50 -27.12 3.29
N PRO A 27 -62.07 -27.50 2.15
CA PRO A 27 -61.72 -26.84 0.89
C PRO A 27 -62.21 -25.40 0.84
N SER A 28 -61.33 -24.53 0.37
CA SER A 28 -61.58 -23.08 0.36
C SER A 28 -62.50 -22.68 -0.80
N ILE A 29 -63.67 -23.30 -0.85
CA ILE A 29 -64.61 -23.10 -1.94
C ILE A 29 -65.89 -22.47 -1.41
N VAL A 30 -66.46 -21.56 -2.18
CA VAL A 30 -67.83 -21.12 -2.03
C VAL A 30 -68.65 -21.66 -3.18
N GLY A 31 -69.77 -22.32 -2.87
CA GLY A 31 -70.66 -22.86 -3.87
C GLY A 31 -71.94 -22.04 -3.96
N ARG A 32 -72.28 -21.66 -5.18
CA ARG A 32 -73.54 -20.97 -5.45
C ARG A 32 -74.49 -21.91 -6.17
N PRO A 33 -75.75 -21.99 -5.74
CA PRO A 33 -76.71 -22.83 -6.48
C PRO A 33 -77.01 -22.24 -7.83
N ARG A 34 -77.14 -23.10 -8.83
CA ARG A 34 -77.29 -22.69 -10.22
C ARG A 34 -78.67 -23.00 -10.79
N HIS A 35 -79.64 -23.36 -9.95
CA HIS A 35 -80.95 -23.79 -10.42
C HIS A 35 -82.04 -23.15 -9.57
N GLN A 36 -83.26 -23.16 -10.11
CA GLN A 36 -84.44 -22.75 -9.35
C GLN A 36 -84.78 -23.76 -8.27
N GLY A 37 -84.95 -23.26 -7.04
CA GLY A 37 -85.36 -24.09 -5.92
C GLY A 37 -86.87 -24.26 -5.85
N ILE A 38 -87.39 -25.35 -6.43
CA ILE A 38 -88.84 -25.46 -6.59
C ILE A 38 -89.53 -25.94 -5.32
N MET A 39 -88.84 -26.72 -4.49
CA MET A 39 -89.46 -27.24 -3.27
C MET A 39 -89.47 -26.18 -2.19
N VAL A 40 -90.68 -25.80 -1.77
CA VAL A 40 -90.87 -24.93 -0.62
C VAL A 40 -90.45 -25.65 0.65
N GLY A 41 -89.86 -24.88 1.57
CA GLY A 41 -89.62 -25.35 2.92
C GLY A 41 -88.30 -26.06 3.13
N MET A 42 -87.50 -26.25 2.08
CA MET A 42 -86.14 -26.72 2.28
C MET A 42 -85.20 -25.65 2.80
N GLY A 43 -85.59 -24.38 2.72
CA GLY A 43 -84.74 -23.32 3.24
C GLY A 43 -83.43 -23.23 2.50
N GLN A 44 -83.45 -23.44 1.18
CA GLN A 44 -82.22 -23.56 0.41
C GLN A 44 -81.31 -22.38 0.67
N LYS A 45 -80.04 -22.67 0.96
CA LYS A 45 -79.08 -21.63 1.27
C LYS A 45 -78.64 -20.94 -0.01
N ASP A 46 -78.51 -19.61 0.06
CA ASP A 46 -78.10 -18.85 -1.11
C ASP A 46 -76.64 -19.05 -1.47
N SER A 47 -75.80 -19.48 -0.53
CA SER A 47 -74.42 -19.81 -0.84
C SER A 47 -73.92 -20.82 0.18
N TYR A 48 -73.62 -22.03 -0.29
CA TYR A 48 -72.92 -23.01 0.51
C TYR A 48 -71.42 -22.71 0.50
N VAL A 49 -70.73 -23.25 1.51
CA VAL A 49 -69.30 -22.98 1.66
C VAL A 49 -68.64 -24.17 2.33
N GLY A 50 -67.36 -24.35 2.02
CA GLY A 50 -66.60 -25.47 2.55
C GLY A 50 -67.14 -26.81 2.11
N ASP A 51 -67.09 -27.79 3.02
CA ASP A 51 -67.48 -29.15 2.69
C ASP A 51 -68.98 -29.33 2.53
N GLU A 52 -69.79 -28.33 2.93
CA GLU A 52 -71.17 -28.30 2.50
C GLU A 52 -71.27 -28.20 0.98
N ALA A 53 -70.51 -27.29 0.39
CA ALA A 53 -70.49 -27.13 -1.05
C ALA A 53 -69.85 -28.31 -1.76
N GLN A 54 -69.00 -29.08 -1.08
CA GLN A 54 -68.62 -30.39 -1.61
C GLN A 54 -69.82 -31.32 -1.72
N SER A 55 -70.53 -31.51 -0.62
CA SER A 55 -71.58 -32.52 -0.58
C SER A 55 -72.72 -32.22 -1.55
N LYS A 56 -73.00 -30.93 -1.79
CA LYS A 56 -74.07 -30.51 -2.68
C LYS A 56 -73.59 -30.14 -4.08
N ARG A 57 -72.32 -30.37 -4.37
CA ARG A 57 -71.67 -29.73 -5.53
C ARG A 57 -72.40 -29.98 -6.85
N GLY A 58 -73.10 -31.11 -6.98
CA GLY A 58 -73.78 -31.39 -8.23
C GLY A 58 -74.75 -30.35 -8.71
N ILE A 59 -75.39 -29.62 -7.79
CA ILE A 59 -76.30 -28.54 -8.12
C ILE A 59 -75.64 -27.17 -8.05
N LEU A 60 -74.35 -27.11 -7.76
CA LEU A 60 -73.66 -25.86 -7.50
C LEU A 60 -72.72 -25.53 -8.64
N THR A 61 -72.30 -24.28 -8.67
CA THR A 61 -71.03 -23.90 -9.25
C THR A 61 -70.05 -23.62 -8.12
N LEU A 62 -68.84 -24.17 -8.23
CA LEU A 62 -67.83 -24.00 -7.21
C LEU A 62 -66.81 -22.98 -7.69
N ARG A 63 -66.50 -22.01 -6.85
CA ARG A 63 -65.46 -21.04 -7.12
C ARG A 63 -64.53 -20.95 -5.94
N TYR A 64 -63.24 -21.04 -6.20
CA TYR A 64 -62.24 -20.63 -5.23
C TYR A 64 -62.17 -19.11 -5.20
N PRO A 65 -62.27 -18.48 -4.03
CA PRO A 65 -62.12 -17.02 -3.97
C PRO A 65 -60.68 -16.54 -3.94
N ILE A 66 -59.72 -17.44 -3.80
CA ILE A 66 -58.30 -17.11 -3.75
C ILE A 66 -57.61 -17.81 -4.91
N GLU A 67 -57.05 -17.02 -5.82
CA GLU A 67 -56.38 -17.53 -7.00
C GLU A 67 -54.90 -17.14 -6.96
N HIS A 68 -54.03 -18.12 -7.06
CA HIS A 68 -52.58 -17.90 -7.02
C HIS A 68 -52.20 -17.00 -5.85
N GLY A 69 -52.77 -17.28 -4.68
CA GLY A 69 -52.49 -16.51 -3.49
C GLY A 69 -53.09 -15.12 -3.47
N ILE A 70 -53.78 -14.71 -4.53
CA ILE A 70 -54.46 -13.43 -4.59
C ILE A 70 -55.94 -13.68 -4.30
N VAL A 71 -56.47 -12.96 -3.31
CA VAL A 71 -57.89 -13.04 -3.03
C VAL A 71 -58.64 -12.32 -4.14
N THR A 72 -59.41 -13.07 -4.93
CA THR A 72 -60.07 -12.54 -6.11
C THR A 72 -61.51 -12.11 -5.87
N ASN A 73 -62.15 -12.62 -4.81
CA ASN A 73 -63.48 -12.17 -4.41
C ASN A 73 -63.48 -12.06 -2.88
N TRP A 74 -63.32 -10.84 -2.39
CA TRP A 74 -63.22 -10.62 -0.95
C TRP A 74 -64.50 -10.98 -0.22
N ASP A 75 -65.66 -10.71 -0.82
CA ASP A 75 -66.92 -11.05 -0.16
C ASP A 75 -67.05 -12.56 0.08
N ASP A 76 -66.49 -13.36 -0.82
CA ASP A 76 -66.46 -14.79 -0.58
C ASP A 76 -65.39 -15.16 0.43
N MET A 77 -64.24 -14.50 0.39
CA MET A 77 -63.24 -14.76 1.40
C MET A 77 -63.78 -14.47 2.79
N GLU A 78 -64.55 -13.38 2.92
CA GLU A 78 -65.26 -13.10 4.16
C GLU A 78 -66.17 -14.24 4.55
N LYS A 79 -66.91 -14.80 3.57
CA LYS A 79 -67.77 -15.93 3.92
C LYS A 79 -66.96 -17.11 4.41
N ILE A 80 -65.78 -17.34 3.83
CA ILE A 80 -64.95 -18.46 4.22
C ILE A 80 -64.42 -18.28 5.64
N TRP A 81 -63.91 -17.09 5.96
CA TRP A 81 -63.43 -16.85 7.32
C TRP A 81 -64.56 -16.88 8.33
N HIS A 82 -65.71 -16.31 7.98
CA HIS A 82 -66.88 -16.38 8.84
C HIS A 82 -67.26 -17.81 9.14
N HIS A 83 -67.35 -18.65 8.10
CA HIS A 83 -67.58 -20.07 8.29
C HIS A 83 -66.53 -20.70 9.18
N THR A 84 -65.27 -20.32 8.99
CA THR A 84 -64.20 -20.88 9.81
C THR A 84 -64.45 -20.59 11.29
N PHE A 85 -64.60 -19.32 11.63
CA PHE A 85 -64.76 -18.96 13.03
C PHE A 85 -66.03 -19.55 13.62
N TYR A 86 -67.18 -19.28 12.99
CA TYR A 86 -68.44 -19.59 13.64
C TYR A 86 -68.94 -21.02 13.42
N ASN A 87 -68.84 -21.55 12.21
CA ASN A 87 -69.44 -22.85 11.91
C ASN A 87 -68.45 -23.98 12.10
N GLU A 88 -67.25 -23.83 11.57
CA GLU A 88 -66.33 -24.96 11.45
C GLU A 88 -65.45 -25.10 12.68
N LEU A 89 -64.99 -23.98 13.23
CA LEU A 89 -64.15 -23.99 14.42
C LEU A 89 -64.91 -23.66 15.68
N ARG A 90 -65.99 -22.87 15.57
CA ARG A 90 -66.84 -22.49 16.70
C ARG A 90 -66.01 -21.77 17.78
N VAL A 91 -65.53 -20.59 17.38
CA VAL A 91 -64.70 -19.74 18.23
C VAL A 91 -65.15 -18.31 18.02
N ALA A 92 -65.01 -17.50 19.08
CA ALA A 92 -65.25 -16.07 18.97
C ALA A 92 -63.99 -15.36 18.52
N PRO A 93 -64.00 -14.69 17.35
CA PRO A 93 -62.78 -14.01 16.89
C PRO A 93 -62.47 -12.74 17.67
N GLU A 94 -63.46 -12.13 18.31
CA GLU A 94 -63.21 -10.96 19.17
C GLU A 94 -62.33 -11.29 20.36
N GLU A 95 -62.25 -12.57 20.75
CA GLU A 95 -61.53 -12.93 21.96
C GLU A 95 -60.08 -13.33 21.72
N HIS A 96 -59.70 -13.63 20.48
CA HIS A 96 -58.43 -14.26 20.22
C HIS A 96 -57.67 -13.54 19.12
N PRO A 97 -56.37 -13.32 19.30
CA PRO A 97 -55.56 -12.81 18.19
C PRO A 97 -55.37 -13.86 17.12
N VAL A 98 -55.29 -13.40 15.87
CA VAL A 98 -55.26 -14.27 14.71
C VAL A 98 -53.94 -14.07 13.98
N LEU A 99 -53.22 -15.17 13.77
CA LEU A 99 -52.12 -15.21 12.81
C LEU A 99 -52.66 -15.70 11.47
N LEU A 100 -52.78 -14.78 10.51
CA LEU A 100 -53.00 -15.16 9.13
C LEU A 100 -51.69 -15.49 8.44
N THR A 101 -51.82 -16.09 7.25
CA THR A 101 -50.67 -16.47 6.43
C THR A 101 -50.89 -16.02 4.99
N GLU A 102 -49.80 -15.63 4.34
CA GLU A 102 -49.84 -15.19 2.95
C GLU A 102 -48.68 -15.80 2.19
N ALA A 103 -48.87 -15.94 0.88
CA ALA A 103 -47.77 -16.23 -0.02
C ALA A 103 -46.82 -15.03 -0.07
N PRO A 104 -45.56 -15.27 -0.45
CA PRO A 104 -44.64 -14.16 -0.68
C PRO A 104 -44.89 -13.49 -2.03
N MET A 105 -44.18 -12.39 -2.24
CA MET A 105 -44.23 -11.65 -3.51
C MET A 105 -45.66 -11.27 -3.86
N ASN A 106 -46.49 -11.05 -2.85
CA ASN A 106 -47.93 -11.04 -3.07
C ASN A 106 -48.45 -9.60 -3.10
N PRO A 107 -49.38 -9.29 -4.00
CA PRO A 107 -49.74 -7.88 -4.23
C PRO A 107 -50.12 -7.17 -2.95
N LYS A 108 -49.47 -6.03 -2.74
CA LYS A 108 -49.43 -5.39 -1.42
C LYS A 108 -50.82 -5.00 -0.93
N SER A 109 -51.69 -4.59 -1.85
CA SER A 109 -53.06 -4.28 -1.47
C SER A 109 -53.81 -5.50 -0.96
N ASN A 110 -53.38 -6.71 -1.31
CA ASN A 110 -53.98 -7.90 -0.75
C ASN A 110 -53.76 -7.97 0.75
N ARG A 111 -52.51 -7.77 1.18
CA ARG A 111 -52.19 -7.77 2.61
C ARG A 111 -52.88 -6.61 3.32
N GLU A 112 -53.00 -5.47 2.63
CA GLU A 112 -53.74 -4.35 3.20
C GLU A 112 -55.20 -4.74 3.45
N LYS A 113 -55.92 -5.08 2.39
CA LYS A 113 -57.33 -5.37 2.50
C LYS A 113 -57.59 -6.53 3.46
N MET A 114 -56.71 -7.53 3.46
CA MET A 114 -56.78 -8.62 4.41
C MET A 114 -56.89 -8.11 5.85
N THR A 115 -56.06 -7.12 6.20
CA THR A 115 -56.15 -6.63 7.57
C THR A 115 -57.31 -5.67 7.77
N GLN A 116 -57.66 -4.91 6.74
CA GLN A 116 -58.84 -4.05 6.84
C GLN A 116 -60.08 -4.88 7.19
N ILE A 117 -60.24 -6.03 6.53
CA ILE A 117 -61.32 -6.95 6.89
C ILE A 117 -61.12 -7.51 8.29
N MET A 118 -59.93 -8.01 8.59
CA MET A 118 -59.76 -8.74 9.85
C MET A 118 -59.99 -7.86 11.06
N PHE A 119 -59.67 -6.56 10.98
CA PHE A 119 -60.02 -5.66 12.08
C PHE A 119 -61.44 -5.14 11.99
N GLU A 120 -61.85 -4.58 10.85
CA GLU A 120 -63.11 -3.85 10.84
C GLU A 120 -64.32 -4.78 10.74
N THR A 121 -64.17 -5.93 10.10
CA THR A 121 -65.28 -6.89 10.02
C THR A 121 -65.32 -7.83 11.22
N PHE A 122 -64.19 -8.46 11.55
CA PHE A 122 -64.14 -9.46 12.61
C PHE A 122 -63.68 -8.91 13.95
N ASN A 123 -63.22 -7.66 14.01
CA ASN A 123 -62.85 -7.03 15.27
C ASN A 123 -61.83 -7.87 16.05
N VAL A 124 -60.93 -8.51 15.32
CA VAL A 124 -59.88 -9.29 15.98
C VAL A 124 -59.07 -8.36 16.87
N PRO A 125 -58.72 -8.76 18.10
CA PRO A 125 -58.03 -7.83 19.00
C PRO A 125 -56.60 -7.54 18.58
N ALA A 126 -55.87 -8.56 18.10
CA ALA A 126 -54.52 -8.34 17.58
C ALA A 126 -54.22 -9.40 16.55
N PHE A 127 -53.26 -9.11 15.68
CA PHE A 127 -53.19 -9.76 14.39
C PHE A 127 -51.76 -9.80 13.87
N TYR A 128 -51.49 -10.78 13.01
CA TYR A 128 -50.25 -10.82 12.26
C TYR A 128 -50.41 -11.58 10.96
N VAL A 129 -49.47 -11.35 10.05
CA VAL A 129 -49.35 -12.06 8.78
C VAL A 129 -47.92 -12.57 8.64
N SER A 130 -47.77 -13.78 8.11
CA SER A 130 -46.44 -14.29 7.84
C SER A 130 -46.44 -15.14 6.58
N ILE A 131 -45.24 -15.32 6.03
CA ILE A 131 -45.05 -15.97 4.74
C ILE A 131 -45.21 -17.48 4.92
N GLN A 132 -46.07 -18.08 4.09
CA GLN A 132 -46.30 -19.52 4.13
C GLN A 132 -45.03 -20.34 4.25
N ALA A 133 -44.09 -20.12 3.32
CA ALA A 133 -42.84 -20.87 3.33
C ALA A 133 -42.06 -20.69 4.62
N VAL A 134 -41.95 -19.46 5.12
CA VAL A 134 -41.11 -19.19 6.27
C VAL A 134 -41.55 -20.05 7.46
N LEU A 135 -42.85 -20.19 7.66
CA LEU A 135 -43.34 -21.02 8.75
C LEU A 135 -42.82 -22.45 8.68
N SER A 136 -42.55 -22.95 7.47
CA SER A 136 -42.07 -24.32 7.35
C SER A 136 -40.74 -24.56 8.04
N LEU A 137 -39.93 -23.52 8.22
CA LEU A 137 -38.71 -23.69 8.99
C LEU A 137 -39.02 -23.93 10.46
N TYR A 138 -40.06 -23.27 10.97
CA TYR A 138 -40.48 -23.51 12.34
C TYR A 138 -41.00 -24.93 12.52
N SER A 139 -41.81 -25.40 11.59
CA SER A 139 -42.30 -26.77 11.68
C SER A 139 -41.23 -27.79 11.35
N SER A 140 -40.18 -27.39 10.65
CA SER A 140 -39.00 -28.23 10.55
C SER A 140 -38.07 -28.11 11.75
N GLY A 141 -38.24 -27.05 12.55
CA GLY A 141 -37.35 -26.83 13.67
C GLY A 141 -35.98 -26.37 13.22
N ARG A 142 -35.92 -25.37 12.35
CA ARG A 142 -34.69 -25.00 11.68
C ARG A 142 -34.56 -23.49 11.60
N THR A 143 -33.33 -23.06 11.33
CA THR A 143 -33.02 -21.66 11.10
C THR A 143 -32.32 -21.43 9.78
N THR A 144 -32.04 -22.48 9.02
CA THR A 144 -31.49 -22.39 7.68
C THR A 144 -32.27 -23.33 6.79
N GLY A 145 -32.19 -23.10 5.49
CA GLY A 145 -32.80 -23.99 4.55
C GLY A 145 -33.59 -23.26 3.49
N ILE A 146 -33.81 -23.91 2.35
CA ILE A 146 -34.59 -23.35 1.25
C ILE A 146 -35.89 -24.13 1.18
N VAL A 147 -37.00 -23.41 1.15
CA VAL A 147 -38.33 -24.00 1.24
C VAL A 147 -38.97 -23.98 -0.13
N LEU A 148 -39.29 -25.16 -0.66
CA LEU A 148 -40.32 -25.29 -1.68
C LEU A 148 -41.67 -25.38 -0.99
N ASP A 149 -42.45 -24.31 -1.07
CA ASP A 149 -43.89 -24.42 -0.91
C ASP A 149 -44.51 -24.70 -2.26
N SER A 150 -45.57 -25.54 -2.27
CA SER A 150 -46.37 -25.68 -3.49
C SER A 150 -47.82 -25.91 -3.08
N GLY A 151 -48.54 -24.82 -2.83
CA GLY A 151 -49.95 -24.92 -2.54
C GLY A 151 -50.74 -25.32 -3.78
N ASP A 152 -52.06 -25.15 -3.68
CA ASP A 152 -52.89 -25.21 -4.88
C ASP A 152 -52.62 -24.03 -5.81
N GLY A 153 -52.26 -22.87 -5.27
CA GLY A 153 -52.21 -21.68 -6.09
C GLY A 153 -50.82 -21.26 -6.54
N VAL A 154 -49.82 -21.36 -5.67
CA VAL A 154 -48.50 -20.85 -5.97
C VAL A 154 -47.44 -21.85 -5.52
N THR A 155 -46.44 -22.06 -6.36
CA THR A 155 -45.15 -22.58 -5.94
C THR A 155 -44.23 -21.39 -5.72
N HIS A 156 -43.62 -21.31 -4.54
CA HIS A 156 -42.63 -20.28 -4.29
C HIS A 156 -41.45 -20.87 -3.52
N VAL A 157 -40.25 -20.49 -3.95
CA VAL A 157 -39.01 -20.98 -3.38
C VAL A 157 -38.43 -19.86 -2.53
N VAL A 158 -38.16 -20.17 -1.26
CA VAL A 158 -37.70 -19.13 -0.33
C VAL A 158 -36.45 -19.62 0.41
N PRO A 159 -35.27 -19.16 0.04
CA PRO A 159 -34.08 -19.47 0.84
C PRO A 159 -33.99 -18.63 2.09
N ILE A 160 -33.65 -19.27 3.19
CA ILE A 160 -33.43 -18.58 4.47
C ILE A 160 -32.12 -19.07 5.05
N TYR A 161 -31.34 -18.15 5.61
CA TYR A 161 -30.06 -18.50 6.23
C TYR A 161 -29.92 -17.73 7.53
N GLU A 162 -29.72 -18.44 8.63
CA GLU A 162 -29.52 -17.85 9.96
C GLU A 162 -30.63 -16.86 10.31
N GLY A 163 -31.83 -17.11 9.83
CA GLY A 163 -32.95 -16.21 10.04
C GLY A 163 -32.97 -14.96 9.22
N PHE A 164 -32.07 -14.81 8.26
CA PHE A 164 -32.09 -13.74 7.29
C PHE A 164 -32.71 -14.23 5.98
N SER A 165 -33.55 -13.38 5.38
CA SER A 165 -34.54 -13.85 4.42
C SER A 165 -34.06 -13.81 2.98
N LEU A 166 -32.86 -13.32 2.71
CA LEU A 166 -32.30 -13.34 1.37
C LEU A 166 -33.34 -12.96 0.34
N PRO A 167 -34.05 -11.85 0.54
CA PRO A 167 -35.30 -11.63 -0.20
C PRO A 167 -35.12 -11.54 -1.70
N HIS A 168 -33.93 -11.18 -2.17
CA HIS A 168 -33.65 -11.10 -3.60
C HIS A 168 -33.60 -12.46 -4.27
N ALA A 169 -33.57 -13.55 -3.51
CA ALA A 169 -33.46 -14.89 -4.08
C ALA A 169 -34.75 -15.69 -3.98
N ILE A 170 -35.87 -15.05 -3.68
CA ILE A 170 -37.17 -15.71 -3.75
C ILE A 170 -37.59 -15.84 -5.21
N LEU A 171 -37.92 -17.08 -5.61
CA LEU A 171 -38.50 -17.38 -6.91
C LEU A 171 -39.95 -17.81 -6.70
N ARG A 172 -40.87 -17.14 -7.39
CA ARG A 172 -42.29 -17.47 -7.33
C ARG A 172 -42.75 -18.06 -8.65
N ILE A 173 -43.44 -19.20 -8.57
CA ILE A 173 -43.71 -20.05 -9.72
C ILE A 173 -45.19 -20.44 -9.68
N ASP A 174 -45.87 -20.29 -10.82
CA ASP A 174 -47.32 -20.39 -10.86
C ASP A 174 -47.82 -21.80 -11.18
N LEU A 175 -46.93 -22.77 -11.39
CA LEU A 175 -47.34 -24.17 -11.35
C LEU A 175 -47.79 -24.54 -9.94
N ALA A 176 -48.98 -25.11 -9.83
CA ALA A 176 -49.52 -25.46 -8.53
C ALA A 176 -50.63 -26.48 -8.70
N GLY A 177 -51.04 -27.06 -7.57
CA GLY A 177 -51.96 -28.19 -7.60
C GLY A 177 -53.20 -27.95 -8.43
N ARG A 178 -53.75 -26.74 -8.38
CA ARG A 178 -54.91 -26.43 -9.21
C ARG A 178 -54.59 -26.54 -10.70
N ASP A 179 -53.43 -26.03 -11.10
CA ASP A 179 -53.08 -26.08 -12.52
C ASP A 179 -52.69 -27.49 -12.94
N LEU A 180 -52.18 -28.30 -12.04
CA LEU A 180 -52.00 -29.72 -12.36
C LEU A 180 -53.33 -30.42 -12.49
N THR A 181 -54.31 -30.06 -11.67
CA THR A 181 -55.66 -30.58 -11.84
C THR A 181 -56.19 -30.26 -13.22
N ASP A 182 -56.06 -29.01 -13.63
CA ASP A 182 -56.54 -28.59 -14.94
C ASP A 182 -55.81 -29.32 -16.07
N TYR A 183 -54.49 -29.45 -15.96
CA TYR A 183 -53.75 -30.16 -17.00
C TYR A 183 -54.14 -31.64 -17.06
N LEU A 184 -54.34 -32.27 -15.90
CA LEU A 184 -54.81 -33.65 -15.90
C LEU A 184 -56.15 -33.75 -16.61
N MET A 185 -57.04 -32.81 -16.35
CA MET A 185 -58.31 -32.78 -17.04
C MET A 185 -58.12 -32.64 -18.55
N LYS A 186 -57.14 -31.83 -18.96
CA LYS A 186 -56.84 -31.70 -20.39
C LYS A 186 -56.38 -33.01 -21.00
N ILE A 187 -55.42 -33.69 -20.38
CA ILE A 187 -54.94 -34.93 -20.98
C ILE A 187 -55.91 -36.09 -20.74
N LEU A 188 -56.69 -36.05 -19.66
CA LEU A 188 -57.62 -37.13 -19.41
C LEU A 188 -58.75 -37.15 -20.44
N SER A 189 -58.92 -36.07 -21.19
CA SER A 189 -59.74 -36.09 -22.39
C SER A 189 -59.21 -37.04 -23.45
N GLU A 190 -57.92 -37.39 -23.37
CA GLU A 190 -57.33 -38.23 -24.41
C GLU A 190 -57.94 -39.62 -24.43
N ARG A 191 -58.38 -40.12 -23.28
CA ARG A 191 -59.14 -41.37 -23.22
C ARG A 191 -60.62 -41.17 -23.48
N GLY A 192 -61.06 -39.94 -23.70
CA GLY A 192 -62.45 -39.65 -23.96
C GLY A 192 -63.32 -39.47 -22.74
N TYR A 193 -62.74 -39.45 -21.55
CA TYR A 193 -63.45 -39.01 -20.37
C TYR A 193 -63.54 -37.49 -20.37
N SER A 194 -64.76 -36.97 -20.26
CA SER A 194 -64.98 -35.54 -20.23
C SER A 194 -65.30 -35.14 -18.80
N PHE A 195 -64.62 -34.10 -18.33
CA PHE A 195 -64.71 -33.64 -16.95
C PHE A 195 -64.69 -32.14 -16.89
N SER A 196 -65.24 -31.48 -17.89
CA SER A 196 -65.03 -30.07 -18.05
C SER A 196 -65.66 -29.27 -16.93
N THR A 197 -66.65 -29.84 -16.24
CA THR A 197 -67.34 -29.04 -15.27
C THR A 197 -66.54 -28.85 -13.99
N THR A 198 -66.87 -27.79 -13.26
CA THR A 198 -66.25 -27.55 -11.97
C THR A 198 -66.59 -28.67 -10.99
N ALA A 199 -67.82 -29.19 -11.08
CA ALA A 199 -68.19 -30.35 -10.28
C ALA A 199 -67.34 -31.54 -10.66
N GLU A 200 -66.92 -31.60 -11.92
CA GLU A 200 -66.04 -32.66 -12.37
C GLU A 200 -64.58 -32.27 -12.16
N ARG A 201 -64.28 -30.97 -12.19
CA ARG A 201 -62.96 -30.51 -11.79
C ARG A 201 -62.59 -31.03 -10.41
N GLU A 202 -63.56 -31.05 -9.50
CA GLU A 202 -63.32 -31.61 -8.17
C GLU A 202 -63.02 -33.11 -8.22
N ILE A 203 -63.68 -33.82 -9.13
CA ILE A 203 -63.41 -35.25 -9.28
C ILE A 203 -62.02 -35.47 -9.83
N VAL A 204 -61.61 -34.66 -10.80
CA VAL A 204 -60.25 -34.76 -11.30
C VAL A 204 -59.25 -34.46 -10.20
N ARG A 205 -59.60 -33.55 -9.29
CA ARG A 205 -58.75 -33.29 -8.14
C ARG A 205 -58.58 -34.52 -7.27
N ASP A 206 -59.67 -35.23 -7.02
CA ASP A 206 -59.55 -36.49 -6.25
C ASP A 206 -58.76 -37.55 -6.99
N ILE A 207 -58.97 -37.67 -8.30
CA ILE A 207 -58.20 -38.65 -9.08
C ILE A 207 -56.71 -38.35 -8.98
N LYS A 208 -56.34 -37.08 -9.13
CA LYS A 208 -54.94 -36.69 -8.98
C LYS A 208 -54.44 -37.02 -7.59
N GLU A 209 -55.20 -36.62 -6.58
CA GLU A 209 -54.75 -36.76 -5.20
C GLU A 209 -54.58 -38.20 -4.79
N LYS A 210 -55.27 -39.13 -5.44
CA LYS A 210 -55.16 -40.54 -5.07
C LYS A 210 -54.23 -41.35 -5.96
N LEU A 211 -54.34 -41.25 -7.29
CA LEU A 211 -53.69 -42.22 -8.16
C LEU A 211 -52.42 -41.73 -8.84
N CYS A 212 -52.15 -40.44 -8.87
CA CYS A 212 -51.00 -39.95 -9.63
C CYS A 212 -49.71 -40.05 -8.80
N TYR A 213 -48.59 -40.06 -9.53
CA TYR A 213 -47.27 -40.15 -8.92
C TYR A 213 -46.27 -39.50 -9.87
N VAL A 214 -45.17 -39.04 -9.31
CA VAL A 214 -44.12 -38.39 -10.10
C VAL A 214 -43.19 -39.44 -10.70
N ALA A 215 -43.03 -39.40 -12.02
CA ALA A 215 -42.11 -40.29 -12.70
C ALA A 215 -40.67 -40.02 -12.27
N LEU A 216 -39.92 -41.10 -12.05
CA LEU A 216 -38.49 -40.98 -11.74
C LEU A 216 -37.62 -41.02 -12.98
N ASP A 217 -38.13 -41.55 -14.09
CA ASP A 217 -37.53 -41.34 -15.42
C ASP A 217 -38.70 -41.25 -16.39
N PHE A 218 -39.00 -40.03 -16.82
CA PHE A 218 -40.20 -39.79 -17.61
C PHE A 218 -40.17 -40.53 -18.94
N GLU A 219 -39.02 -40.54 -19.62
CA GLU A 219 -38.93 -41.25 -20.89
C GLU A 219 -39.03 -42.76 -20.73
N GLN A 220 -38.33 -43.31 -19.72
CA GLN A 220 -38.43 -44.75 -19.49
C GLN A 220 -39.82 -45.19 -19.09
N GLU A 221 -40.49 -44.43 -18.22
CA GLU A 221 -41.83 -44.81 -17.83
C GLU A 221 -42.86 -44.57 -18.93
N MET A 222 -42.65 -43.57 -19.78
CA MET A 222 -43.42 -43.49 -21.02
C MET A 222 -43.24 -44.73 -21.89
N GLN A 223 -42.00 -45.21 -21.98
CA GLN A 223 -41.74 -46.40 -22.78
C GLN A 223 -42.44 -47.62 -22.20
N THR A 224 -42.27 -47.85 -20.90
CA THR A 224 -42.85 -49.02 -20.26
C THR A 224 -44.37 -48.96 -20.18
N ALA A 225 -44.95 -47.78 -20.03
CA ALA A 225 -46.41 -47.66 -20.13
C ALA A 225 -46.91 -47.83 -21.55
N ALA A 226 -46.10 -47.53 -22.55
CA ALA A 226 -46.45 -47.91 -23.91
C ALA A 226 -46.32 -49.41 -24.12
N GLN A 227 -45.37 -50.05 -23.43
CA GLN A 227 -45.19 -51.49 -23.56
C GLN A 227 -46.16 -52.31 -22.74
N SER A 228 -46.59 -51.82 -21.57
CA SER A 228 -47.29 -52.68 -20.64
C SER A 228 -48.32 -51.89 -19.85
N SER A 229 -49.41 -52.59 -19.50
CA SER A 229 -50.47 -52.10 -18.61
C SER A 229 -50.08 -52.07 -17.14
N SER A 230 -48.82 -52.39 -16.79
CA SER A 230 -48.45 -52.51 -15.39
C SER A 230 -48.87 -51.30 -14.56
N ILE A 231 -48.84 -50.10 -15.17
CA ILE A 231 -49.13 -48.87 -14.45
C ILE A 231 -50.62 -48.54 -14.40
N GLU A 232 -51.44 -49.21 -15.20
CA GLU A 232 -52.79 -48.74 -15.53
C GLU A 232 -53.77 -49.02 -14.40
N LYS A 233 -53.63 -48.27 -13.31
CA LYS A 233 -54.64 -48.30 -12.25
C LYS A 233 -55.97 -47.76 -12.75
N SER A 234 -57.02 -47.98 -11.94
CA SER A 234 -58.39 -47.66 -12.33
C SER A 234 -59.12 -46.99 -11.17
N TYR A 235 -59.97 -46.02 -11.51
CA TYR A 235 -60.74 -45.24 -10.54
C TYR A 235 -62.22 -45.40 -10.81
N GLU A 236 -63.02 -45.25 -9.75
CA GLU A 236 -64.47 -45.38 -9.82
C GLU A 236 -65.12 -44.04 -9.49
N LEU A 237 -65.81 -43.46 -10.46
CA LEU A 237 -66.38 -42.14 -10.33
C LEU A 237 -67.51 -42.12 -9.31
N PRO A 238 -67.96 -40.92 -8.90
CA PRO A 238 -69.14 -40.83 -8.03
C PRO A 238 -70.42 -41.37 -8.63
N ASP A 239 -70.44 -41.72 -9.92
CA ASP A 239 -71.57 -42.42 -10.51
C ASP A 239 -71.36 -43.92 -10.64
N GLY A 240 -70.21 -44.41 -10.19
CA GLY A 240 -69.91 -45.83 -10.22
C GLY A 240 -69.34 -46.34 -11.51
N GLN A 241 -69.21 -45.51 -12.55
CA GLN A 241 -68.46 -45.92 -13.72
C GLN A 241 -67.00 -46.08 -13.36
N VAL A 242 -66.38 -47.12 -13.86
CA VAL A 242 -64.94 -47.28 -13.73
C VAL A 242 -64.24 -46.60 -14.90
N ILE A 243 -63.07 -46.04 -14.60
CA ILE A 243 -62.16 -45.52 -15.60
C ILE A 243 -60.79 -46.13 -15.36
N THR A 244 -60.01 -46.24 -16.43
CA THR A 244 -58.61 -46.64 -16.33
C THR A 244 -57.73 -45.49 -16.80
N ILE A 245 -56.61 -45.30 -16.11
CA ILE A 245 -55.70 -44.19 -16.34
C ILE A 245 -54.37 -44.77 -16.83
N GLY A 246 -53.96 -44.40 -18.03
CA GLY A 246 -52.71 -44.88 -18.57
C GLY A 246 -51.52 -44.06 -18.10
N ASN A 247 -50.64 -43.70 -19.03
CA ASN A 247 -49.47 -42.88 -18.69
C ASN A 247 -49.84 -41.52 -18.15
N GLU A 248 -51.09 -41.09 -18.33
CA GLU A 248 -51.57 -39.87 -17.68
C GLU A 248 -51.32 -39.91 -16.18
N ARG A 249 -51.23 -41.11 -15.61
CA ARG A 249 -51.01 -41.23 -14.17
C ARG A 249 -49.75 -40.52 -13.71
N PHE A 250 -48.75 -40.39 -14.59
CA PHE A 250 -47.55 -39.61 -14.28
C PHE A 250 -47.29 -38.45 -15.24
N ARG A 251 -47.79 -38.50 -16.48
CA ARG A 251 -47.59 -37.39 -17.39
C ARG A 251 -48.14 -36.08 -16.83
N ALA A 252 -49.18 -36.14 -16.00
CA ALA A 252 -49.72 -34.92 -15.41
C ALA A 252 -48.78 -34.27 -14.41
N PRO A 253 -48.37 -34.94 -13.33
CA PRO A 253 -47.44 -34.30 -12.38
C PRO A 253 -46.06 -34.02 -12.95
N GLU A 254 -45.67 -34.67 -14.04
CA GLU A 254 -44.45 -34.28 -14.74
C GLU A 254 -44.48 -32.82 -15.21
N ALA A 255 -45.66 -32.22 -15.29
CA ALA A 255 -45.74 -30.78 -15.59
C ALA A 255 -44.93 -29.94 -14.62
N LEU A 256 -44.83 -30.36 -13.35
CA LEU A 256 -43.99 -29.64 -12.40
C LEU A 256 -42.55 -29.54 -12.85
N PHE A 257 -42.09 -30.44 -13.72
CA PHE A 257 -40.69 -30.51 -14.09
C PHE A 257 -40.41 -30.11 -15.53
N HIS A 258 -41.43 -30.07 -16.39
CA HIS A 258 -41.31 -29.49 -17.72
C HIS A 258 -42.52 -28.61 -17.99
N PRO A 259 -42.54 -27.41 -17.41
CA PRO A 259 -43.70 -26.53 -17.57
C PRO A 259 -43.96 -26.12 -19.01
N SER A 260 -43.01 -26.32 -19.91
CA SER A 260 -43.30 -26.14 -21.33
C SER A 260 -44.49 -26.96 -21.78
N VAL A 261 -44.80 -28.04 -21.06
CA VAL A 261 -46.00 -28.82 -21.33
C VAL A 261 -47.25 -27.97 -21.16
N LEU A 262 -47.27 -27.12 -20.13
CA LEU A 262 -48.35 -26.15 -19.97
C LEU A 262 -48.13 -24.90 -20.78
N GLY A 263 -47.04 -24.85 -21.53
CA GLY A 263 -46.67 -23.69 -22.32
C GLY A 263 -46.15 -22.56 -21.49
N LEU A 264 -45.81 -22.83 -20.22
CA LEU A 264 -45.40 -21.74 -19.38
C LEU A 264 -43.95 -21.43 -19.70
N GLU A 265 -43.59 -20.16 -19.59
CA GLU A 265 -42.20 -19.77 -19.66
C GLU A 265 -41.39 -20.26 -18.50
N SER A 266 -42.01 -20.80 -17.48
CA SER A 266 -41.26 -20.96 -16.26
C SER A 266 -40.38 -22.18 -16.39
N ALA A 267 -39.84 -22.63 -15.28
CA ALA A 267 -38.96 -23.76 -15.29
C ALA A 267 -39.28 -24.60 -14.07
N GLY A 268 -38.88 -25.85 -14.15
CA GLY A 268 -39.31 -26.79 -13.14
C GLY A 268 -38.88 -26.37 -11.76
N ILE A 269 -39.61 -26.91 -10.80
CA ILE A 269 -39.35 -26.62 -9.40
C ILE A 269 -37.95 -27.08 -9.01
N ASP A 270 -37.44 -28.08 -9.71
CA ASP A 270 -36.04 -28.46 -9.54
C ASP A 270 -35.13 -27.34 -10.02
N GLN A 271 -35.25 -26.96 -11.29
CA GLN A 271 -34.31 -26.01 -11.87
C GLN A 271 -34.45 -24.64 -11.23
N THR A 272 -35.67 -24.24 -10.87
CA THR A 272 -35.85 -22.98 -10.14
C THR A 272 -35.35 -23.05 -8.70
N THR A 273 -35.41 -24.21 -8.05
CA THR A 273 -34.75 -24.33 -6.75
C THR A 273 -33.26 -24.14 -6.89
N TYR A 274 -32.65 -24.88 -7.81
CA TYR A 274 -31.22 -24.72 -8.09
C TYR A 274 -30.89 -23.28 -8.41
N ASN A 275 -31.70 -22.64 -9.25
CA ASN A 275 -31.43 -21.27 -9.65
C ASN A 275 -31.55 -20.28 -8.49
N SER A 276 -32.48 -20.51 -7.56
CA SER A 276 -32.52 -19.67 -6.37
C SER A 276 -31.26 -19.84 -5.53
N ILE A 277 -30.80 -21.08 -5.39
CA ILE A 277 -29.55 -21.31 -4.67
C ILE A 277 -28.39 -20.61 -5.37
N MET A 278 -28.32 -20.72 -6.69
CA MET A 278 -27.30 -19.98 -7.42
C MET A 278 -27.42 -18.49 -7.16
N LYS A 279 -28.65 -17.97 -7.10
CA LYS A 279 -28.86 -16.54 -6.95
C LYS A 279 -28.46 -16.02 -5.58
N CYS A 280 -28.52 -16.83 -4.52
CA CYS A 280 -28.46 -16.21 -3.20
C CYS A 280 -27.06 -15.68 -2.90
N ASP A 281 -26.08 -16.57 -2.82
CA ASP A 281 -24.70 -16.15 -2.56
C ASP A 281 -23.76 -17.29 -2.92
N VAL A 282 -22.46 -17.03 -2.84
CA VAL A 282 -21.50 -18.12 -2.78
C VAL A 282 -21.31 -18.72 -1.38
N ASP A 283 -21.43 -17.90 -0.32
CA ASP A 283 -21.12 -18.36 1.02
C ASP A 283 -22.06 -19.45 1.50
N VAL A 284 -23.37 -19.27 1.30
CA VAL A 284 -24.34 -20.08 2.02
C VAL A 284 -24.72 -21.36 1.29
N ARG A 285 -24.46 -21.46 -0.02
CA ARG A 285 -25.03 -22.55 -0.78
C ARG A 285 -24.62 -23.89 -0.19
N LYS A 286 -23.45 -23.92 0.45
CA LYS A 286 -23.01 -25.10 1.19
C LYS A 286 -24.08 -25.58 2.16
N GLU A 287 -24.89 -24.68 2.70
CA GLU A 287 -25.92 -25.02 3.67
C GLU A 287 -27.33 -24.99 3.08
N LEU A 288 -27.46 -24.82 1.78
CA LEU A 288 -28.77 -24.82 1.13
C LEU A 288 -28.98 -25.93 0.12
N TYR A 289 -27.93 -26.55 -0.40
CA TYR A 289 -28.13 -27.75 -1.19
C TYR A 289 -28.51 -28.92 -0.28
N GLY A 290 -27.81 -29.08 0.83
CA GLY A 290 -28.41 -29.72 1.98
C GLY A 290 -29.51 -28.87 2.58
N ASN A 291 -30.43 -29.53 3.27
CA ASN A 291 -31.50 -28.83 3.99
C ASN A 291 -32.44 -28.11 3.03
N ILE A 292 -32.81 -28.79 1.94
CA ILE A 292 -33.94 -28.34 1.12
C ILE A 292 -35.24 -28.78 1.75
N VAL A 293 -35.84 -27.89 2.55
CA VAL A 293 -37.15 -28.17 3.11
C VAL A 293 -38.20 -28.11 2.01
N MET A 294 -39.28 -28.87 2.19
CA MET A 294 -40.31 -29.00 1.18
C MET A 294 -41.68 -29.01 1.84
N SER A 295 -42.66 -28.36 1.21
CA SER A 295 -43.85 -27.91 1.91
C SER A 295 -45.04 -27.88 0.97
N GLY A 296 -46.22 -28.01 1.56
CA GLY A 296 -47.48 -27.80 0.88
C GLY A 296 -47.93 -28.97 0.03
N GLY A 297 -49.24 -29.04 -0.17
CA GLY A 297 -49.88 -30.27 -0.59
C GLY A 297 -49.42 -30.79 -1.95
N THR A 298 -49.03 -29.90 -2.85
CA THR A 298 -48.57 -30.36 -4.15
C THR A 298 -47.24 -31.09 -4.07
N THR A 299 -46.49 -30.91 -2.99
CA THR A 299 -45.25 -31.64 -2.77
C THR A 299 -45.51 -33.03 -2.18
N MET A 300 -46.76 -33.46 -2.18
CA MET A 300 -47.14 -34.72 -1.56
C MET A 300 -47.08 -35.91 -2.51
N PHE A 301 -46.84 -35.68 -3.80
CA PHE A 301 -46.80 -36.79 -4.74
C PHE A 301 -45.78 -37.83 -4.29
N PRO A 302 -46.12 -39.12 -4.39
CA PRO A 302 -45.07 -40.16 -4.32
C PRO A 302 -44.00 -39.95 -5.38
N GLY A 303 -42.74 -40.17 -4.98
CA GLY A 303 -41.63 -40.04 -5.88
C GLY A 303 -41.09 -38.64 -6.08
N ILE A 304 -41.74 -37.61 -5.54
CA ILE A 304 -41.32 -36.25 -5.81
C ILE A 304 -39.98 -35.96 -5.15
N ALA A 305 -39.77 -36.43 -3.93
CA ALA A 305 -38.50 -36.20 -3.25
C ALA A 305 -37.35 -36.90 -3.96
N GLU A 306 -37.58 -38.13 -4.42
CA GLU A 306 -36.56 -38.84 -5.19
C GLU A 306 -36.22 -38.10 -6.48
N ARG A 307 -37.23 -37.58 -7.18
CA ARG A 307 -36.98 -36.81 -8.38
C ARG A 307 -36.21 -35.54 -8.08
N MET A 308 -36.58 -34.85 -7.00
CA MET A 308 -35.83 -33.67 -6.58
C MET A 308 -34.37 -34.00 -6.31
N GLN A 309 -34.13 -35.10 -5.59
CA GLN A 309 -32.76 -35.56 -5.39
C GLN A 309 -32.03 -35.72 -6.72
N LYS A 310 -32.62 -36.49 -7.63
CA LYS A 310 -31.98 -36.76 -8.90
C LYS A 310 -31.68 -35.47 -9.67
N GLU A 311 -32.63 -34.55 -9.71
CA GLU A 311 -32.46 -33.34 -10.51
C GLU A 311 -31.47 -32.40 -9.87
N ILE A 312 -31.63 -32.10 -8.58
CA ILE A 312 -30.74 -31.16 -7.93
C ILE A 312 -29.31 -31.70 -7.92
N THR A 313 -29.14 -33.00 -7.66
CA THR A 313 -27.82 -33.58 -7.75
C THR A 313 -27.28 -33.56 -9.17
N ALA A 314 -28.15 -33.50 -10.18
CA ALA A 314 -27.67 -33.32 -11.54
C ALA A 314 -27.32 -31.87 -11.84
N LEU A 315 -27.86 -30.93 -11.09
CA LEU A 315 -27.60 -29.50 -11.29
C LEU A 315 -26.58 -28.95 -10.31
N ALA A 316 -26.64 -29.36 -9.05
CA ALA A 316 -25.73 -28.86 -8.05
C ALA A 316 -24.29 -29.27 -8.38
N PRO A 317 -23.31 -28.60 -7.76
CA PRO A 317 -21.92 -28.92 -8.07
C PRO A 317 -21.59 -30.37 -7.75
N SER A 318 -20.61 -30.90 -8.47
CA SER A 318 -20.07 -32.21 -8.15
C SER A 318 -19.49 -32.23 -6.75
N SER A 319 -19.78 -33.32 -6.03
CA SER A 319 -19.40 -33.46 -4.62
C SER A 319 -19.99 -32.35 -3.76
N MET A 320 -21.21 -31.93 -4.07
CA MET A 320 -22.02 -31.15 -3.14
C MET A 320 -23.15 -32.01 -2.61
N LYS A 321 -23.30 -32.03 -1.30
CA LYS A 321 -24.37 -32.78 -0.65
C LYS A 321 -25.74 -32.18 -1.02
N VAL A 322 -26.70 -33.06 -1.27
CA VAL A 322 -28.09 -32.68 -1.45
C VAL A 322 -28.96 -33.50 -0.52
N LYS A 323 -29.91 -32.84 0.15
CA LYS A 323 -30.82 -33.53 1.07
C LYS A 323 -32.19 -32.87 1.01
N ILE A 324 -33.15 -33.55 0.39
CA ILE A 324 -34.53 -33.07 0.29
C ILE A 324 -35.25 -33.48 1.57
N ILE A 325 -35.38 -32.55 2.51
CA ILE A 325 -36.00 -32.81 3.80
C ILE A 325 -37.52 -32.82 3.60
N ALA A 326 -38.11 -34.00 3.55
CA ALA A 326 -39.54 -34.17 3.24
C ALA A 326 -40.20 -34.97 4.35
N PRO A 327 -40.70 -34.30 5.38
CA PRO A 327 -41.49 -34.99 6.41
C PRO A 327 -42.75 -35.58 5.83
N PRO A 328 -43.47 -36.41 6.60
CA PRO A 328 -44.84 -36.77 6.21
C PRO A 328 -45.87 -35.67 6.42
N GLU A 329 -45.53 -34.62 7.17
CA GLU A 329 -46.49 -33.59 7.56
C GLU A 329 -46.66 -32.51 6.51
N ARG A 330 -46.09 -32.70 5.32
CA ARG A 330 -45.92 -31.62 4.37
C ARG A 330 -47.21 -30.84 4.19
N LYS A 331 -48.32 -31.56 4.08
CA LYS A 331 -49.63 -30.96 3.83
C LYS A 331 -50.05 -29.97 4.92
N TYR A 332 -49.46 -30.05 6.10
CA TYR A 332 -49.78 -29.13 7.20
C TYR A 332 -48.58 -28.35 7.71
N SER A 333 -47.38 -28.59 7.17
CA SER A 333 -46.17 -28.00 7.74
C SER A 333 -46.25 -26.49 7.89
N VAL A 334 -46.94 -25.81 6.98
CA VAL A 334 -47.15 -24.38 7.15
C VAL A 334 -47.93 -24.08 8.42
N TRP A 335 -49.08 -24.73 8.59
CA TRP A 335 -49.91 -24.46 9.75
C TRP A 335 -49.18 -24.80 11.03
N ILE A 336 -48.54 -25.96 11.07
CA ILE A 336 -47.78 -26.34 12.26
C ILE A 336 -46.71 -25.29 12.56
N GLY A 337 -46.07 -24.78 11.51
CA GLY A 337 -45.11 -23.70 11.72
C GLY A 337 -45.73 -22.47 12.35
N GLY A 338 -46.90 -22.08 11.85
CA GLY A 338 -47.60 -20.96 12.46
C GLY A 338 -47.99 -21.23 13.89
N SER A 339 -48.40 -22.47 14.19
CA SER A 339 -48.74 -22.84 15.55
C SER A 339 -47.56 -22.67 16.49
N ILE A 340 -46.38 -23.12 16.06
CA ILE A 340 -45.18 -22.91 16.84
C ILE A 340 -44.90 -21.42 17.00
N LEU A 341 -44.93 -20.67 15.90
CA LEU A 341 -44.58 -19.26 15.97
C LEU A 341 -45.50 -18.49 16.91
N ALA A 342 -46.80 -18.72 16.79
CA ALA A 342 -47.76 -18.09 17.68
C ALA A 342 -47.61 -18.59 19.12
N SER A 343 -47.09 -19.80 19.29
CA SER A 343 -46.85 -20.30 20.64
C SER A 343 -45.74 -19.54 21.33
N LEU A 344 -44.68 -19.20 20.61
CA LEU A 344 -43.49 -18.63 21.23
C LEU A 344 -43.84 -17.41 22.06
N THR A 345 -43.35 -17.40 23.30
CA THR A 345 -43.52 -16.24 24.17
C THR A 345 -42.81 -15.01 23.60
N THR A 346 -41.64 -15.21 23.00
CA THR A 346 -40.86 -14.16 22.37
C THR A 346 -41.48 -13.65 21.08
N PHE A 347 -42.73 -14.00 20.79
CA PHE A 347 -43.47 -13.41 19.69
C PHE A 347 -44.65 -12.55 20.14
N GLN A 348 -45.08 -12.70 21.39
CA GLN A 348 -46.31 -12.08 21.85
C GLN A 348 -46.25 -10.56 21.86
N GLN A 349 -45.06 -9.98 21.74
CA GLN A 349 -44.89 -8.54 21.62
C GLN A 349 -45.01 -8.02 20.19
N MET A 350 -45.16 -8.91 19.21
CA MET A 350 -45.13 -8.52 17.81
C MET A 350 -46.51 -8.29 17.21
N TRP A 351 -47.57 -8.80 17.82
CA TRP A 351 -48.91 -8.66 17.27
C TRP A 351 -49.23 -7.18 17.00
N ILE A 352 -49.84 -6.94 15.85
CA ILE A 352 -50.43 -5.64 15.56
C ILE A 352 -51.66 -5.46 16.44
N SER A 353 -51.66 -4.43 17.27
CA SER A 353 -52.81 -4.15 18.12
C SER A 353 -53.94 -3.50 17.33
N LYS A 354 -55.16 -3.82 17.74
CA LYS A 354 -56.33 -3.05 17.33
C LYS A 354 -56.14 -1.57 17.62
N GLN A 355 -55.48 -1.24 18.74
CA GLN A 355 -55.19 0.15 19.05
C GLN A 355 -54.27 0.78 18.00
N GLU A 356 -53.27 0.03 17.56
CA GLU A 356 -52.39 0.54 16.50
C GLU A 356 -53.14 0.69 15.18
N TYR A 357 -54.04 -0.24 14.87
CA TYR A 357 -54.89 -0.08 13.69
C TYR A 357 -55.82 1.12 13.81
N ASP A 358 -56.16 1.51 15.03
CA ASP A 358 -56.90 2.75 15.22
C ASP A 358 -56.01 3.98 15.11
N GLU A 359 -54.72 3.84 15.44
CA GLU A 359 -53.78 4.92 15.22
C GLU A 359 -53.49 5.14 13.75
N SER A 360 -53.35 4.05 12.98
CA SER A 360 -53.18 4.17 11.55
C SER A 360 -53.86 2.99 10.87
N GLY A 361 -54.40 3.27 9.69
CA GLY A 361 -55.18 2.29 8.95
C GLY A 361 -54.35 1.13 8.43
N PRO A 362 -54.99 0.30 7.59
CA PRO A 362 -54.36 -0.95 7.13
C PRO A 362 -52.94 -0.81 6.64
N SER A 363 -52.55 0.35 6.10
CA SER A 363 -51.16 0.56 5.70
C SER A 363 -50.17 0.31 6.84
N ILE A 364 -50.64 0.36 8.08
CA ILE A 364 -49.80 0.02 9.23
C ILE A 364 -49.08 -1.30 9.05
N VAL A 365 -49.70 -2.24 8.35
CA VAL A 365 -49.14 -3.58 8.23
C VAL A 365 -47.78 -3.57 7.55
N HIS A 366 -47.62 -2.74 6.52
CA HIS A 366 -46.35 -2.69 5.82
C HIS A 366 -45.21 -2.18 6.68
N HIS A 367 -45.53 -1.51 7.80
CA HIS A 367 -44.52 -1.13 8.78
C HIS A 367 -44.26 -2.24 9.79
N LYS A 368 -45.33 -2.79 10.36
CA LYS A 368 -45.23 -3.72 11.47
C LYS A 368 -44.81 -5.11 11.04
N CYS A 369 -45.22 -5.55 9.86
CA CYS A 369 -45.16 -6.95 9.46
C CYS A 369 -44.07 -7.20 8.44
N PHE A 370 -43.30 -8.25 8.67
CA PHE A 370 -42.29 -8.72 7.73
C PHE A 370 -42.26 -10.25 7.72
N ALA B 1 -11.77 2.06 -45.67
CA ALA B 1 -13.02 1.91 -44.89
C ALA B 1 -12.87 0.83 -43.82
N ALA B 2 -13.65 0.94 -42.75
CA ALA B 2 -13.63 -0.03 -41.67
C ALA B 2 -15.00 -0.08 -41.02
N LEU B 3 -15.29 -1.20 -40.38
CA LEU B 3 -16.55 -1.41 -39.67
C LEU B 3 -16.33 -1.33 -38.18
N VAL B 4 -17.22 -0.60 -37.50
CA VAL B 4 -17.16 -0.39 -36.06
C VAL B 4 -18.39 -1.04 -35.44
N ILE B 5 -18.16 -1.87 -34.43
CA ILE B 5 -19.23 -2.64 -33.81
C ILE B 5 -19.13 -2.47 -32.30
N ASP B 6 -20.21 -1.98 -31.68
CA ASP B 6 -20.25 -1.83 -30.23
C ASP B 6 -20.33 -3.17 -29.52
N ASN B 7 -20.82 -4.19 -30.20
CA ASN B 7 -21.04 -5.51 -29.60
C ASN B 7 -21.77 -5.37 -28.27
N GLY B 8 -22.80 -4.54 -28.28
CA GLY B 8 -23.35 -4.03 -27.04
C GLY B 8 -23.91 -5.14 -26.17
N SER B 9 -23.81 -4.95 -24.86
CA SER B 9 -24.46 -5.88 -23.95
C SER B 9 -25.97 -5.89 -24.16
N GLY B 10 -26.52 -4.78 -24.64
CA GLY B 10 -27.95 -4.65 -24.82
C GLY B 10 -28.31 -4.43 -26.28
N MET B 11 -28.28 -3.17 -26.72
CA MET B 11 -28.39 -2.85 -28.13
C MET B 11 -27.04 -3.07 -28.79
N CYS B 12 -27.00 -3.92 -29.80
CA CYS B 12 -25.90 -3.90 -30.74
C CYS B 12 -25.93 -2.62 -31.56
N LYS B 13 -24.74 -2.12 -31.89
CA LYS B 13 -24.58 -1.02 -32.82
C LYS B 13 -23.46 -1.36 -33.78
N ALA B 14 -23.69 -1.09 -35.06
CA ALA B 14 -22.67 -1.30 -36.08
C ALA B 14 -22.81 -0.25 -37.17
N GLY B 15 -21.69 0.04 -37.82
CA GLY B 15 -21.69 1.00 -38.91
C GLY B 15 -20.29 1.14 -39.47
N PHE B 16 -20.18 2.02 -40.45
CA PHE B 16 -18.88 2.33 -41.03
C PHE B 16 -18.17 3.41 -40.24
N ALA B 17 -16.84 3.28 -40.18
CA ALA B 17 -16.00 4.31 -39.59
C ALA B 17 -16.16 5.62 -40.35
N GLY B 18 -16.08 6.72 -39.61
CA GLY B 18 -16.27 8.04 -40.16
C GLY B 18 -17.71 8.50 -40.23
N ASP B 19 -18.67 7.63 -39.93
CA ASP B 19 -20.04 8.07 -39.77
C ASP B 19 -20.24 8.71 -38.39
N ASP B 20 -21.31 9.49 -38.27
CA ASP B 20 -21.64 10.15 -37.02
C ASP B 20 -22.61 9.35 -36.16
N ALA B 21 -23.15 8.26 -36.67
CA ALA B 21 -24.01 7.38 -35.91
C ALA B 21 -23.93 5.98 -36.50
N PRO B 22 -24.21 4.95 -35.71
CA PRO B 22 -24.31 3.60 -36.28
C PRO B 22 -25.51 3.50 -37.20
N ARG B 23 -25.36 2.67 -38.23
CA ARG B 23 -26.44 2.45 -39.19
C ARG B 23 -27.35 1.30 -38.77
N ALA B 24 -26.79 0.20 -38.30
CA ALA B 24 -27.55 -0.89 -37.70
C ALA B 24 -27.59 -0.71 -36.19
N VAL B 25 -28.78 -0.52 -35.65
CA VAL B 25 -29.01 -0.58 -34.20
C VAL B 25 -30.19 -1.50 -33.94
N PHE B 26 -29.96 -2.53 -33.15
CA PHE B 26 -30.99 -3.52 -32.90
C PHE B 26 -30.68 -4.27 -31.61
N PRO B 27 -31.70 -4.80 -30.93
CA PRO B 27 -31.46 -5.51 -29.67
C PRO B 27 -30.69 -6.81 -29.89
N SER B 28 -29.71 -7.03 -29.02
CA SER B 28 -28.79 -8.16 -29.15
C SER B 28 -29.43 -9.46 -28.63
N ILE B 29 -30.59 -9.79 -29.20
CA ILE B 29 -31.38 -10.94 -28.76
C ILE B 29 -31.45 -11.96 -29.88
N VAL B 30 -31.39 -13.23 -29.51
CA VAL B 30 -31.81 -14.34 -30.36
C VAL B 30 -33.09 -14.92 -29.79
N GLY B 31 -34.10 -15.05 -30.64
CA GLY B 31 -35.37 -15.64 -30.25
C GLY B 31 -35.55 -17.03 -30.84
N ARG B 32 -35.89 -17.97 -29.97
CA ARG B 32 -36.20 -19.33 -30.39
C ARG B 32 -37.71 -19.56 -30.28
N PRO B 33 -38.35 -20.13 -31.30
CA PRO B 33 -39.76 -20.46 -31.17
C PRO B 33 -39.99 -21.58 -30.17
N ARG B 34 -41.05 -21.44 -29.38
CA ARG B 34 -41.33 -22.35 -28.28
C ARG B 34 -42.55 -23.22 -28.51
N HIS B 35 -43.08 -23.26 -29.74
CA HIS B 35 -44.32 -23.99 -30.01
C HIS B 35 -44.18 -24.78 -31.31
N GLN B 36 -45.09 -25.74 -31.48
CA GLN B 36 -45.20 -26.47 -32.73
C GLN B 36 -45.76 -25.59 -33.85
N GLY B 37 -45.05 -25.56 -34.97
CA GLY B 37 -45.50 -24.83 -36.14
C GLY B 37 -46.48 -25.64 -36.98
N ILE B 38 -47.78 -25.45 -36.77
CA ILE B 38 -48.76 -26.34 -37.38
C ILE B 38 -49.06 -25.96 -38.83
N MET B 39 -48.94 -24.69 -39.18
CA MET B 39 -49.25 -24.26 -40.54
C MET B 39 -48.10 -24.56 -41.48
N VAL B 40 -48.38 -25.43 -42.45
CA VAL B 40 -47.45 -25.70 -43.54
C VAL B 40 -47.27 -24.46 -44.40
N GLY B 41 -46.04 -24.25 -44.89
CA GLY B 41 -45.78 -23.27 -45.90
C GLY B 41 -45.47 -21.88 -45.40
N MET B 42 -45.51 -21.65 -44.10
CA MET B 42 -45.00 -20.40 -43.56
C MET B 42 -43.49 -20.34 -43.52
N GLY B 43 -42.81 -21.47 -43.64
CA GLY B 43 -41.35 -21.46 -43.65
C GLY B 43 -40.78 -20.98 -42.33
N GLN B 44 -41.42 -21.35 -41.22
CA GLN B 44 -41.07 -20.79 -39.92
C GLN B 44 -39.57 -20.92 -39.67
N LYS B 45 -38.96 -19.82 -39.25
CA LYS B 45 -37.53 -19.80 -39.02
C LYS B 45 -37.22 -20.47 -37.69
N ASP B 46 -36.15 -21.27 -37.68
CA ASP B 46 -35.75 -21.97 -36.48
C ASP B 46 -35.18 -21.05 -35.40
N SER B 47 -34.69 -19.88 -35.78
CA SER B 47 -34.23 -18.91 -34.79
C SER B 47 -34.34 -17.52 -35.40
N TYR B 48 -35.22 -16.69 -34.85
CA TYR B 48 -35.25 -15.28 -35.17
C TYR B 48 -34.17 -14.55 -34.38
N VAL B 49 -33.80 -13.37 -34.88
CA VAL B 49 -32.73 -12.60 -34.27
C VAL B 49 -32.98 -11.12 -34.51
N GLY B 50 -32.48 -10.31 -33.57
CA GLY B 50 -32.69 -8.87 -33.63
C GLY B 50 -34.14 -8.47 -33.53
N ASP B 51 -34.50 -7.43 -34.28
CA ASP B 51 -35.84 -6.88 -34.20
C ASP B 51 -36.90 -7.76 -34.85
N GLU B 52 -36.50 -8.78 -35.60
CA GLU B 52 -37.42 -9.84 -35.96
C GLU B 52 -37.95 -10.54 -34.72
N ALA B 53 -37.04 -10.91 -33.82
CA ALA B 53 -37.43 -11.56 -32.57
C ALA B 53 -38.16 -10.63 -31.63
N GLN B 54 -38.01 -9.32 -31.78
CA GLN B 54 -38.94 -8.40 -31.12
C GLN B 54 -40.35 -8.56 -31.65
N SER B 55 -40.52 -8.46 -32.97
CA SER B 55 -41.85 -8.42 -33.54
C SER B 55 -42.62 -9.71 -33.31
N LYS B 56 -41.93 -10.85 -33.25
CA LYS B 56 -42.55 -12.15 -33.05
C LYS B 56 -42.49 -12.63 -31.61
N ARG B 57 -42.03 -11.79 -30.68
CA ARG B 57 -41.60 -12.26 -29.37
C ARG B 57 -42.66 -13.04 -28.62
N GLY B 58 -43.94 -12.78 -28.87
CA GLY B 58 -45.00 -13.48 -28.16
C GLY B 58 -44.95 -15.00 -28.25
N ILE B 59 -44.46 -15.52 -29.37
CA ILE B 59 -44.31 -16.96 -29.55
C ILE B 59 -42.90 -17.45 -29.27
N LEU B 60 -42.02 -16.57 -28.84
CA LEU B 60 -40.60 -16.88 -28.72
C LEU B 60 -40.21 -16.95 -27.25
N THR B 61 -39.05 -17.54 -27.00
CA THR B 61 -38.24 -17.23 -25.85
C THR B 61 -37.08 -16.37 -26.30
N LEU B 62 -36.82 -15.29 -25.58
CA LEU B 62 -35.75 -14.37 -25.93
C LEU B 62 -34.59 -14.60 -24.98
N ARG B 63 -33.40 -14.74 -25.54
CA ARG B 63 -32.18 -14.85 -24.76
C ARG B 63 -31.15 -13.86 -25.29
N TYR B 64 -30.57 -13.10 -24.39
CA TYR B 64 -29.34 -12.38 -24.71
C TYR B 64 -28.17 -13.35 -24.69
N PRO B 65 -27.35 -13.39 -25.75
CA PRO B 65 -26.17 -14.27 -25.73
C PRO B 65 -24.99 -13.67 -25.00
N ILE B 66 -25.04 -12.40 -24.61
CA ILE B 66 -23.96 -11.72 -23.93
C ILE B 66 -24.47 -11.25 -22.58
N GLU B 67 -23.89 -11.79 -21.50
CA GLU B 67 -24.30 -11.47 -20.14
C GLU B 67 -23.14 -10.80 -19.42
N HIS B 68 -23.39 -9.61 -18.87
CA HIS B 68 -22.38 -8.84 -18.16
C HIS B 68 -21.08 -8.76 -18.96
N GLY B 69 -21.21 -8.49 -20.25
CA GLY B 69 -20.06 -8.38 -21.13
C GLY B 69 -19.39 -9.69 -21.45
N ILE B 70 -19.86 -10.81 -20.90
CA ILE B 70 -19.32 -12.12 -21.20
C ILE B 70 -20.25 -12.77 -22.23
N VAL B 71 -19.68 -13.21 -23.35
CA VAL B 71 -20.47 -13.95 -24.33
C VAL B 71 -20.76 -15.33 -23.76
N THR B 72 -22.03 -15.61 -23.50
CA THR B 72 -22.44 -16.83 -22.82
C THR B 72 -22.87 -17.93 -23.79
N ASN B 73 -23.25 -17.58 -25.02
CA ASN B 73 -23.54 -18.57 -26.05
C ASN B 73 -22.93 -18.07 -27.36
N TRP B 74 -21.76 -18.60 -27.69
CA TRP B 74 -21.03 -18.14 -28.87
C TRP B 74 -21.78 -18.42 -30.17
N ASP B 75 -22.46 -19.56 -30.26
CA ASP B 75 -23.22 -19.87 -31.47
C ASP B 75 -24.31 -18.84 -31.74
N ASP B 76 -24.90 -18.29 -30.69
CA ASP B 76 -25.86 -17.21 -30.87
C ASP B 76 -25.15 -15.90 -31.18
N MET B 77 -24.02 -15.65 -30.54
CA MET B 77 -23.26 -14.45 -30.88
C MET B 77 -22.87 -14.46 -32.36
N GLU B 78 -22.48 -15.63 -32.87
CA GLU B 78 -22.24 -15.79 -34.30
C GLU B 78 -23.48 -15.44 -35.10
N LYS B 79 -24.65 -15.90 -34.66
CA LYS B 79 -25.86 -15.55 -35.39
C LYS B 79 -26.09 -14.04 -35.40
N ILE B 80 -25.78 -13.38 -34.28
CA ILE B 80 -25.98 -11.94 -34.20
C ILE B 80 -25.04 -11.18 -35.13
N TRP B 81 -23.76 -11.56 -35.14
CA TRP B 81 -22.82 -10.89 -36.04
C TRP B 81 -23.14 -11.20 -37.50
N HIS B 82 -23.52 -12.44 -37.80
CA HIS B 82 -23.94 -12.80 -39.14
C HIS B 82 -25.12 -11.95 -39.60
N HIS B 83 -26.14 -11.84 -38.74
CA HIS B 83 -27.26 -10.95 -39.04
C HIS B 83 -26.80 -9.52 -39.25
N THR B 84 -25.85 -9.06 -38.43
CA THR B 84 -25.36 -7.69 -38.58
C THR B 84 -24.77 -7.47 -39.97
N PHE B 85 -23.80 -8.30 -40.33
CA PHE B 85 -23.13 -8.12 -41.62
C PHE B 85 -24.10 -8.30 -42.78
N TYR B 86 -24.79 -9.43 -42.84
CA TYR B 86 -25.51 -9.77 -44.05
C TYR B 86 -26.92 -9.20 -44.12
N ASN B 87 -27.70 -9.24 -43.04
CA ASN B 87 -29.09 -8.85 -43.09
C ASN B 87 -29.29 -7.38 -42.75
N GLU B 88 -28.67 -6.93 -41.66
CA GLU B 88 -29.01 -5.64 -41.09
C GLU B 88 -28.18 -4.53 -41.68
N LEU B 89 -26.89 -4.78 -41.91
CA LEU B 89 -25.99 -3.78 -42.49
C LEU B 89 -25.75 -4.02 -43.97
N ARG B 90 -25.83 -5.27 -44.42
CA ARG B 90 -25.64 -5.63 -45.83
C ARG B 90 -24.25 -5.19 -46.32
N VAL B 91 -23.25 -5.84 -45.74
CA VAL B 91 -21.85 -5.56 -46.03
C VAL B 91 -21.12 -6.89 -46.09
N ALA B 92 -20.07 -6.94 -46.91
CA ALA B 92 -19.21 -8.12 -46.95
C ALA B 92 -18.11 -7.98 -45.90
N PRO B 93 -18.03 -8.88 -44.91
CA PRO B 93 -16.98 -8.76 -43.89
C PRO B 93 -15.60 -9.11 -44.39
N GLU B 94 -15.50 -9.92 -45.45
CA GLU B 94 -14.19 -10.21 -46.05
C GLU B 94 -13.51 -8.98 -46.61
N GLU B 95 -14.26 -7.91 -46.90
CA GLU B 95 -13.68 -6.75 -47.56
C GLU B 95 -13.23 -5.67 -46.61
N HIS B 96 -13.66 -5.70 -45.35
CA HIS B 96 -13.48 -4.56 -44.46
C HIS B 96 -12.90 -5.00 -43.13
N PRO B 97 -11.93 -4.27 -42.61
CA PRO B 97 -11.47 -4.52 -41.24
C PRO B 97 -12.51 -4.11 -40.22
N VAL B 98 -12.56 -4.83 -39.12
CA VAL B 98 -13.60 -4.68 -38.11
C VAL B 98 -12.96 -4.26 -36.80
N LEU B 99 -13.41 -3.14 -36.24
CA LEU B 99 -13.14 -2.79 -34.86
C LEU B 99 -14.28 -3.32 -34.00
N LEU B 100 -14.01 -4.38 -33.24
CA LEU B 100 -14.92 -4.80 -32.18
C LEU B 100 -14.64 -4.01 -30.89
N THR B 101 -15.58 -4.14 -29.94
CA THR B 101 -15.49 -3.47 -28.66
C THR B 101 -15.79 -4.46 -27.54
N GLU B 102 -15.09 -4.29 -26.42
CA GLU B 102 -15.28 -5.14 -25.25
C GLU B 102 -15.34 -4.29 -23.99
N ALA B 103 -16.02 -4.81 -22.98
CA ALA B 103 -15.90 -4.27 -21.65
C ALA B 103 -14.49 -4.50 -21.10
N PRO B 104 -14.07 -3.70 -20.12
CA PRO B 104 -12.80 -3.96 -19.44
C PRO B 104 -12.92 -5.09 -18.41
N MET B 105 -11.78 -5.46 -17.86
CA MET B 105 -11.71 -6.48 -16.81
C MET B 105 -12.39 -7.78 -17.25
N ASN B 106 -12.35 -8.06 -18.55
CA ASN B 106 -13.25 -9.06 -19.10
C ASN B 106 -12.51 -10.36 -19.35
N PRO B 107 -13.13 -11.51 -19.07
CA PRO B 107 -12.39 -12.77 -19.06
C PRO B 107 -11.63 -13.01 -20.35
N LYS B 108 -10.34 -13.29 -20.19
CA LYS B 108 -9.38 -13.19 -21.29
C LYS B 108 -9.72 -14.14 -22.43
N SER B 109 -10.26 -15.32 -22.12
CA SER B 109 -10.68 -16.25 -23.14
C SER B 109 -11.84 -15.70 -23.97
N ASN B 110 -12.59 -14.74 -23.44
CA ASN B 110 -13.63 -14.10 -24.24
C ASN B 110 -13.02 -13.34 -25.40
N ARG B 111 -12.00 -12.53 -25.12
CA ARG B 111 -11.30 -11.79 -26.17
C ARG B 111 -10.59 -12.73 -27.14
N GLU B 112 -10.07 -13.83 -26.62
CA GLU B 112 -9.48 -14.85 -27.49
C GLU B 112 -10.52 -15.40 -28.46
N LYS B 113 -11.56 -16.02 -27.93
CA LYS B 113 -12.56 -16.68 -28.76
C LYS B 113 -13.21 -15.69 -29.72
N MET B 114 -13.45 -14.46 -29.24
CA MET B 114 -13.96 -13.40 -30.11
C MET B 114 -13.13 -13.26 -31.38
N THR B 115 -11.80 -13.27 -31.25
CA THR B 115 -11.01 -13.14 -32.47
C THR B 115 -10.89 -14.44 -33.25
N GLN B 116 -10.91 -15.58 -32.55
CA GLN B 116 -10.93 -16.86 -33.25
C GLN B 116 -12.13 -16.94 -34.19
N ILE B 117 -13.30 -16.52 -33.71
CA ILE B 117 -14.48 -16.44 -34.57
C ILE B 117 -14.27 -15.40 -35.67
N MET B 118 -13.85 -14.19 -35.31
CA MET B 118 -13.84 -13.11 -36.29
C MET B 118 -12.90 -13.40 -37.45
N PHE B 119 -11.80 -14.10 -37.22
CA PHE B 119 -10.94 -14.51 -38.33
C PHE B 119 -11.42 -15.79 -39.00
N GLU B 120 -11.64 -16.86 -38.24
CA GLU B 120 -11.85 -18.15 -38.88
C GLU B 120 -13.26 -18.32 -39.42
N THR B 121 -14.25 -17.69 -38.80
CA THR B 121 -15.61 -17.77 -39.31
C THR B 121 -15.90 -16.69 -40.36
N PHE B 122 -15.60 -15.43 -40.06
CA PHE B 122 -15.94 -14.32 -40.93
C PHE B 122 -14.79 -13.88 -41.83
N ASN B 123 -13.58 -14.43 -41.64
CA ASN B 123 -12.47 -14.14 -42.54
C ASN B 123 -12.23 -12.64 -42.68
N VAL B 124 -12.42 -11.92 -41.57
CA VAL B 124 -12.15 -10.47 -41.59
C VAL B 124 -10.69 -10.24 -41.94
N PRO B 125 -10.35 -9.29 -42.81
CA PRO B 125 -8.95 -9.15 -43.21
C PRO B 125 -8.05 -8.60 -42.11
N ALA B 126 -8.55 -7.64 -41.32
CA ALA B 126 -7.79 -7.14 -40.18
C ALA B 126 -8.77 -6.61 -39.14
N PHE B 127 -8.30 -6.55 -37.90
CA PHE B 127 -9.20 -6.56 -36.76
C PHE B 127 -8.58 -5.83 -35.57
N TYR B 128 -9.45 -5.33 -34.70
CA TYR B 128 -9.02 -4.80 -33.41
C TYR B 128 -10.14 -4.88 -32.39
N VAL B 129 -9.75 -4.80 -31.12
CA VAL B 129 -10.64 -4.73 -29.97
C VAL B 129 -10.24 -3.54 -29.12
N SER B 130 -11.23 -2.82 -28.59
CA SER B 130 -10.93 -1.75 -27.65
C SER B 130 -12.00 -1.65 -26.57
N ILE B 131 -11.64 -0.99 -25.49
CA ILE B 131 -12.46 -0.92 -24.30
C ILE B 131 -13.60 0.07 -24.52
N GLN B 132 -14.83 -0.38 -24.26
CA GLN B 132 -16.01 0.45 -24.42
C GLN B 132 -15.83 1.86 -23.85
N ALA B 133 -15.45 1.95 -22.58
CA ALA B 133 -15.28 3.26 -21.93
C ALA B 133 -14.24 4.12 -22.63
N VAL B 134 -13.11 3.53 -23.00
CA VAL B 134 -12.01 4.32 -23.56
C VAL B 134 -12.47 5.09 -24.79
N LEU B 135 -13.27 4.43 -25.64
CA LEU B 135 -13.77 5.10 -26.83
C LEU B 135 -14.55 6.37 -26.49
N SER B 136 -15.18 6.42 -25.32
CA SER B 136 -15.96 7.60 -24.97
C SER B 136 -15.11 8.86 -24.86
N LEU B 137 -13.82 8.74 -24.59
CA LEU B 137 -12.96 9.93 -24.63
C LEU B 137 -12.81 10.44 -26.04
N TYR B 138 -12.74 9.54 -27.01
CA TYR B 138 -12.67 9.97 -28.41
C TYR B 138 -13.96 10.67 -28.83
N SER B 139 -15.11 10.12 -28.46
CA SER B 139 -16.36 10.78 -28.80
C SER B 139 -16.61 12.01 -27.96
N SER B 140 -15.95 12.14 -26.81
CA SER B 140 -15.93 13.41 -26.10
C SER B 140 -14.88 14.36 -26.66
N GLY B 141 -13.91 13.85 -27.42
CA GLY B 141 -12.84 14.69 -27.91
C GLY B 141 -11.88 15.07 -26.83
N ARG B 142 -11.41 14.09 -26.05
CA ARG B 142 -10.66 14.36 -24.83
C ARG B 142 -9.51 13.39 -24.70
N THR B 143 -8.57 13.76 -23.83
CA THR B 143 -7.44 12.93 -23.47
C THR B 143 -7.33 12.70 -21.98
N THR B 144 -8.21 13.29 -21.19
CA THR B 144 -8.30 13.08 -19.75
C THR B 144 -9.76 12.88 -19.39
N GLY B 145 -9.99 12.28 -18.24
CA GLY B 145 -11.35 12.14 -17.75
C GLY B 145 -11.64 10.74 -17.27
N ILE B 146 -12.64 10.61 -16.41
CA ILE B 146 -13.07 9.33 -15.87
C ILE B 146 -14.42 9.01 -16.49
N VAL B 147 -14.54 7.81 -17.04
CA VAL B 147 -15.71 7.40 -17.81
C VAL B 147 -16.55 6.46 -16.97
N LEU B 148 -17.79 6.87 -16.67
CA LEU B 148 -18.83 5.91 -16.34
C LEU B 148 -19.44 5.39 -17.63
N ASP B 149 -19.14 4.15 -17.98
CA ASP B 149 -20.00 3.37 -18.86
C ASP B 149 -21.05 2.66 -18.03
N SER B 150 -22.26 2.56 -18.57
CA SER B 150 -23.26 1.68 -17.95
C SER B 150 -24.14 1.08 -19.06
N GLY B 151 -23.66 0.00 -19.64
CA GLY B 151 -24.44 -0.72 -20.62
C GLY B 151 -25.63 -1.41 -19.97
N ASP B 152 -26.23 -2.33 -20.74
CA ASP B 152 -27.17 -3.27 -20.14
C ASP B 152 -26.48 -4.24 -19.21
N GLY B 153 -25.23 -4.60 -19.49
CA GLY B 153 -24.61 -5.68 -18.76
C GLY B 153 -23.66 -5.28 -17.65
N VAL B 154 -22.86 -4.24 -17.87
CA VAL B 154 -21.82 -3.87 -16.93
C VAL B 154 -21.78 -2.36 -16.77
N THR B 155 -21.65 -1.91 -15.53
CA THR B 155 -21.14 -0.58 -15.22
C THR B 155 -19.65 -0.73 -14.93
N HIS B 156 -18.83 0.04 -15.62
CA HIS B 156 -17.40 0.07 -15.32
C HIS B 156 -16.89 1.50 -15.36
N VAL B 157 -16.08 1.84 -14.36
CA VAL B 157 -15.51 3.17 -14.21
C VAL B 157 -14.06 3.09 -14.64
N VAL B 158 -13.66 3.96 -15.58
CA VAL B 158 -12.32 3.90 -16.13
C VAL B 158 -11.70 5.29 -16.12
N PRO B 159 -10.80 5.60 -15.19
CA PRO B 159 -10.06 6.86 -15.25
C PRO B 159 -8.95 6.81 -16.28
N ILE B 160 -8.83 7.89 -17.04
CA ILE B 160 -7.75 8.05 -18.00
C ILE B 160 -7.15 9.44 -17.83
N TYR B 161 -5.83 9.50 -17.90
CA TYR B 161 -5.13 10.78 -17.77
C TYR B 161 -4.02 10.85 -18.81
N GLU B 162 -4.04 11.88 -19.64
CA GLU B 162 -3.02 12.11 -20.66
C GLU B 162 -2.81 10.88 -21.54
N GLY B 163 -3.86 10.10 -21.76
CA GLY B 163 -3.77 8.88 -22.53
C GLY B 163 -3.15 7.70 -21.83
N PHE B 164 -2.85 7.80 -20.54
CA PHE B 164 -2.42 6.68 -19.73
C PHE B 164 -3.60 6.13 -18.93
N SER B 165 -3.68 4.81 -18.85
CA SER B 165 -4.93 4.12 -18.55
C SER B 165 -5.14 3.85 -17.06
N LEU B 166 -4.17 4.16 -16.22
CA LEU B 166 -4.34 4.03 -14.77
C LEU B 166 -5.02 2.71 -14.44
N PRO B 167 -4.55 1.59 -14.98
CA PRO B 167 -5.37 0.38 -14.99
C PRO B 167 -5.73 -0.14 -13.61
N HIS B 168 -4.93 0.18 -12.60
CA HIS B 168 -5.22 -0.24 -11.24
C HIS B 168 -6.43 0.45 -10.63
N ALA B 169 -6.95 1.51 -11.26
CA ALA B 169 -8.07 2.27 -10.73
C ALA B 169 -9.37 2.04 -11.48
N ILE B 170 -9.44 1.01 -12.32
CA ILE B 170 -10.70 0.62 -12.93
C ILE B 170 -11.56 -0.12 -11.91
N LEU B 171 -12.79 0.36 -11.74
CA LEU B 171 -13.81 -0.30 -10.94
C LEU B 171 -14.89 -0.84 -11.86
N ARG B 172 -15.18 -2.13 -11.76
CA ARG B 172 -16.22 -2.78 -12.54
C ARG B 172 -17.38 -3.18 -11.66
N ILE B 173 -18.60 -2.82 -12.08
CA ILE B 173 -19.78 -2.84 -11.24
C ILE B 173 -20.91 -3.49 -12.04
N ASP B 174 -21.59 -4.46 -11.43
CA ASP B 174 -22.53 -5.31 -12.13
C ASP B 174 -23.96 -4.80 -12.14
N LEU B 175 -24.23 -3.66 -11.49
CA LEU B 175 -25.48 -2.96 -11.75
C LEU B 175 -25.52 -2.45 -13.17
N ALA B 176 -26.59 -2.76 -13.89
CA ALA B 176 -26.69 -2.37 -15.29
C ALA B 176 -28.16 -2.45 -15.72
N GLY B 177 -28.42 -1.87 -16.89
CA GLY B 177 -29.79 -1.70 -17.35
C GLY B 177 -30.63 -2.96 -17.28
N ARG B 178 -30.03 -4.11 -17.60
CA ARG B 178 -30.78 -5.37 -17.50
C ARG B 178 -31.19 -5.66 -16.07
N ASP B 179 -30.29 -5.43 -15.11
CA ASP B 179 -30.62 -5.71 -13.73
C ASP B 179 -31.59 -4.68 -13.15
N LEU B 180 -31.57 -3.46 -13.67
CA LEU B 180 -32.61 -2.51 -13.30
C LEU B 180 -33.96 -2.92 -13.88
N THR B 181 -33.96 -3.47 -15.10
CA THR B 181 -35.19 -4.02 -15.65
C THR B 181 -35.75 -5.11 -14.74
N ASP B 182 -34.90 -6.03 -14.34
CA ASP B 182 -35.34 -7.11 -13.46
C ASP B 182 -35.84 -6.59 -12.12
N TYR B 183 -35.14 -5.63 -11.51
CA TYR B 183 -35.60 -5.08 -10.25
C TYR B 183 -36.92 -4.34 -10.40
N LEU B 184 -37.09 -3.61 -11.50
CA LEU B 184 -38.37 -2.97 -11.75
C LEU B 184 -39.49 -4.01 -11.83
N MET B 185 -39.20 -5.11 -12.52
CA MET B 185 -40.17 -6.20 -12.59
C MET B 185 -40.48 -6.75 -11.20
N LYS B 186 -39.47 -6.83 -10.34
CA LYS B 186 -39.70 -7.28 -8.96
C LYS B 186 -40.62 -6.34 -8.19
N ILE B 187 -40.35 -5.04 -8.23
CA ILE B 187 -41.19 -4.12 -7.47
C ILE B 187 -42.52 -3.86 -8.18
N LEU B 188 -42.56 -3.95 -9.50
CA LEU B 188 -43.81 -3.72 -10.21
C LEU B 188 -44.83 -4.80 -9.90
N SER B 189 -44.40 -5.93 -9.36
CA SER B 189 -45.32 -6.89 -8.76
C SER B 189 -46.08 -6.32 -7.58
N GLU B 190 -45.57 -5.24 -6.97
CA GLU B 190 -46.21 -4.70 -5.78
C GLU B 190 -47.60 -4.14 -6.09
N ARG B 191 -47.82 -3.65 -7.30
CA ARG B 191 -49.15 -3.26 -7.74
C ARG B 191 -49.95 -4.42 -8.30
N GLY B 192 -49.37 -5.62 -8.33
CA GLY B 192 -50.06 -6.79 -8.83
C GLY B 192 -49.99 -7.00 -10.32
N TYR B 193 -49.23 -6.18 -11.04
CA TYR B 193 -48.90 -6.48 -12.42
C TYR B 193 -47.84 -7.57 -12.46
N SER B 194 -48.12 -8.64 -13.19
CA SER B 194 -47.19 -9.74 -13.33
C SER B 194 -46.57 -9.66 -14.72
N PHE B 195 -45.24 -9.75 -14.77
CA PHE B 195 -44.48 -9.59 -15.99
C PHE B 195 -43.33 -10.57 -16.04
N SER B 196 -43.53 -11.75 -15.47
CA SER B 196 -42.41 -12.63 -15.21
C SER B 196 -41.81 -13.14 -16.50
N THR B 197 -42.56 -13.11 -17.60
CA THR B 197 -42.02 -13.72 -18.79
C THR B 197 -40.96 -12.85 -19.47
N THR B 198 -40.12 -13.51 -20.26
CA THR B 198 -39.14 -12.78 -21.05
C THR B 198 -39.80 -11.87 -22.06
N ALA B 199 -40.93 -12.33 -22.63
CA ALA B 199 -41.71 -11.47 -23.49
C ALA B 199 -42.23 -10.27 -22.73
N GLU B 200 -42.48 -10.45 -21.44
CA GLU B 200 -42.90 -9.34 -20.60
C GLU B 200 -41.70 -8.61 -20.01
N ARG B 201 -40.59 -9.32 -19.84
CA ARG B 201 -39.33 -8.65 -19.48
C ARG B 201 -39.02 -7.53 -20.47
N GLU B 202 -39.27 -7.78 -21.76
CA GLU B 202 -39.08 -6.74 -22.77
C GLU B 202 -40.03 -5.56 -22.56
N ILE B 203 -41.26 -5.85 -22.14
CA ILE B 203 -42.20 -4.77 -21.87
C ILE B 203 -41.75 -3.94 -20.68
N VAL B 204 -41.25 -4.60 -19.63
CA VAL B 204 -40.72 -3.87 -18.49
C VAL B 204 -39.54 -3.03 -18.91
N ARG B 205 -38.75 -3.52 -19.88
CA ARG B 205 -37.66 -2.73 -20.42
C ARG B 205 -38.16 -1.45 -21.08
N ASP B 206 -39.23 -1.54 -21.86
CA ASP B 206 -39.82 -0.34 -22.45
C ASP B 206 -40.39 0.59 -21.40
N ILE B 207 -41.08 0.06 -20.39
CA ILE B 207 -41.61 0.90 -19.33
C ILE B 207 -40.50 1.67 -18.65
N LYS B 208 -39.41 0.99 -18.32
CA LYS B 208 -38.26 1.65 -17.72
C LYS B 208 -37.72 2.72 -18.64
N GLU B 209 -37.50 2.37 -19.90
CA GLU B 209 -36.86 3.27 -20.85
C GLU B 209 -37.69 4.51 -21.12
N LYS B 210 -39.00 4.45 -20.92
CA LYS B 210 -39.85 5.61 -21.18
C LYS B 210 -40.21 6.42 -19.93
N LEU B 211 -40.66 5.77 -18.85
CA LEU B 211 -41.32 6.50 -17.77
C LEU B 211 -40.47 6.71 -16.53
N CYS B 212 -39.36 5.99 -16.36
CA CYS B 212 -38.60 6.09 -15.13
C CYS B 212 -37.64 7.28 -15.16
N TYR B 213 -37.26 7.72 -13.96
CA TYR B 213 -36.34 8.84 -13.78
C TYR B 213 -35.63 8.67 -12.45
N VAL B 214 -34.44 9.27 -12.36
CA VAL B 214 -33.65 9.19 -11.14
C VAL B 214 -34.10 10.25 -10.15
N ALA B 215 -34.43 9.82 -8.94
CA ALA B 215 -34.80 10.74 -7.87
C ALA B 215 -33.62 11.63 -7.49
N LEU B 216 -33.89 12.92 -7.30
CA LEU B 216 -32.87 13.83 -6.81
C LEU B 216 -32.84 13.95 -5.30
N ASP B 217 -33.92 13.57 -4.61
CA ASP B 217 -33.88 13.29 -3.18
C ASP B 217 -34.83 12.12 -2.95
N PHE B 218 -34.26 10.95 -2.74
CA PHE B 218 -35.05 9.73 -2.68
C PHE B 218 -36.06 9.74 -1.53
N GLU B 219 -35.63 10.21 -0.36
CA GLU B 219 -36.55 10.26 0.78
C GLU B 219 -37.66 11.29 0.59
N GLN B 220 -37.31 12.47 0.09
CA GLN B 220 -38.33 13.48 -0.16
C GLN B 220 -39.33 13.05 -1.23
N GLU B 221 -38.84 12.45 -2.31
CA GLU B 221 -39.77 12.01 -3.36
C GLU B 221 -40.57 10.78 -2.95
N MET B 222 -40.03 9.91 -2.11
CA MET B 222 -40.85 8.90 -1.46
C MET B 222 -41.94 9.52 -0.61
N GLN B 223 -41.63 10.59 0.11
CA GLN B 223 -42.63 11.26 0.93
C GLN B 223 -43.72 11.87 0.06
N THR B 224 -43.33 12.63 -0.96
CA THR B 224 -44.31 13.30 -1.81
C THR B 224 -45.12 12.34 -2.65
N ALA B 225 -44.53 11.21 -3.09
CA ALA B 225 -45.31 10.19 -3.77
C ALA B 225 -46.24 9.45 -2.82
N ALA B 226 -45.89 9.37 -1.54
CA ALA B 226 -46.87 8.89 -0.56
C ALA B 226 -47.96 9.91 -0.30
N GLN B 227 -47.65 11.20 -0.41
CA GLN B 227 -48.64 12.24 -0.19
C GLN B 227 -49.52 12.49 -1.41
N SER B 228 -49.00 12.34 -2.63
CA SER B 228 -49.71 12.84 -3.80
C SER B 228 -49.45 11.96 -5.01
N SER B 229 -50.46 11.88 -5.87
CA SER B 229 -50.41 11.23 -7.17
C SER B 229 -49.63 12.01 -8.23
N SER B 230 -49.02 13.15 -7.88
CA SER B 230 -48.40 14.01 -8.88
C SER B 230 -47.46 13.23 -9.80
N ILE B 231 -46.77 12.22 -9.26
CA ILE B 231 -45.77 11.47 -10.04
C ILE B 231 -46.38 10.33 -10.85
N GLU B 232 -47.63 9.96 -10.59
CA GLU B 232 -48.18 8.66 -11.01
C GLU B 232 -48.57 8.67 -12.49
N LYS B 233 -47.55 8.66 -13.34
CA LYS B 233 -47.78 8.46 -14.77
C LYS B 233 -48.33 7.06 -15.04
N SER B 234 -48.81 6.86 -16.27
CA SER B 234 -49.50 5.64 -16.66
C SER B 234 -49.03 5.16 -18.02
N TYR B 235 -48.91 3.84 -18.18
CA TYR B 235 -48.45 3.22 -19.40
C TYR B 235 -49.52 2.28 -19.95
N GLU B 236 -49.50 2.08 -21.27
CA GLU B 236 -50.46 1.23 -21.97
C GLU B 236 -49.73 0.04 -22.58
N LEU B 237 -50.05 -1.16 -22.11
CA LEU B 237 -49.35 -2.36 -22.52
C LEU B 237 -49.64 -2.70 -23.98
N PRO B 238 -48.88 -3.62 -24.56
CA PRO B 238 -49.18 -4.10 -25.92
C PRO B 238 -50.53 -4.78 -26.06
N ASP B 239 -51.25 -5.04 -24.98
CA ASP B 239 -52.64 -5.51 -25.06
C ASP B 239 -53.65 -4.40 -24.84
N GLY B 240 -53.19 -3.17 -24.64
CA GLY B 240 -54.08 -2.04 -24.44
C GLY B 240 -54.58 -1.83 -23.04
N GLN B 241 -54.26 -2.70 -22.10
CA GLN B 241 -54.55 -2.40 -20.71
C GLN B 241 -53.68 -1.23 -20.26
N VAL B 242 -54.27 -0.33 -19.50
CA VAL B 242 -53.50 0.73 -18.87
C VAL B 242 -53.00 0.26 -17.51
N ILE B 243 -51.82 0.73 -17.15
CA ILE B 243 -51.26 0.57 -15.82
C ILE B 243 -50.84 1.94 -15.31
N THR B 244 -50.84 2.09 -14.00
CA THR B 244 -50.29 3.28 -13.35
C THR B 244 -49.10 2.88 -12.48
N ILE B 245 -48.07 3.72 -12.50
CA ILE B 245 -46.80 3.45 -11.82
C ILE B 245 -46.64 4.49 -10.73
N GLY B 246 -46.55 4.04 -9.49
CA GLY B 246 -46.36 4.94 -8.37
C GLY B 246 -44.91 5.31 -8.16
N ASN B 247 -44.47 5.27 -6.90
CA ASN B 247 -43.08 5.58 -6.58
C ASN B 247 -42.09 4.63 -7.24
N GLU B 248 -42.56 3.48 -7.73
CA GLU B 248 -41.71 2.61 -8.54
C GLU B 248 -41.07 3.36 -9.69
N ARG B 249 -41.70 4.45 -10.13
CA ARG B 249 -41.16 5.22 -11.25
C ARG B 249 -39.74 5.71 -10.98
N PHE B 250 -39.37 5.91 -9.71
CA PHE B 250 -38.00 6.24 -9.35
C PHE B 250 -37.33 5.27 -8.39
N ARG B 251 -38.09 4.52 -7.60
CA ARG B 251 -37.48 3.53 -6.72
C ARG B 251 -36.63 2.52 -7.47
N ALA B 252 -37.00 2.23 -8.72
CA ALA B 252 -36.20 1.28 -9.51
C ALA B 252 -34.83 1.82 -9.87
N PRO B 253 -34.70 2.94 -10.59
CA PRO B 253 -33.36 3.46 -10.91
C PRO B 253 -32.55 3.91 -9.71
N GLU B 254 -33.19 4.17 -8.57
CA GLU B 254 -32.45 4.41 -7.35
C GLU B 254 -31.56 3.24 -6.96
N ALA B 255 -31.82 2.05 -7.50
CA ALA B 255 -30.92 0.91 -7.29
C ALA B 255 -29.49 1.22 -7.70
N LEU B 256 -29.30 2.04 -8.73
CA LEU B 256 -27.95 2.45 -9.10
C LEU B 256 -27.19 3.13 -7.97
N PHE B 257 -27.90 3.69 -6.99
CA PHE B 257 -27.27 4.47 -5.94
C PHE B 257 -27.33 3.83 -4.57
N HIS B 258 -28.19 2.83 -4.36
CA HIS B 258 -28.16 2.01 -3.16
C HIS B 258 -28.30 0.54 -3.57
N PRO B 259 -27.22 -0.06 -4.07
CA PRO B 259 -27.31 -1.45 -4.54
C PRO B 259 -27.67 -2.44 -3.45
N SER B 260 -27.59 -2.06 -2.17
CA SER B 260 -28.12 -2.90 -1.11
C SER B 260 -29.57 -3.26 -1.35
N VAL B 261 -30.29 -2.44 -2.12
CA VAL B 261 -31.65 -2.78 -2.51
C VAL B 261 -31.68 -4.07 -3.32
N LEU B 262 -30.71 -4.26 -4.19
CA LEU B 262 -30.56 -5.54 -4.91
C LEU B 262 -29.81 -6.57 -4.09
N GLY B 263 -29.40 -6.20 -2.88
CA GLY B 263 -28.61 -7.05 -2.02
C GLY B 263 -27.19 -7.17 -2.46
N LEU B 264 -26.75 -6.30 -3.37
CA LEU B 264 -25.40 -6.44 -3.87
C LEU B 264 -24.45 -5.87 -2.83
N GLU B 265 -23.27 -6.47 -2.75
CA GLU B 265 -22.20 -5.89 -1.97
C GLU B 265 -21.68 -4.60 -2.54
N SER B 266 -22.09 -4.23 -3.73
CA SER B 266 -21.33 -3.18 -4.38
C SER B 266 -21.78 -1.86 -3.81
N ALA B 267 -21.39 -0.79 -4.48
CA ALA B 267 -21.74 0.53 -4.01
C ALA B 267 -22.10 1.36 -5.22
N GLY B 268 -22.82 2.44 -4.95
CA GLY B 268 -23.40 3.18 -6.03
C GLY B 268 -22.35 3.70 -6.99
N ILE B 269 -22.84 3.97 -8.20
CA ILE B 269 -21.98 4.47 -9.26
C ILE B 269 -21.38 5.81 -8.87
N ASP B 270 -22.06 6.56 -7.99
CA ASP B 270 -21.46 7.74 -7.41
C ASP B 270 -20.28 7.37 -6.53
N GLN B 271 -20.53 6.56 -5.51
CA GLN B 271 -19.49 6.28 -4.52
C GLN B 271 -18.33 5.51 -5.14
N THR B 272 -18.62 4.61 -6.08
CA THR B 272 -17.54 3.92 -6.80
C THR B 272 -16.79 4.83 -7.76
N THR B 273 -17.45 5.83 -8.36
CA THR B 273 -16.70 6.82 -9.12
C THR B 273 -15.75 7.59 -8.22
N TYR B 274 -16.26 8.11 -7.12
CA TYR B 274 -15.42 8.80 -6.14
C TYR B 274 -14.27 7.91 -5.70
N ASN B 275 -14.57 6.64 -5.40
CA ASN B 275 -13.54 5.73 -4.92
C ASN B 275 -12.48 5.43 -5.97
N SER B 276 -12.86 5.35 -7.24
CA SER B 276 -11.84 5.22 -8.29
C SER B 276 -10.95 6.44 -8.35
N ILE B 277 -11.55 7.64 -8.22
CA ILE B 277 -10.74 8.84 -8.19
C ILE B 277 -9.80 8.82 -6.99
N MET B 278 -10.31 8.43 -5.83
CA MET B 278 -9.43 8.31 -4.68
C MET B 278 -8.31 7.31 -4.95
N LYS B 279 -8.62 6.22 -5.65
CA LYS B 279 -7.63 5.18 -5.88
C LYS B 279 -6.53 5.59 -6.85
N CYS B 280 -6.79 6.51 -7.78
CA CYS B 280 -5.84 6.63 -8.88
C CYS B 280 -4.53 7.27 -8.40
N ASP B 281 -4.58 8.52 -7.96
CA ASP B 281 -3.40 9.20 -7.47
C ASP B 281 -3.82 10.43 -6.67
N VAL B 282 -2.84 11.10 -6.07
CA VAL B 282 -3.08 12.47 -5.61
C VAL B 282 -2.90 13.52 -6.72
N ASP B 283 -2.00 13.29 -7.68
CA ASP B 283 -1.67 14.31 -8.67
C ASP B 283 -2.86 14.65 -9.57
N VAL B 284 -3.56 13.62 -10.07
CA VAL B 284 -4.46 13.83 -11.20
C VAL B 284 -5.87 14.19 -10.77
N ARG B 285 -6.27 13.92 -9.52
CA ARG B 285 -7.67 14.01 -9.17
C ARG B 285 -8.21 15.41 -9.45
N LYS B 286 -7.33 16.40 -9.40
CA LYS B 286 -7.68 17.75 -9.80
C LYS B 286 -8.32 17.79 -11.19
N GLU B 287 -7.93 16.87 -12.06
CA GLU B 287 -8.43 16.82 -13.43
C GLU B 287 -9.42 15.70 -13.67
N LEU B 288 -9.84 15.00 -12.62
CA LEU B 288 -10.82 13.93 -12.76
C LEU B 288 -12.12 14.16 -11.99
N TYR B 289 -12.15 15.04 -11.00
CA TYR B 289 -13.43 15.44 -10.44
C TYR B 289 -14.20 16.33 -11.40
N GLY B 290 -13.51 17.31 -11.99
CA GLY B 290 -13.92 17.79 -13.28
C GLY B 290 -13.71 16.76 -14.37
N ASN B 291 -14.50 16.89 -15.43
CA ASN B 291 -14.34 16.03 -16.60
C ASN B 291 -14.69 14.58 -16.27
N ILE B 292 -15.79 14.38 -15.55
CA ILE B 292 -16.40 13.07 -15.42
C ILE B 292 -17.26 12.78 -16.64
N VAL B 293 -16.68 12.10 -17.63
CA VAL B 293 -17.44 11.69 -18.80
C VAL B 293 -18.39 10.56 -18.39
N MET B 294 -19.51 10.47 -19.12
CA MET B 294 -20.56 9.52 -18.79
C MET B 294 -21.13 8.93 -20.07
N SER B 295 -21.43 7.63 -20.03
CA SER B 295 -21.54 6.85 -21.26
C SER B 295 -22.54 5.72 -21.07
N GLY B 296 -23.11 5.28 -22.19
CA GLY B 296 -23.92 4.09 -22.26
C GLY B 296 -25.35 4.28 -21.77
N GLY B 297 -26.22 3.42 -22.28
CA GLY B 297 -27.66 3.69 -22.25
C GLY B 297 -28.24 3.82 -20.86
N THR B 298 -27.68 3.11 -19.88
CA THR B 298 -28.21 3.21 -18.52
C THR B 298 -27.95 4.58 -17.91
N THR B 299 -27.00 5.34 -18.44
CA THR B 299 -26.75 6.70 -17.99
C THR B 299 -27.71 7.70 -18.62
N MET B 300 -28.75 7.22 -19.27
CA MET B 300 -29.68 8.05 -20.00
C MET B 300 -30.85 8.54 -19.15
N PHE B 301 -30.99 8.05 -17.93
CA PHE B 301 -32.13 8.45 -17.11
C PHE B 301 -32.14 9.98 -16.97
N PRO B 302 -33.32 10.60 -17.05
CA PRO B 302 -33.45 11.99 -16.57
C PRO B 302 -33.05 12.12 -15.11
N GLY B 303 -32.35 13.21 -14.79
CA GLY B 303 -31.93 13.48 -13.44
C GLY B 303 -30.65 12.80 -12.99
N ILE B 304 -30.09 11.89 -13.80
CA ILE B 304 -28.93 11.13 -13.35
C ILE B 304 -27.71 12.03 -13.21
N ALA B 305 -27.50 12.94 -14.16
CA ALA B 305 -26.37 13.85 -14.07
C ALA B 305 -26.47 14.77 -12.87
N GLU B 306 -27.67 15.28 -12.59
CA GLU B 306 -27.87 16.11 -11.40
C GLU B 306 -27.58 15.33 -10.12
N ARG B 307 -28.03 14.08 -10.05
CA ARG B 307 -27.74 13.26 -8.89
C ARG B 307 -26.25 12.99 -8.75
N MET B 308 -25.58 12.71 -9.86
CA MET B 308 -24.14 12.53 -9.83
C MET B 308 -23.45 13.79 -9.30
N GLN B 309 -23.85 14.95 -9.80
CA GLN B 309 -23.32 16.20 -9.25
C GLN B 309 -23.49 16.26 -7.75
N LYS B 310 -24.72 16.07 -7.27
CA LYS B 310 -25.00 16.16 -5.84
C LYS B 310 -24.15 15.19 -5.04
N GLU B 311 -24.04 13.95 -5.50
CA GLU B 311 -23.34 12.93 -4.72
C GLU B 311 -21.83 13.16 -4.75
N ILE B 312 -21.26 13.35 -5.94
CA ILE B 312 -19.81 13.52 -6.03
C ILE B 312 -19.39 14.79 -5.30
N THR B 313 -20.16 15.87 -5.43
CA THR B 313 -19.85 17.06 -4.67
C THR B 313 -20.02 16.84 -3.18
N ALA B 314 -20.84 15.88 -2.77
CA ALA B 314 -20.91 15.54 -1.36
C ALA B 314 -19.74 14.66 -0.91
N LEU B 315 -19.10 13.96 -1.84
CA LEU B 315 -17.97 13.10 -1.53
C LEU B 315 -16.62 13.72 -1.83
N ALA B 316 -16.52 14.45 -2.94
CA ALA B 316 -15.27 15.07 -3.33
C ALA B 316 -14.86 16.13 -2.30
N PRO B 317 -13.59 16.52 -2.30
CA PRO B 317 -13.12 17.50 -1.32
C PRO B 317 -13.87 18.81 -1.42
N SER B 318 -13.95 19.50 -0.30
CA SER B 318 -14.50 20.85 -0.30
C SER B 318 -13.69 21.77 -1.19
N SER B 319 -14.40 22.60 -1.96
CA SER B 319 -13.78 23.46 -2.96
C SER B 319 -13.00 22.67 -4.01
N MET B 320 -13.51 21.50 -4.37
CA MET B 320 -13.08 20.82 -5.58
C MET B 320 -14.18 20.90 -6.63
N LYS B 321 -13.82 21.32 -7.84
CA LYS B 321 -14.77 21.39 -8.95
C LYS B 321 -15.24 20.01 -9.34
N VAL B 322 -16.53 19.90 -9.63
CA VAL B 322 -17.12 18.69 -10.19
C VAL B 322 -17.91 19.05 -11.45
N LYS B 323 -17.73 18.27 -12.50
CA LYS B 323 -18.44 18.51 -13.76
C LYS B 323 -18.76 17.18 -14.42
N ILE B 324 -20.04 16.80 -14.38
CA ILE B 324 -20.52 15.58 -15.02
C ILE B 324 -20.78 15.89 -16.49
N ILE B 325 -19.84 15.54 -17.36
CA ILE B 325 -19.94 15.82 -18.79
C ILE B 325 -20.89 14.79 -19.40
N ALA B 326 -22.13 15.21 -19.68
CA ALA B 326 -23.18 14.30 -20.15
C ALA B 326 -23.77 14.84 -21.44
N PRO B 327 -23.19 14.48 -22.59
CA PRO B 327 -23.80 14.84 -23.87
C PRO B 327 -25.18 14.23 -24.04
N PRO B 328 -25.92 14.62 -25.07
CA PRO B 328 -27.12 13.87 -25.45
C PRO B 328 -26.82 12.56 -26.16
N GLU B 329 -25.59 12.34 -26.63
CA GLU B 329 -25.25 11.20 -27.45
C GLU B 329 -24.94 9.95 -26.65
N ARG B 330 -25.17 9.99 -25.33
CA ARG B 330 -24.60 8.99 -24.43
C ARG B 330 -24.85 7.58 -24.95
N LYS B 331 -26.06 7.34 -25.44
CA LYS B 331 -26.46 6.01 -25.90
C LYS B 331 -25.59 5.49 -27.05
N TYR B 332 -24.88 6.37 -27.76
CA TYR B 332 -24.01 5.97 -28.84
C TYR B 332 -22.56 6.38 -28.67
N SER B 333 -22.23 7.09 -27.58
CA SER B 333 -20.90 7.67 -27.44
C SER B 333 -19.78 6.67 -27.61
N VAL B 334 -20.01 5.41 -27.19
CA VAL B 334 -19.01 4.37 -27.44
C VAL B 334 -18.80 4.17 -28.93
N TRP B 335 -19.88 3.95 -29.67
CA TRP B 335 -19.74 3.68 -31.10
C TRP B 335 -19.13 4.87 -31.82
N ILE B 336 -19.59 6.08 -31.52
CA ILE B 336 -19.02 7.26 -32.13
C ILE B 336 -17.52 7.34 -31.83
N GLY B 337 -17.13 7.00 -30.61
CA GLY B 337 -15.72 6.95 -30.28
C GLY B 337 -14.95 5.96 -31.14
N GLY B 338 -15.51 4.76 -31.32
CA GLY B 338 -14.89 3.80 -32.20
C GLY B 338 -14.81 4.28 -33.64
N SER B 339 -15.84 4.99 -34.10
CA SER B 339 -15.84 5.55 -35.45
C SER B 339 -14.70 6.53 -35.63
N ILE B 340 -14.51 7.42 -34.65
CA ILE B 340 -13.37 8.33 -34.70
C ILE B 340 -12.05 7.55 -34.68
N LEU B 341 -11.91 6.61 -33.77
CA LEU B 341 -10.65 5.90 -33.63
C LEU B 341 -10.28 5.17 -34.91
N ALA B 342 -11.25 4.45 -35.49
CA ALA B 342 -11.02 3.76 -36.76
C ALA B 342 -10.80 4.74 -37.90
N SER B 343 -11.32 5.96 -37.78
CA SER B 343 -11.08 6.95 -38.81
C SER B 343 -9.63 7.40 -38.82
N LEU B 344 -9.02 7.56 -37.65
CA LEU B 344 -7.70 8.16 -37.57
C LEU B 344 -6.70 7.44 -38.46
N THR B 345 -5.98 8.21 -39.26
CA THR B 345 -4.91 7.65 -40.09
C THR B 345 -3.80 7.06 -39.23
N THR B 346 -3.49 7.69 -38.11
CA THR B 346 -2.49 7.22 -37.17
C THR B 346 -2.91 6.00 -36.38
N PHE B 347 -4.00 5.34 -36.79
CA PHE B 347 -4.39 4.05 -36.24
C PHE B 347 -4.28 2.91 -37.23
N GLN B 348 -4.20 3.21 -38.53
CA GLN B 348 -4.30 2.18 -39.56
C GLN B 348 -3.13 1.20 -39.53
N GLN B 349 -2.06 1.51 -38.81
CA GLN B 349 -0.94 0.60 -38.61
C GLN B 349 -1.15 -0.37 -37.46
N MET B 350 -2.23 -0.24 -36.70
CA MET B 350 -2.42 -1.03 -35.49
C MET B 350 -3.26 -2.27 -35.69
N TRP B 351 -4.04 -2.35 -36.77
CA TRP B 351 -4.89 -3.52 -36.99
C TRP B 351 -4.09 -4.81 -36.93
N ILE B 352 -4.67 -5.81 -36.26
CA ILE B 352 -4.16 -7.17 -36.32
C ILE B 352 -4.44 -7.72 -37.72
N SER B 353 -3.37 -8.11 -38.42
CA SER B 353 -3.53 -8.69 -39.74
C SER B 353 -3.99 -10.15 -39.65
N LYS B 354 -4.79 -10.54 -40.64
CA LYS B 354 -5.03 -11.95 -40.91
C LYS B 354 -3.73 -12.73 -41.04
N GLN B 355 -2.73 -12.10 -41.66
CA GLN B 355 -1.42 -12.74 -41.78
C GLN B 355 -0.80 -12.99 -40.41
N GLU B 356 -0.92 -12.03 -39.49
CA GLU B 356 -0.42 -12.23 -38.14
C GLU B 356 -1.20 -13.31 -37.40
N TYR B 357 -2.52 -13.35 -37.61
CA TYR B 357 -3.30 -14.45 -37.04
C TYR B 357 -2.93 -15.79 -37.63
N ASP B 358 -2.40 -15.81 -38.84
CA ASP B 358 -1.84 -17.04 -39.39
C ASP B 358 -0.47 -17.35 -38.83
N GLU B 359 0.28 -16.32 -38.44
CA GLU B 359 1.56 -16.56 -37.77
C GLU B 359 1.36 -17.08 -36.36
N SER B 360 0.37 -16.56 -35.64
CA SER B 360 0.05 -17.06 -34.32
C SER B 360 -1.45 -16.96 -34.09
N GLY B 361 -1.98 -17.94 -33.36
CA GLY B 361 -3.39 -18.04 -33.13
C GLY B 361 -3.96 -16.94 -32.27
N PRO B 362 -5.23 -17.10 -31.89
CA PRO B 362 -5.95 -16.04 -31.16
C PRO B 362 -5.20 -15.42 -30.00
N SER B 363 -4.31 -16.17 -29.33
CA SER B 363 -3.50 -15.58 -28.26
C SER B 363 -2.70 -14.37 -28.73
N ILE B 364 -2.50 -14.21 -30.04
CA ILE B 364 -1.85 -13.03 -30.58
C ILE B 364 -2.48 -11.74 -30.05
N VAL B 365 -3.78 -11.77 -29.77
CA VAL B 365 -4.49 -10.55 -29.39
C VAL B 365 -3.92 -9.97 -28.10
N HIS B 366 -3.58 -10.82 -27.14
CA HIS B 366 -3.07 -10.32 -25.87
C HIS B 366 -1.71 -9.63 -26.03
N HIS B 367 -1.03 -9.84 -27.14
CA HIS B 367 0.19 -9.10 -27.45
C HIS B 367 -0.12 -7.79 -28.19
N LYS B 368 -0.94 -7.88 -29.23
CA LYS B 368 -1.17 -6.76 -30.12
C LYS B 368 -2.12 -5.71 -29.53
N CYS B 369 -3.08 -6.14 -28.74
CA CYS B 369 -4.23 -5.30 -28.38
C CYS B 369 -4.14 -4.83 -26.93
N PHE B 370 -4.39 -3.55 -26.73
CA PHE B 370 -4.48 -2.95 -25.40
C PHE B 370 -5.59 -1.90 -25.39
N ALA C 1 2.28 -11.65 36.04
CA ALA C 1 1.72 -12.04 34.73
C ALA C 1 1.38 -10.80 33.90
N ALA C 2 1.39 -10.96 32.58
CA ALA C 2 1.08 -9.87 31.67
C ALA C 2 0.47 -10.44 30.40
N LEU C 3 -0.29 -9.62 29.70
CA LEU C 3 -0.93 -9.99 28.45
C LEU C 3 -0.21 -9.34 27.28
N VAL C 4 0.04 -10.13 26.24
CA VAL C 4 0.74 -9.69 25.05
C VAL C 4 -0.23 -9.79 23.87
N ILE C 5 -0.35 -8.69 23.13
CA ILE C 5 -1.32 -8.59 22.04
C ILE C 5 -0.60 -8.07 20.81
N ASP C 6 -0.65 -8.85 19.72
CA ASP C 6 -0.04 -8.42 18.47
C ASP C 6 -0.82 -7.30 17.81
N ASN C 7 -2.11 -7.16 18.14
CA ASN C 7 -2.97 -6.16 17.52
C ASN C 7 -2.83 -6.22 16.00
N GLY C 8 -2.83 -7.43 15.47
CA GLY C 8 -2.34 -7.65 14.13
C GLY C 8 -3.17 -6.91 13.10
N SER C 9 -2.52 -6.48 12.02
CA SER C 9 -3.25 -5.90 10.90
C SER C 9 -4.20 -6.92 10.30
N GLY C 10 -3.88 -8.20 10.42
CA GLY C 10 -4.69 -9.26 9.84
C GLY C 10 -5.25 -10.19 10.90
N MET C 11 -4.47 -11.19 11.27
CA MET C 11 -4.80 -12.02 12.43
C MET C 11 -4.41 -11.28 13.70
N CYS C 12 -5.37 -11.05 14.59
CA CYS C 12 -5.04 -10.74 15.96
C CYS C 12 -4.41 -11.95 16.65
N LYS C 13 -3.46 -11.67 17.54
CA LYS C 13 -2.89 -12.67 18.42
C LYS C 13 -2.83 -12.11 19.83
N ALA C 14 -3.22 -12.93 20.79
CA ALA C 14 -3.13 -12.53 22.19
C ALA C 14 -2.84 -13.75 23.06
N GLY C 15 -2.21 -13.49 24.19
CA GLY C 15 -1.89 -14.55 25.12
C GLY C 15 -1.16 -14.00 26.32
N PHE C 16 -0.81 -14.89 27.23
CA PHE C 16 -0.03 -14.52 28.39
C PHE C 16 1.46 -14.49 28.09
N ALA C 17 2.15 -13.56 28.72
CA ALA C 17 3.60 -13.52 28.66
C ALA C 17 4.21 -14.79 29.23
N GLY C 18 5.32 -15.22 28.63
CA GLY C 18 5.99 -16.44 28.99
C GLY C 18 5.46 -17.68 28.30
N ASP C 19 4.37 -17.58 27.55
CA ASP C 19 3.95 -18.68 26.70
C ASP C 19 4.79 -18.70 25.42
N ASP C 20 4.78 -19.86 24.76
CA ASP C 20 5.51 -20.04 23.52
C ASP C 20 4.66 -19.77 22.28
N ALA C 21 3.36 -19.56 22.44
CA ALA C 21 2.49 -19.21 21.34
C ALA C 21 1.31 -18.43 21.89
N PRO C 22 0.67 -17.60 21.08
CA PRO C 22 -0.57 -16.97 21.51
C PRO C 22 -1.68 -18.01 21.68
N ARG C 23 -2.57 -17.74 22.63
CA ARG C 23 -3.69 -18.62 22.89
C ARG C 23 -4.91 -18.25 22.05
N ALA C 24 -5.23 -16.97 21.95
CA ALA C 24 -6.26 -16.48 21.05
C ALA C 24 -5.61 -16.05 19.74
N VAL C 25 -5.98 -16.71 18.65
CA VAL C 25 -5.63 -16.26 17.30
C VAL C 25 -6.90 -16.28 16.47
N PHE C 26 -7.25 -15.12 15.90
CA PHE C 26 -8.49 -15.01 15.15
C PHE C 26 -8.40 -13.82 14.21
N PRO C 27 -9.15 -13.83 13.12
CA PRO C 27 -9.07 -12.71 12.16
C PRO C 27 -9.66 -11.44 12.74
N SER C 28 -8.94 -10.33 12.52
CA SER C 28 -9.29 -9.04 13.10
C SER C 28 -10.42 -8.36 12.32
N ILE C 29 -11.54 -9.07 12.21
CA ILE C 29 -12.68 -8.61 11.42
C ILE C 29 -13.86 -8.39 12.34
N VAL C 30 -14.62 -7.35 12.06
CA VAL C 30 -15.98 -7.18 12.57
C VAL C 30 -16.96 -7.38 11.42
N GLY C 31 -17.95 -8.23 11.62
CA GLY C 31 -18.98 -8.48 10.62
C GLY C 31 -20.30 -7.86 11.04
N ARG C 32 -20.89 -7.10 10.12
CA ARG C 32 -22.21 -6.53 10.31
C ARG C 32 -23.21 -7.28 9.45
N PRO C 33 -24.37 -7.67 9.98
CA PRO C 33 -25.39 -8.30 9.13
C PRO C 33 -25.98 -7.29 8.17
N ARG C 34 -26.23 -7.75 6.94
CA ARG C 34 -26.66 -6.87 5.86
C ARG C 34 -28.09 -7.14 5.42
N HIS C 35 -28.86 -7.91 6.19
CA HIS C 35 -30.21 -8.30 5.78
C HIS C 35 -31.17 -8.16 6.96
N GLN C 36 -32.46 -8.14 6.64
CA GLN C 36 -33.50 -8.19 7.65
C GLN C 36 -33.58 -9.56 8.32
N GLY C 37 -33.54 -9.57 9.65
CA GLY C 37 -33.68 -10.80 10.40
C GLY C 37 -35.13 -11.18 10.62
N ILE C 38 -35.68 -12.03 9.75
CA ILE C 38 -37.13 -12.28 9.77
C ILE C 38 -37.54 -13.28 10.85
N MET C 39 -36.66 -14.20 11.21
CA MET C 39 -37.00 -15.22 12.21
C MET C 39 -36.89 -14.64 13.61
N VAL C 40 -38.03 -14.59 14.30
CA VAL C 40 -38.07 -14.25 15.71
C VAL C 40 -37.37 -15.31 16.54
N GLY C 41 -36.67 -14.86 17.59
CA GLY C 41 -36.15 -15.75 18.60
C GLY C 41 -34.78 -16.31 18.34
N MET C 42 -34.17 -16.00 17.19
CA MET C 42 -32.77 -16.32 17.00
C MET C 42 -31.83 -15.40 17.75
N GLY C 43 -32.31 -14.26 18.21
CA GLY C 43 -31.45 -13.36 18.98
C GLY C 43 -30.31 -12.83 18.14
N GLN C 44 -30.56 -12.55 16.87
CA GLN C 44 -29.48 -12.21 15.93
C GLN C 44 -28.62 -11.09 16.50
N LYS C 45 -27.31 -11.31 16.46
CA LYS C 45 -26.38 -10.33 17.01
C LYS C 45 -26.22 -9.18 16.03
N ASP C 46 -26.17 -7.96 16.59
CA ASP C 46 -26.04 -6.77 15.75
C ASP C 46 -24.65 -6.63 15.14
N SER C 47 -23.63 -7.27 15.71
CA SER C 47 -22.31 -7.27 15.10
C SER C 47 -21.56 -8.51 15.56
N TYR C 48 -21.28 -9.41 14.65
CA TYR C 48 -20.37 -10.52 14.89
C TYR C 48 -18.93 -10.05 14.78
N VAL C 49 -18.03 -10.81 15.40
CA VAL C 49 -16.63 -10.43 15.43
C VAL C 49 -15.77 -11.69 15.50
N GLY C 50 -14.56 -11.57 14.97
CA GLY C 50 -13.65 -12.70 14.91
C GLY C 50 -14.17 -13.84 14.07
N ASP C 51 -13.88 -15.07 14.51
CA ASP C 51 -14.23 -16.25 13.74
C ASP C 51 -15.72 -16.55 13.75
N GLU C 52 -16.50 -15.90 14.61
CA GLU C 52 -17.94 -15.89 14.44
C GLU C 52 -18.32 -15.26 13.10
N ALA C 53 -17.75 -14.09 12.80
CA ALA C 53 -18.00 -13.42 11.54
C ALA C 53 -17.43 -14.16 10.35
N GLN C 54 -16.42 -15.02 10.55
CA GLN C 54 -16.05 -15.97 9.51
C GLN C 54 -17.18 -16.94 9.23
N SER C 55 -17.67 -17.63 10.27
CA SER C 55 -18.62 -18.71 10.06
C SER C 55 -19.94 -18.21 9.47
N LYS C 56 -20.34 -16.98 9.78
CA LYS C 56 -21.59 -16.42 9.29
C LYS C 56 -21.40 -15.50 8.08
N ARG C 57 -20.19 -15.43 7.54
CA ARG C 57 -19.81 -14.34 6.64
C ARG C 57 -20.74 -14.18 5.45
N GLY C 58 -21.38 -15.26 4.99
CA GLY C 58 -22.26 -15.16 3.83
C GLY C 58 -23.37 -14.15 3.94
N ILE C 59 -23.87 -13.91 5.15
CA ILE C 59 -24.90 -12.90 5.38
C ILE C 59 -24.33 -11.58 5.88
N LEU C 60 -23.02 -11.47 5.98
CA LEU C 60 -22.39 -10.32 6.59
C LEU C 60 -21.69 -9.47 5.55
N THR C 61 -21.37 -8.25 5.95
CA THR C 61 -20.25 -7.51 5.38
C THR C 61 -19.11 -7.55 6.37
N LEU C 62 -17.92 -7.85 5.89
CA LEU C 62 -16.73 -7.93 6.74
C LEU C 62 -15.89 -6.69 6.53
N ARG C 63 -15.50 -6.06 7.64
CA ARG C 63 -14.59 -4.93 7.61
C ARG C 63 -13.46 -5.16 8.58
N TYR C 64 -12.25 -4.97 8.11
CA TYR C 64 -11.12 -4.82 9.03
C TYR C 64 -11.14 -3.42 9.62
N PRO C 65 -11.07 -3.28 10.95
CA PRO C 65 -11.02 -1.94 11.54
C PRO C 65 -9.63 -1.32 11.53
N ILE C 66 -8.60 -2.08 11.18
CA ILE C 66 -7.22 -1.60 11.15
C ILE C 66 -6.71 -1.72 9.72
N GLU C 67 -6.38 -0.59 9.12
CA GLU C 67 -5.90 -0.54 7.75
C GLU C 67 -4.49 0.00 7.73
N HIS C 68 -3.57 -0.76 7.14
CA HIS C 68 -2.17 -0.38 7.05
C HIS C 68 -1.63 0.07 8.40
N GLY C 69 -1.96 -0.70 9.44
CA GLY C 69 -1.52 -0.38 10.78
C GLY C 69 -2.20 0.82 11.42
N ILE C 70 -3.10 1.48 10.70
CA ILE C 70 -3.86 2.61 11.24
C ILE C 70 -5.23 2.08 11.62
N VAL C 71 -5.62 2.30 12.88
CA VAL C 71 -6.96 1.94 13.31
C VAL C 71 -7.95 2.92 12.68
N THR C 72 -8.79 2.41 11.80
CA THR C 72 -9.70 3.24 11.00
C THR C 72 -11.09 3.35 11.60
N ASN C 73 -11.49 2.42 12.46
CA ASN C 73 -12.75 2.51 13.20
C ASN C 73 -12.48 2.06 14.63
N TRP C 74 -12.31 3.02 15.53
CA TRP C 74 -11.97 2.71 16.91
C TRP C 74 -13.07 1.95 17.62
N ASP C 75 -14.33 2.26 17.34
CA ASP C 75 -15.42 1.53 17.99
C ASP C 75 -15.41 0.05 17.65
N ASP C 76 -14.97 -0.30 16.45
CA ASP C 76 -14.80 -1.69 16.11
C ASP C 76 -13.54 -2.26 16.74
N MET C 77 -12.47 -1.48 16.78
CA MET C 77 -11.27 -1.97 17.46
C MET C 77 -11.58 -2.27 18.93
N GLU C 78 -12.38 -1.43 19.56
CA GLU C 78 -12.86 -1.71 20.91
C GLU C 78 -13.61 -3.02 20.96
N LYS C 79 -14.47 -3.28 19.97
CA LYS C 79 -15.18 -4.55 19.97
C LYS C 79 -14.21 -5.73 19.84
N ILE C 80 -13.15 -5.56 19.06
CA ILE C 80 -12.19 -6.63 18.88
C ILE C 80 -11.42 -6.91 20.17
N TRP C 81 -10.95 -5.86 20.83
CA TRP C 81 -10.23 -6.08 22.10
C TRP C 81 -11.17 -6.62 23.18
N HIS C 82 -12.39 -6.12 23.23
CA HIS C 82 -13.37 -6.66 24.16
C HIS C 82 -13.60 -8.15 23.94
N HIS C 83 -13.82 -8.54 22.68
CA HIS C 83 -13.92 -9.95 22.35
C HIS C 83 -12.68 -10.71 22.76
N THR C 84 -11.50 -10.13 22.56
CA THR C 84 -10.26 -10.80 22.94
C THR C 84 -10.26 -11.11 24.43
N PHE C 85 -10.43 -10.08 25.25
CA PHE C 85 -10.36 -10.27 26.69
C PHE C 85 -11.46 -11.21 27.18
N TYR C 86 -12.71 -10.89 26.88
CA TYR C 86 -13.82 -11.57 27.54
C TYR C 86 -14.24 -12.88 26.87
N ASN C 87 -14.33 -12.92 25.54
CA ASN C 87 -14.89 -14.07 24.85
C ASN C 87 -13.80 -15.06 24.46
N GLU C 88 -12.73 -14.57 23.85
CA GLU C 88 -11.78 -15.43 23.18
C GLU C 88 -10.68 -15.91 24.13
N LEU C 89 -10.21 -15.02 24.99
CA LEU C 89 -9.16 -15.35 25.95
C LEU C 89 -9.71 -15.61 27.34
N ARG C 90 -10.84 -14.98 27.69
CA ARG C 90 -11.48 -15.15 28.99
C ARG C 90 -10.53 -14.77 30.13
N VAL C 91 -10.21 -13.48 30.16
CA VAL C 91 -9.29 -12.90 31.13
C VAL C 91 -9.86 -11.56 31.56
N ALA C 92 -9.59 -11.18 32.81
CA ALA C 92 -9.95 -9.86 33.28
C ALA C 92 -8.84 -8.87 32.96
N PRO C 93 -9.11 -7.83 32.16
CA PRO C 93 -8.05 -6.87 31.83
C PRO C 93 -7.67 -5.96 32.98
N GLU C 94 -8.58 -5.74 33.94
CA GLU C 94 -8.25 -4.96 35.12
C GLU C 94 -7.15 -5.58 35.96
N GLU C 95 -6.91 -6.89 35.82
CA GLU C 95 -5.96 -7.57 36.68
C GLU C 95 -4.55 -7.66 36.10
N HIS C 96 -4.39 -7.43 34.80
CA HIS C 96 -3.14 -7.76 34.14
C HIS C 96 -2.65 -6.59 33.30
N PRO C 97 -1.35 -6.27 33.36
CA PRO C 97 -0.80 -5.29 32.43
C PRO C 97 -0.74 -5.85 31.01
N VAL C 98 -0.92 -4.95 30.05
CA VAL C 98 -1.05 -5.33 28.65
C VAL C 98 0.10 -4.70 27.86
N LEU C 99 0.83 -5.54 27.15
CA LEU C 99 1.75 -5.10 26.10
C LEU C 99 1.00 -5.11 24.77
N LEU C 100 0.65 -3.93 24.27
CA LEU C 100 0.20 -3.81 22.89
C LEU C 100 1.38 -3.69 21.94
N THR C 101 1.08 -3.82 20.65
CA THR C 101 2.07 -3.73 19.59
C THR C 101 1.57 -2.82 18.48
N GLU C 102 2.50 -2.08 17.87
CA GLU C 102 2.18 -1.16 16.79
C GLU C 102 3.22 -1.30 15.69
N ALA C 103 2.80 -0.97 14.47
CA ALA C 103 3.73 -0.76 13.38
C ALA C 103 4.57 0.48 13.65
N PRO C 104 5.75 0.57 13.04
CA PRO C 104 6.54 1.79 13.11
C PRO C 104 6.01 2.87 12.17
N MET C 105 6.60 4.07 12.29
CA MET C 105 6.25 5.20 11.44
C MET C 105 4.76 5.48 11.46
N ASN C 106 4.12 5.21 12.59
CA ASN C 106 2.66 5.11 12.60
C ASN C 106 2.05 6.38 13.19
N PRO C 107 0.95 6.87 12.63
CA PRO C 107 0.46 8.20 13.00
C PRO C 107 0.27 8.34 14.50
N LYS C 108 0.87 9.41 15.04
CA LYS C 108 1.12 9.52 16.47
C LYS C 108 -0.18 9.52 17.28
N SER C 109 -1.24 10.11 16.73
CA SER C 109 -2.53 10.08 17.40
C SER C 109 -3.09 8.67 17.50
N ASN C 110 -2.64 7.75 16.65
CA ASN C 110 -3.07 6.36 16.79
C ASN C 110 -2.56 5.78 18.10
N ARG C 111 -1.27 5.97 18.39
CA ARG C 111 -0.70 5.49 19.65
C ARG C 111 -1.31 6.21 20.84
N GLU C 112 -1.64 7.50 20.67
CA GLU C 112 -2.34 8.22 21.72
C GLU C 112 -3.69 7.58 22.01
N LYS C 113 -4.57 7.55 21.02
CA LYS C 113 -5.93 7.05 21.21
C LYS C 113 -5.91 5.61 21.68
N MET C 114 -4.99 4.80 21.17
CA MET C 114 -4.82 3.44 21.64
C MET C 114 -4.69 3.38 23.15
N THR C 115 -3.87 4.26 23.74
CA THR C 115 -3.74 4.21 25.18
C THR C 115 -4.91 4.87 25.90
N GLN C 116 -5.49 5.90 25.31
CA GLN C 116 -6.69 6.49 25.89
C GLN C 116 -7.79 5.44 26.07
N ILE C 117 -7.99 4.59 25.06
CA ILE C 117 -8.92 3.47 25.18
C ILE C 117 -8.43 2.48 26.22
N MET C 118 -7.17 2.06 26.12
CA MET C 118 -6.72 0.96 26.97
C MET C 118 -6.79 1.29 28.46
N PHE C 119 -6.58 2.56 28.83
CA PHE C 119 -6.77 2.94 30.22
C PHE C 119 -8.23 3.26 30.55
N GLU C 120 -8.87 4.14 29.78
CA GLU C 120 -10.16 4.65 30.23
C GLU C 120 -11.30 3.67 29.96
N THR C 121 -11.19 2.86 28.91
CA THR C 121 -12.23 1.87 28.65
C THR C 121 -11.98 0.56 29.39
N PHE C 122 -10.78 0.00 29.28
CA PHE C 122 -10.46 -1.30 29.85
C PHE C 122 -9.80 -1.23 31.22
N ASN C 123 -9.43 -0.03 31.69
CA ASN C 123 -8.87 0.14 33.03
C ASN C 123 -7.69 -0.80 33.27
N VAL C 124 -6.88 -0.99 32.22
CA VAL C 124 -5.68 -1.81 32.39
C VAL C 124 -4.79 -1.17 33.44
N PRO C 125 -4.20 -1.95 34.35
CA PRO C 125 -3.41 -1.32 35.42
C PRO C 125 -2.10 -0.72 34.94
N ALA C 126 -1.41 -1.38 34.01
CA ALA C 126 -0.20 -0.81 33.44
C ALA C 126 -0.01 -1.39 32.04
N PHE C 127 0.75 -0.65 31.22
CA PHE C 127 0.62 -0.78 29.78
C PHE C 127 1.92 -0.44 29.09
N TYR C 128 2.10 -0.99 27.89
CA TYR C 128 3.20 -0.59 27.01
C TYR C 128 2.84 -0.84 25.55
N VAL C 129 3.58 -0.17 24.67
CA VAL C 129 3.51 -0.35 23.23
C VAL C 129 4.92 -0.57 22.70
N SER C 130 5.06 -1.48 21.74
CA SER C 130 6.35 -1.67 21.10
C SER C 130 6.18 -2.00 19.62
N ILE C 131 7.26 -1.81 18.88
CA ILE C 131 7.25 -1.92 17.42
C ILE C 131 7.23 -3.38 17.03
N GLN C 132 6.28 -3.74 16.17
CA GLN C 132 6.14 -5.11 15.70
C GLN C 132 7.48 -5.75 15.30
N ALA C 133 8.22 -5.09 14.41
CA ALA C 133 9.49 -5.62 13.95
C ALA C 133 10.49 -5.82 15.08
N VAL C 134 10.59 -4.85 15.99
CA VAL C 134 11.61 -4.92 17.03
C VAL C 134 11.47 -6.20 17.84
N LEU C 135 10.23 -6.58 18.16
CA LEU C 135 10.00 -7.81 18.91
C LEU C 135 10.60 -9.02 18.22
N SER C 136 10.67 -9.00 16.89
CA SER C 136 11.21 -10.16 16.18
C SER C 136 12.66 -10.45 16.53
N LEU C 137 13.42 -9.46 16.97
CA LEU C 137 14.78 -9.75 17.44
C LEU C 137 14.75 -10.54 18.73
N TYR C 138 13.79 -10.25 19.60
CA TYR C 138 13.64 -11.03 20.82
C TYR C 138 13.26 -12.47 20.52
N SER C 139 12.31 -12.68 19.60
CA SER C 139 11.95 -14.04 19.24
C SER C 139 13.01 -14.72 18.39
N SER C 140 13.89 -13.95 17.75
CA SER C 140 15.09 -14.53 17.16
C SER C 140 16.20 -14.74 18.18
N GLY C 141 16.12 -14.08 19.33
CA GLY C 141 17.17 -14.16 20.32
C GLY C 141 18.41 -13.40 19.88
N ARG C 142 18.23 -12.15 19.45
CA ARG C 142 19.30 -11.40 18.81
C ARG C 142 19.31 -9.96 19.30
N THR C 143 20.43 -9.30 19.04
CA THR C 143 20.59 -7.89 19.32
C THR C 143 21.03 -7.10 18.10
N THR C 144 21.23 -7.76 16.96
CA THR C 144 21.52 -7.12 15.70
C THR C 144 20.66 -7.76 14.64
N GLY C 145 20.49 -7.05 13.53
CA GLY C 145 19.77 -7.62 12.41
C GLY C 145 18.75 -6.66 11.85
N ILE C 146 18.38 -6.87 10.59
CA ILE C 146 17.37 -6.06 9.92
C ILE C 146 16.13 -6.92 9.74
N VAL C 147 14.98 -6.39 10.15
CA VAL C 147 13.75 -7.15 10.19
C VAL C 147 12.85 -6.71 9.04
N LEU C 148 12.54 -7.64 8.15
CA LEU C 148 11.35 -7.52 7.32
C LEU C 148 10.15 -8.04 8.10
N ASP C 149 9.30 -7.13 8.56
CA ASP C 149 7.92 -7.48 8.87
C ASP C 149 7.08 -7.34 7.62
N SER C 150 6.11 -8.23 7.45
CA SER C 150 5.11 -8.01 6.40
C SER C 150 3.77 -8.58 6.89
N GLY C 151 3.04 -7.76 7.63
CA GLY C 151 1.72 -8.15 8.07
C GLY C 151 0.75 -8.16 6.90
N ASP C 152 -0.54 -8.21 7.24
CA ASP C 152 -1.57 -7.93 6.25
C ASP C 152 -1.55 -6.48 5.81
N GLY C 153 -1.19 -5.56 6.69
CA GLY C 153 -1.36 -4.15 6.39
C GLY C 153 -0.12 -3.41 5.94
N VAL C 154 1.03 -3.70 6.55
CA VAL C 154 2.24 -2.95 6.28
C VAL C 154 3.43 -3.89 6.16
N THR C 155 4.27 -3.64 5.17
CA THR C 155 5.64 -4.11 5.17
C THR C 155 6.51 -2.97 5.69
N HIS C 156 7.31 -3.24 6.71
CA HIS C 156 8.26 -2.26 7.19
C HIS C 156 9.60 -2.92 7.49
N VAL C 157 10.67 -2.27 7.06
CA VAL C 157 12.04 -2.76 7.23
C VAL C 157 12.68 -1.96 8.35
N VAL C 158 13.20 -2.67 9.35
CA VAL C 158 13.75 -2.00 10.53
C VAL C 158 15.13 -2.56 10.85
N PRO C 159 16.20 -1.85 10.51
CA PRO C 159 17.53 -2.26 10.94
C PRO C 159 17.79 -1.93 12.40
N ILE C 160 18.37 -2.88 13.11
CA ILE C 160 18.78 -2.68 14.50
C ILE C 160 20.20 -3.18 14.65
N TYR C 161 21.00 -2.43 15.41
CA TYR C 161 22.39 -2.81 15.66
C TYR C 161 22.72 -2.56 17.12
N GLU C 162 23.17 -3.59 17.82
CA GLU C 162 23.57 -3.50 19.23
C GLU C 162 22.48 -2.86 20.10
N GLY C 163 21.22 -3.08 19.72
CA GLY C 163 20.10 -2.48 20.43
C GLY C 163 19.85 -1.02 20.17
N PHE C 164 20.56 -0.42 19.22
CA PHE C 164 20.27 0.93 18.74
C PHE C 164 19.47 0.87 17.45
N SER C 165 18.48 1.75 17.34
CA SER C 165 17.36 1.55 16.43
C SER C 165 17.57 2.17 15.05
N LEU C 166 18.66 2.88 14.84
CA LEU C 166 18.97 3.42 13.52
C LEU C 166 17.73 4.02 12.87
N PRO C 167 16.99 4.88 13.58
CA PRO C 167 15.61 5.18 13.17
C PRO C 167 15.52 5.84 11.81
N HIS C 168 16.58 6.50 11.35
CA HIS C 168 16.58 7.13 10.04
C HIS C 168 16.60 6.12 8.89
N ALA C 169 16.84 4.85 9.16
CA ALA C 169 16.94 3.84 8.12
C ALA C 169 15.75 2.89 8.09
N ILE C 170 14.66 3.22 8.76
CA ILE C 170 13.41 2.48 8.64
C ILE C 170 12.74 2.83 7.32
N LEU C 171 12.43 1.79 6.54
CA LEU C 171 11.63 1.92 5.32
C LEU C 171 10.28 1.25 5.55
N ARG C 172 9.20 2.00 5.31
CA ARG C 172 7.85 1.48 5.44
C ARG C 172 7.19 1.36 4.08
N ILE C 173 6.60 0.19 3.81
CA ILE C 173 6.19 -0.21 2.48
C ILE C 173 4.78 -0.78 2.58
N ASP C 174 3.89 -0.31 1.70
CA ASP C 174 2.46 -0.58 1.82
C ASP C 174 2.01 -1.83 1.07
N LEU C 175 2.91 -2.52 0.38
CA LEU C 175 2.61 -3.89 -0.05
C LEU C 175 2.46 -4.79 1.15
N ALA C 176 1.35 -5.53 1.20
CA ALA C 176 1.08 -6.39 2.33
C ALA C 176 0.02 -7.41 1.95
N GLY C 177 -0.13 -8.42 2.82
CA GLY C 177 -0.96 -9.57 2.49
C GLY C 177 -2.35 -9.21 2.00
N ARG C 178 -2.95 -8.18 2.58
CA ARG C 178 -4.27 -7.75 2.12
C ARG C 178 -4.22 -7.26 0.68
N ASP C 179 -3.19 -6.49 0.33
CA ASP C 179 -3.10 -5.97 -1.03
C ASP C 179 -2.71 -7.06 -2.02
N LEU C 180 -1.98 -8.09 -1.58
CA LEU C 180 -1.76 -9.24 -2.43
C LEU C 180 -3.05 -10.02 -2.64
N THR C 181 -3.88 -10.11 -1.60
CA THR C 181 -5.20 -10.71 -1.76
C THR C 181 -6.00 -9.99 -2.83
N ASP C 182 -6.04 -8.65 -2.73
CA ASP C 182 -6.77 -7.86 -3.71
C ASP C 182 -6.21 -8.03 -5.11
N TYR C 183 -4.88 -8.01 -5.26
CA TYR C 183 -4.30 -8.19 -6.59
C TYR C 183 -4.59 -9.58 -7.15
N LEU C 184 -4.55 -10.61 -6.30
CA LEU C 184 -4.91 -11.94 -6.76
C LEU C 184 -6.34 -11.96 -7.25
N MET C 185 -7.23 -11.29 -6.52
CA MET C 185 -8.62 -11.18 -6.97
C MET C 185 -8.71 -10.48 -8.31
N LYS C 186 -7.87 -9.46 -8.53
CA LYS C 186 -7.86 -8.77 -9.81
C LYS C 186 -7.43 -9.69 -10.96
N ILE C 187 -6.33 -10.42 -10.78
CA ILE C 187 -5.88 -11.28 -11.87
C ILE C 187 -6.71 -12.57 -11.95
N LEU C 188 -7.27 -13.03 -10.84
CA LEU C 188 -8.08 -14.24 -10.89
C LEU C 188 -9.36 -14.03 -11.68
N SER C 189 -9.74 -12.77 -11.93
CA SER C 189 -10.78 -12.47 -12.90
C SER C 189 -10.37 -12.88 -14.31
N GLU C 190 -9.08 -13.07 -14.57
CA GLU C 190 -8.64 -13.39 -15.92
C GLU C 190 -9.13 -14.74 -16.38
N ARG C 191 -9.33 -15.68 -15.46
CA ARG C 191 -9.97 -16.95 -15.77
C ARG C 191 -11.49 -16.87 -15.71
N GLY C 192 -12.04 -15.71 -15.38
CA GLY C 192 -13.47 -15.53 -15.32
C GLY C 192 -14.11 -15.92 -14.00
N TYR C 193 -13.33 -16.27 -13.00
CA TYR C 193 -13.85 -16.38 -11.65
C TYR C 193 -14.04 -15.00 -11.06
N SER C 194 -15.24 -14.72 -10.58
CA SER C 194 -15.55 -13.44 -9.97
C SER C 194 -15.63 -13.64 -8.46
N PHE C 195 -14.94 -12.76 -7.74
CA PHE C 195 -14.82 -12.86 -6.29
C PHE C 195 -14.88 -11.49 -5.65
N SER C 196 -15.66 -10.60 -6.25
CA SER C 196 -15.56 -9.20 -5.88
C SER C 196 -16.03 -8.96 -4.46
N THR C 197 -16.84 -9.87 -3.92
CA THR C 197 -17.39 -9.57 -2.62
C THR C 197 -16.38 -9.77 -1.49
N THR C 198 -16.65 -9.09 -0.38
CA THR C 198 -15.82 -9.27 0.81
C THR C 198 -15.90 -10.70 1.33
N ALA C 199 -17.08 -11.30 1.22
CA ALA C 199 -17.22 -12.71 1.56
C ALA C 199 -16.39 -13.56 0.63
N GLU C 200 -16.19 -13.10 -0.61
CA GLU C 200 -15.34 -13.80 -1.54
C GLU C 200 -13.90 -13.33 -1.42
N ARG C 201 -13.70 -12.08 -0.99
CA ARG C 201 -12.36 -11.62 -0.63
C ARG C 201 -11.71 -12.56 0.38
N GLU C 202 -12.49 -13.04 1.33
CA GLU C 202 -11.98 -14.01 2.30
C GLU C 202 -11.60 -15.33 1.63
N ILE C 203 -12.36 -15.75 0.63
CA ILE C 203 -12.03 -16.96 -0.09
C ILE C 203 -10.75 -16.79 -0.89
N VAL C 204 -10.57 -15.63 -1.51
CA VAL C 204 -9.32 -15.37 -2.21
C VAL C 204 -8.15 -15.36 -1.23
N ARG C 205 -8.41 -14.89 -0.01
CA ARG C 205 -7.37 -14.96 1.03
C ARG C 205 -6.97 -16.39 1.33
N ASP C 206 -7.95 -17.30 1.44
CA ASP C 206 -7.60 -18.70 1.65
C ASP C 206 -6.88 -19.30 0.45
N ILE C 207 -7.32 -18.98 -0.76
CA ILE C 207 -6.64 -19.49 -1.96
C ILE C 207 -5.18 -19.05 -1.97
N LYS C 208 -4.94 -17.78 -1.68
CA LYS C 208 -3.56 -17.29 -1.60
C LYS C 208 -2.80 -18.03 -0.53
N GLU C 209 -3.38 -18.14 0.67
CA GLU C 209 -2.68 -18.70 1.81
C GLU C 209 -2.34 -20.17 1.61
N LYS C 210 -3.08 -20.87 0.75
CA LYS C 210 -2.81 -22.30 0.53
C LYS C 210 -2.00 -22.60 -0.73
N LEU C 211 -2.36 -22.03 -1.88
CA LEU C 211 -1.82 -22.52 -3.15
C LEU C 211 -0.73 -21.66 -3.76
N CYS C 212 -0.56 -20.42 -3.33
CA CYS C 212 0.40 -19.54 -3.99
C CYS C 212 1.81 -19.75 -3.47
N TYR C 213 2.79 -19.36 -4.30
CA TYR C 213 4.20 -19.49 -3.97
C TYR C 213 4.96 -18.41 -4.74
N VAL C 214 6.12 -18.05 -4.20
CA VAL C 214 6.96 -17.03 -4.83
C VAL C 214 7.83 -17.65 -5.90
N ALA C 215 7.74 -17.11 -7.12
CA ALA C 215 8.59 -17.56 -8.21
C ALA C 215 10.05 -17.29 -7.93
N LEU C 216 10.91 -18.26 -8.25
CA LEU C 216 12.34 -18.06 -8.12
C LEU C 216 12.98 -17.54 -9.40
N ASP C 217 12.31 -17.69 -10.54
CA ASP C 217 12.64 -16.94 -11.76
C ASP C 217 11.31 -16.65 -12.44
N PHE C 218 10.86 -15.41 -12.32
CA PHE C 218 9.52 -15.06 -12.78
C PHE C 218 9.36 -15.25 -14.29
N GLU C 219 10.36 -14.85 -15.07
CA GLU C 219 10.26 -15.04 -16.52
C GLU C 219 10.31 -16.49 -16.93
N GLN C 220 11.19 -17.28 -16.32
CA GLN C 220 11.25 -18.70 -16.65
C GLN C 220 9.98 -19.44 -16.25
N GLU C 221 9.44 -19.14 -15.07
CA GLU C 221 8.21 -19.82 -14.66
C GLU C 221 6.99 -19.33 -15.42
N MET C 222 6.98 -18.07 -15.86
CA MET C 222 5.98 -17.64 -16.84
C MET C 222 6.10 -18.43 -18.14
N GLN C 223 7.32 -18.69 -18.59
CA GLN C 223 7.50 -19.45 -19.81
C GLN C 223 7.02 -20.89 -19.64
N THR C 224 7.44 -21.54 -18.56
CA THR C 224 7.07 -22.94 -18.34
C THR C 224 5.58 -23.12 -18.04
N ALA C 225 4.95 -22.15 -17.36
CA ALA C 225 3.50 -22.20 -17.20
C ALA C 225 2.75 -21.91 -18.48
N ALA C 226 3.36 -21.15 -19.40
CA ALA C 226 2.78 -21.06 -20.74
C ALA C 226 2.98 -22.35 -21.52
N GLN C 227 4.07 -23.07 -21.27
CA GLN C 227 4.33 -24.32 -21.98
C GLN C 227 3.58 -25.50 -21.39
N SER C 228 3.34 -25.53 -20.08
CA SER C 228 2.88 -26.76 -19.45
C SER C 228 1.96 -26.46 -18.28
N SER C 229 1.00 -27.37 -18.07
CA SER C 229 0.10 -27.39 -16.92
C SER C 229 0.74 -27.84 -15.63
N SER C 230 2.06 -28.10 -15.61
CA SER C 230 2.69 -28.67 -14.43
C SER C 230 2.35 -27.91 -13.16
N ILE C 231 2.20 -26.59 -13.25
CA ILE C 231 1.96 -25.75 -12.08
C ILE C 231 0.48 -25.66 -11.70
N GLU C 232 -0.43 -26.09 -12.56
CA GLU C 232 -1.84 -25.72 -12.49
C GLU C 232 -2.59 -26.52 -11.42
N LYS C 233 -2.30 -26.20 -10.17
CA LYS C 233 -3.08 -26.75 -9.07
C LYS C 233 -4.52 -26.24 -9.12
N SER C 234 -5.38 -26.87 -8.32
CA SER C 234 -6.81 -26.63 -8.35
C SER C 234 -7.37 -26.52 -6.93
N TYR C 235 -8.33 -25.62 -6.74
CA TYR C 235 -8.96 -25.37 -5.46
C TYR C 235 -10.46 -25.61 -5.54
N GLU C 236 -11.05 -25.96 -4.41
CA GLU C 236 -12.48 -26.24 -4.30
C GLU C 236 -13.14 -25.21 -3.40
N LEU C 237 -14.05 -24.42 -3.97
CA LEU C 237 -14.67 -23.32 -3.25
C LEU C 237 -15.59 -23.83 -2.15
N PRO C 238 -16.03 -22.94 -1.26
CA PRO C 238 -17.04 -23.32 -0.26
C PRO C 238 -18.37 -23.77 -0.84
N ASP C 239 -18.60 -23.63 -2.14
CA ASP C 239 -19.77 -24.19 -2.78
C ASP C 239 -19.48 -25.51 -3.51
N GLY C 240 -18.24 -25.97 -3.45
CA GLY C 240 -17.86 -27.23 -4.06
C GLY C 240 -17.50 -27.16 -5.52
N GLN C 241 -17.62 -25.99 -6.16
CA GLN C 241 -17.07 -25.84 -7.51
C GLN C 241 -15.56 -25.93 -7.44
N VAL C 242 -14.97 -26.63 -8.38
CA VAL C 242 -13.52 -26.63 -8.54
C VAL C 242 -13.10 -25.48 -9.44
N ILE C 243 -11.94 -24.92 -9.12
CA ILE C 243 -11.26 -23.95 -9.98
C ILE C 243 -9.83 -24.43 -10.18
N THR C 244 -9.25 -24.03 -11.31
CA THR C 244 -7.84 -24.24 -11.57
C THR C 244 -7.13 -22.91 -11.70
N ILE C 245 -5.93 -22.84 -11.15
CA ILE C 245 -5.15 -21.61 -11.07
C ILE C 245 -3.90 -21.80 -11.93
N GLY C 246 -3.75 -20.95 -12.94
CA GLY C 246 -2.58 -21.03 -13.80
C GLY C 246 -1.38 -20.30 -13.23
N ASN C 247 -0.71 -19.51 -14.07
CA ASN C 247 0.43 -18.73 -13.61
C ASN C 247 0.08 -17.71 -12.53
N GLU C 248 -1.21 -17.42 -12.37
CA GLU C 248 -1.64 -16.60 -11.24
C GLU C 248 -1.11 -17.15 -9.92
N ARG C 249 -0.84 -18.45 -9.87
CA ARG C 249 -0.36 -19.06 -8.63
C ARG C 249 0.92 -18.40 -8.12
N PHE C 250 1.73 -17.83 -9.02
CA PHE C 250 2.90 -17.06 -8.62
C PHE C 250 2.91 -15.62 -9.08
N ARG C 251 2.20 -15.28 -10.16
CA ARG C 251 2.15 -13.89 -10.60
C ARG C 251 1.63 -12.96 -9.51
N ALA C 252 0.77 -13.46 -8.62
CA ALA C 252 0.25 -12.63 -7.53
C ALA C 252 1.33 -12.26 -6.51
N PRO C 253 1.96 -13.22 -5.84
CA PRO C 253 3.01 -12.86 -4.87
C PRO C 253 4.24 -12.21 -5.48
N GLU C 254 4.45 -12.36 -6.78
CA GLU C 254 5.51 -11.58 -7.44
C GLU C 254 5.30 -10.08 -7.31
N ALA C 255 4.08 -9.64 -6.98
CA ALA C 255 3.85 -8.22 -6.69
C ALA C 255 4.77 -7.69 -5.60
N LEU C 256 5.11 -8.52 -4.62
CA LEU C 256 6.07 -8.10 -3.60
C LEU C 256 7.41 -7.66 -4.18
N PHE C 257 7.75 -8.11 -5.38
CA PHE C 257 9.06 -7.85 -5.95
C PHE C 257 9.04 -6.92 -7.15
N HIS C 258 7.88 -6.70 -7.78
CA HIS C 258 7.72 -5.66 -8.78
C HIS C 258 6.43 -4.92 -8.51
N PRO C 259 6.43 -4.02 -7.52
CA PRO C 259 5.19 -3.30 -7.17
C PRO C 259 4.64 -2.43 -8.28
N SER C 260 5.43 -2.17 -9.32
CA SER C 260 4.87 -1.52 -10.51
C SER C 260 3.68 -2.27 -11.06
N VAL C 261 3.59 -3.57 -10.78
CA VAL C 261 2.41 -4.34 -11.15
C VAL C 261 1.16 -3.79 -10.47
N LEU C 262 1.28 -3.38 -9.22
CA LEU C 262 0.18 -2.70 -8.54
C LEU C 262 0.16 -1.21 -8.84
N GLY C 263 1.08 -0.74 -9.66
CA GLY C 263 1.22 0.65 -9.99
C GLY C 263 1.81 1.46 -8.87
N LEU C 264 2.38 0.80 -7.86
CA LEU C 264 2.89 1.54 -6.74
C LEU C 264 4.22 2.14 -7.12
N GLU C 265 4.50 3.32 -6.59
CA GLU C 265 5.83 3.88 -6.70
C GLU C 265 6.87 3.12 -5.95
N SER C 266 6.49 2.15 -5.14
CA SER C 266 7.47 1.67 -4.19
C SER C 266 8.38 0.70 -4.91
N ALA C 267 9.14 -0.04 -4.13
CA ALA C 267 10.08 -0.97 -4.71
C ALA C 267 10.05 -2.23 -3.87
N GLY C 268 10.51 -3.30 -4.48
CA GLY C 268 10.33 -4.58 -3.86
C GLY C 268 10.98 -4.65 -2.50
N ILE C 269 10.47 -5.59 -1.72
CA ILE C 269 10.97 -5.81 -0.37
C ILE C 269 12.44 -6.19 -0.40
N ASP C 270 12.89 -6.79 -1.50
CA ASP C 270 14.31 -7.01 -1.69
C ASP C 270 15.04 -5.68 -1.82
N GLN C 271 14.67 -4.88 -2.82
CA GLN C 271 15.42 -3.68 -3.12
C GLN C 271 15.30 -2.67 -1.99
N THR C 272 14.14 -2.59 -1.33
CA THR C 272 14.02 -1.73 -0.16
C THR C 272 14.78 -2.23 1.05
N THR C 273 14.92 -3.55 1.21
CA THR C 273 15.81 -4.06 2.26
C THR C 273 17.24 -3.63 1.99
N TYR C 274 17.73 -3.91 0.78
CA TYR C 274 19.05 -3.47 0.38
C TYR C 274 19.23 -1.97 0.59
N ASN C 275 18.23 -1.18 0.19
CA ASN C 275 18.33 0.27 0.30
C ASN C 275 18.36 0.73 1.76
N SER C 276 17.64 0.07 2.65
CA SER C 276 17.76 0.39 4.07
C SER C 276 19.15 0.09 4.59
N ILE C 277 19.72 -1.04 4.17
CA ILE C 277 21.10 -1.35 4.56
C ILE C 277 22.05 -0.29 4.02
N MET C 278 21.87 0.10 2.76
CA MET C 278 22.70 1.18 2.23
C MET C 278 22.52 2.45 3.06
N LYS C 279 21.30 2.72 3.49
CA LYS C 279 21.03 3.97 4.20
C LYS C 279 21.63 4.01 5.60
N CYS C 280 21.83 2.86 6.26
CA CYS C 280 22.08 2.97 7.70
C CYS C 280 23.47 3.53 7.97
N ASP C 281 24.51 2.80 7.56
CA ASP C 281 25.88 3.27 7.76
C ASP C 281 26.82 2.47 6.86
N VAL C 282 28.09 2.86 6.84
CA VAL C 282 29.12 1.95 6.34
C VAL C 282 29.59 0.92 7.37
N ASP C 283 29.61 1.28 8.65
CA ASP C 283 30.20 0.41 9.68
C ASP C 283 29.44 -0.90 9.82
N VAL C 284 28.11 -0.84 9.89
CA VAL C 284 27.34 -1.97 10.38
C VAL C 284 26.92 -2.94 9.28
N ARG C 285 26.95 -2.52 8.02
CA ARG C 285 26.32 -3.33 6.98
C ARG C 285 26.92 -4.72 6.95
N LYS C 286 28.19 -4.82 7.35
CA LYS C 286 28.83 -6.12 7.52
C LYS C 286 27.99 -7.07 8.37
N GLU C 287 27.24 -6.53 9.32
CA GLU C 287 26.43 -7.34 10.24
C GLU C 287 24.94 -7.28 9.91
N LEU C 288 24.55 -6.66 8.79
CA LEU C 288 23.16 -6.61 8.40
C LEU C 288 22.83 -7.29 7.09
N TYR C 289 23.81 -7.52 6.22
CA TYR C 289 23.56 -8.37 5.07
C TYR C 289 23.42 -9.83 5.50
N GLY C 290 24.33 -10.29 6.35
CA GLY C 290 23.99 -11.38 7.25
C GLY C 290 22.97 -10.96 8.28
N ASN C 291 22.23 -11.94 8.79
CA ASN C 291 21.28 -11.71 9.87
C ASN C 291 20.13 -10.80 9.40
N ILE C 292 19.61 -11.08 8.22
CA ILE C 292 18.32 -10.53 7.79
C ILE C 292 17.19 -11.33 8.39
N VAL C 293 16.68 -10.89 9.54
CA VAL C 293 15.53 -11.52 10.13
C VAL C 293 14.29 -11.20 9.30
N MET C 294 13.31 -12.10 9.33
CA MET C 294 12.12 -11.99 8.51
C MET C 294 10.91 -12.43 9.30
N SER C 295 9.79 -11.72 9.12
CA SER C 295 8.71 -11.72 10.11
C SER C 295 7.37 -11.50 9.42
N GLY C 296 6.33 -11.99 10.09
CA GLY C 296 4.96 -11.71 9.74
C GLY C 296 4.45 -12.55 8.57
N GLY C 297 3.12 -12.71 8.56
CA GLY C 297 2.50 -13.77 7.79
C GLY C 297 2.75 -13.70 6.30
N THR C 298 2.90 -12.49 5.75
CA THR C 298 3.15 -12.37 4.31
C THR C 298 4.51 -12.91 3.92
N THR C 299 5.43 -13.03 4.87
CA THR C 299 6.73 -13.63 4.62
C THR C 299 6.69 -15.15 4.65
N MET C 300 5.49 -15.72 4.67
CA MET C 300 5.30 -17.17 4.81
C MET C 300 5.28 -17.89 3.47
N PHE C 301 5.27 -17.18 2.36
CA PHE C 301 5.20 -17.86 1.07
C PHE C 301 6.35 -18.85 0.93
N PRO C 302 6.10 -20.04 0.39
CA PRO C 302 7.21 -20.88 -0.09
C PRO C 302 8.05 -20.16 -1.13
N GLY C 303 9.37 -20.35 -1.03
CA GLY C 303 10.29 -19.76 -1.97
C GLY C 303 10.69 -18.32 -1.69
N ILE C 304 10.08 -17.66 -0.71
CA ILE C 304 10.36 -16.25 -0.49
C ILE C 304 11.77 -16.04 0.02
N ALA C 305 12.22 -16.90 0.93
CA ALA C 305 13.58 -16.76 1.46
C ALA C 305 14.63 -17.01 0.37
N GLU C 306 14.39 -18.00 -0.49
CA GLU C 306 15.29 -18.24 -1.62
C GLU C 306 15.35 -17.04 -2.55
N ARG C 307 14.20 -16.45 -2.84
CA ARG C 307 14.17 -15.26 -3.69
C ARG C 307 14.90 -14.09 -3.03
N MET C 308 14.68 -13.90 -1.73
CA MET C 308 15.41 -12.87 -1.01
C MET C 308 16.92 -13.08 -1.09
N GLN C 309 17.37 -14.32 -0.90
CA GLN C 309 18.78 -14.64 -1.08
C GLN C 309 19.25 -14.21 -2.46
N LYS C 310 18.56 -14.67 -3.50
CA LYS C 310 18.98 -14.35 -4.86
C LYS C 310 19.04 -12.85 -5.11
N GLU C 311 18.03 -12.12 -4.65
CA GLU C 311 17.97 -10.68 -4.95
C GLU C 311 19.01 -9.92 -4.14
N ILE C 312 19.06 -10.14 -2.84
CA ILE C 312 20.00 -9.39 -2.01
C ILE C 312 21.43 -9.70 -2.41
N THR C 313 21.73 -10.98 -2.71
CA THR C 313 23.05 -11.30 -3.19
C THR C 313 23.32 -10.69 -4.55
N ALA C 314 22.27 -10.39 -5.32
CA ALA C 314 22.48 -9.66 -6.57
C ALA C 314 22.68 -8.17 -6.34
N LEU C 315 22.22 -7.64 -5.22
CA LEU C 315 22.35 -6.23 -4.89
C LEU C 315 23.48 -5.94 -3.93
N ALA C 316 23.68 -6.78 -2.93
CA ALA C 316 24.73 -6.57 -1.96
C ALA C 316 26.10 -6.64 -2.62
N PRO C 317 27.13 -6.12 -1.96
CA PRO C 317 28.47 -6.12 -2.55
C PRO C 317 28.94 -7.52 -2.86
N SER C 318 29.81 -7.62 -3.87
CA SER C 318 30.48 -8.87 -4.15
C SER C 318 31.32 -9.33 -2.96
N SER C 319 31.23 -10.63 -2.68
CA SER C 319 31.87 -11.23 -1.50
C SER C 319 31.38 -10.59 -0.20
N MET C 320 30.10 -10.26 -0.16
CA MET C 320 29.42 -9.98 1.11
C MET C 320 28.46 -11.12 1.42
N LYS C 321 28.56 -11.65 2.65
CA LYS C 321 27.68 -12.70 3.10
C LYS C 321 26.24 -12.21 3.19
N VAL C 322 25.30 -13.05 2.77
CA VAL C 322 23.87 -12.81 2.94
C VAL C 322 23.24 -14.03 3.61
N LYS C 323 22.40 -13.79 4.60
CA LYS C 323 21.72 -14.87 5.31
C LYS C 323 20.32 -14.42 5.70
N ILE C 324 19.31 -14.94 5.01
CA ILE C 324 17.91 -14.65 5.30
C ILE C 324 17.46 -15.59 6.42
N ILE C 325 17.45 -15.09 7.65
CA ILE C 325 17.09 -15.90 8.82
C ILE C 325 15.57 -16.02 8.85
N ALA C 326 15.05 -17.18 8.44
CA ALA C 326 13.61 -17.40 8.30
C ALA C 326 13.21 -18.63 9.10
N PRO C 327 12.87 -18.46 10.38
CA PRO C 327 12.34 -19.57 11.16
C PRO C 327 11.02 -20.07 10.59
N PRO C 328 10.52 -21.21 11.08
CA PRO C 328 9.13 -21.59 10.78
C PRO C 328 8.10 -20.78 11.55
N GLU C 329 8.48 -20.04 12.59
CA GLU C 329 7.55 -19.36 13.47
C GLU C 329 7.11 -18.01 12.95
N ARG C 330 7.47 -17.68 11.72
CA ARG C 330 7.39 -16.30 11.23
C ARG C 330 6.03 -15.70 11.55
N LYS C 331 4.97 -16.46 11.34
CA LYS C 331 3.61 -15.99 11.53
C LYS C 331 3.32 -15.54 12.95
N TYR C 332 4.12 -15.96 13.92
CA TYR C 332 3.95 -15.56 15.31
C TYR C 332 5.17 -14.87 15.91
N SER C 333 6.26 -14.72 15.16
CA SER C 333 7.51 -14.25 15.72
C SER C 333 7.37 -12.92 16.45
N VAL C 334 6.47 -12.04 15.99
CA VAL C 334 6.19 -10.81 16.71
C VAL C 334 5.65 -11.11 18.09
N TRP C 335 4.58 -11.91 18.16
CA TRP C 335 3.97 -12.20 19.45
C TRP C 335 4.95 -12.90 20.39
N ILE C 336 5.66 -13.89 19.89
CA ILE C 336 6.66 -14.57 20.71
C ILE C 336 7.69 -13.57 21.23
N GLY C 337 8.09 -12.63 20.39
CA GLY C 337 9.00 -11.59 20.85
C GLY C 337 8.42 -10.77 21.98
N GLY C 338 7.16 -10.37 21.85
CA GLY C 338 6.50 -9.66 22.93
C GLY C 338 6.40 -10.49 24.20
N SER C 339 6.14 -11.78 24.05
CA SER C 339 6.08 -12.68 25.20
C SER C 339 7.40 -12.71 25.95
N ILE C 340 8.50 -12.81 25.21
CA ILE C 340 9.82 -12.74 25.84
C ILE C 340 10.01 -11.39 26.52
N LEU C 341 9.73 -10.31 25.80
CA LEU C 341 10.00 -8.98 26.35
C LEU C 341 9.22 -8.74 27.63
N ALA C 342 7.92 -9.07 27.62
CA ALA C 342 7.11 -8.94 28.83
C ALA C 342 7.55 -9.91 29.91
N SER C 343 8.18 -11.02 29.53
CA SER C 343 8.69 -11.95 30.54
C SER C 343 9.87 -11.35 31.31
N LEU C 344 10.74 -10.62 30.62
CA LEU C 344 11.99 -10.18 31.23
C LEU C 344 11.71 -9.39 32.51
N THR C 345 12.42 -9.78 33.58
CA THR C 345 12.33 -9.06 34.83
C THR C 345 12.85 -7.63 34.68
N THR C 346 13.90 -7.44 33.89
CA THR C 346 14.46 -6.13 33.60
C THR C 346 13.60 -5.27 32.71
N PHE C 347 12.34 -5.65 32.49
CA PHE C 347 11.37 -4.80 31.82
C PHE C 347 10.24 -4.34 32.73
N GLN C 348 10.05 -4.98 33.88
CA GLN C 348 8.89 -4.73 34.71
C GLN C 348 8.85 -3.33 35.29
N GLN C 349 9.96 -2.60 35.24
CA GLN C 349 10.01 -1.21 35.65
C GLN C 349 9.59 -0.23 34.56
N MET C 350 9.33 -0.71 33.34
CA MET C 350 9.07 0.18 32.21
C MET C 350 7.59 0.42 31.95
N TRP C 351 6.70 -0.42 32.47
CA TRP C 351 5.27 -0.25 32.22
C TRP C 351 4.81 1.16 32.57
N ILE C 352 3.98 1.73 31.71
CA ILE C 352 3.25 2.95 32.03
C ILE C 352 2.21 2.63 33.08
N SER C 353 2.30 3.28 34.24
CA SER C 353 1.30 3.08 35.28
C SER C 353 0.00 3.81 34.97
N LYS C 354 -1.11 3.20 35.40
CA LYS C 354 -2.37 3.91 35.50
C LYS C 354 -2.23 5.20 36.29
N GLN C 355 -1.40 5.18 37.34
CA GLN C 355 -1.16 6.38 38.11
C GLN C 355 -0.49 7.47 37.27
N GLU C 356 0.46 7.07 36.43
CA GLU C 356 1.09 8.04 35.54
C GLU C 356 0.10 8.57 34.50
N TYR C 357 -0.77 7.70 33.98
CA TYR C 357 -1.83 8.17 33.09
C TYR C 357 -2.81 9.10 33.80
N ASP C 358 -2.93 8.99 35.11
CA ASP C 358 -3.71 9.96 35.86
C ASP C 358 -2.93 11.25 36.10
N GLU C 359 -1.61 11.16 36.15
CA GLU C 359 -0.79 12.37 36.25
C GLU C 359 -0.80 13.15 34.93
N SER C 360 -0.73 12.44 33.81
CA SER C 360 -0.83 13.09 32.51
C SER C 360 -1.55 12.17 31.54
N GLY C 361 -2.31 12.78 30.64
CA GLY C 361 -3.14 12.05 29.71
C GLY C 361 -2.35 11.27 28.67
N PRO C 362 -3.07 10.74 27.70
CA PRO C 362 -2.45 9.84 26.69
C PRO C 362 -1.15 10.33 26.10
N SER C 363 -0.95 11.65 25.99
CA SER C 363 0.32 12.17 25.50
C SER C 363 1.52 11.66 26.30
N ILE C 364 1.29 11.19 27.53
CA ILE C 364 2.34 10.57 28.33
C ILE C 364 3.10 9.50 27.55
N VAL C 365 2.43 8.81 26.64
CA VAL C 365 3.04 7.69 25.94
C VAL C 365 4.25 8.14 25.13
N HIS C 366 4.16 9.30 24.48
CA HIS C 366 5.28 9.76 23.68
C HIS C 366 6.52 10.08 24.51
N HIS C 367 6.37 10.23 25.81
CA HIS C 367 7.51 10.36 26.71
C HIS C 367 8.03 9.01 27.18
N LYS C 368 7.12 8.15 27.63
CA LYS C 368 7.49 6.90 28.28
C LYS C 368 7.91 5.83 27.29
N CYS C 369 7.32 5.80 26.10
CA CYS C 369 7.39 4.67 25.21
C CYS C 369 8.30 4.95 24.02
N PHE C 370 9.17 4.00 23.71
CA PHE C 370 10.02 4.04 22.53
C PHE C 370 10.15 2.65 21.93
N ALA D 1 29.31 37.63 -26.43
CA ALA D 1 28.23 37.02 -25.59
C ALA D 1 28.65 35.67 -25.06
N ALA D 2 28.07 35.28 -23.93
CA ALA D 2 28.36 33.99 -23.32
C ALA D 2 27.14 33.53 -22.54
N LEU D 3 27.06 32.21 -22.35
CA LEU D 3 25.98 31.59 -21.61
C LEU D 3 26.45 31.16 -20.23
N VAL D 4 25.65 31.45 -19.22
CA VAL D 4 25.96 31.12 -17.83
C VAL D 4 24.92 30.14 -17.34
N ILE D 5 25.38 29.03 -16.76
CA ILE D 5 24.51 27.95 -16.35
C ILE D 5 24.87 27.57 -14.92
N ASP D 6 23.88 27.65 -14.01
CA ASP D 6 24.10 27.26 -12.62
C ASP D 6 24.25 25.75 -12.48
N ASN D 7 23.71 24.98 -13.42
CA ASN D 7 23.72 23.53 -13.34
C ASN D 7 23.24 23.07 -11.97
N GLY D 8 22.15 23.70 -11.51
CA GLY D 8 21.81 23.64 -10.11
C GLY D 8 21.50 22.23 -9.66
N SER D 9 21.82 21.94 -8.41
CA SER D 9 21.42 20.65 -7.84
C SER D 9 19.90 20.53 -7.82
N GLY D 10 19.20 21.65 -7.75
CA GLY D 10 17.76 21.65 -7.67
C GLY D 10 17.11 22.33 -8.86
N MET D 11 16.97 23.65 -8.78
CA MET D 11 16.58 24.44 -9.94
C MET D 11 17.80 24.66 -10.81
N CYS D 12 17.71 24.24 -12.07
CA CYS D 12 18.62 24.76 -13.07
C CYS D 12 18.35 26.24 -13.33
N LYS D 13 19.42 26.99 -13.61
CA LYS D 13 19.33 28.36 -14.05
C LYS D 13 20.26 28.55 -15.22
N ALA D 14 19.79 29.25 -16.26
CA ALA D 14 20.62 29.55 -17.40
C ALA D 14 20.21 30.90 -17.98
N GLY D 15 21.16 31.55 -18.62
CA GLY D 15 20.89 32.83 -19.25
C GLY D 15 22.15 33.36 -19.90
N PHE D 16 22.02 34.54 -20.49
CA PHE D 16 23.16 35.21 -21.08
C PHE D 16 23.94 36.02 -20.05
N ALA D 17 25.25 36.06 -20.23
CA ALA D 17 26.10 36.90 -19.42
C ALA D 17 25.72 38.37 -19.58
N GLY D 18 25.86 39.12 -18.50
CA GLY D 18 25.47 40.51 -18.46
C GLY D 18 24.02 40.77 -18.15
N ASP D 19 23.19 39.73 -18.07
CA ASP D 19 21.85 39.89 -17.55
C ASP D 19 21.86 39.94 -16.03
N ASP D 20 20.78 40.47 -15.46
CA ASP D 20 20.63 40.58 -14.03
C ASP D 20 19.90 39.39 -13.42
N ALA D 21 19.35 38.50 -14.22
CA ALA D 21 18.72 37.29 -13.73
C ALA D 21 18.79 36.24 -14.83
N PRO D 22 18.73 34.96 -14.46
CA PRO D 22 18.62 33.93 -15.49
C PRO D 22 17.28 34.00 -16.19
N ARG D 23 17.29 33.62 -17.47
CA ARG D 23 16.08 33.62 -18.28
C ARG D 23 15.34 32.29 -18.20
N ALA D 24 16.06 31.18 -18.27
CA ALA D 24 15.50 29.86 -18.04
C ALA D 24 15.74 29.47 -16.59
N VAL D 25 14.66 29.27 -15.84
CA VAL D 25 14.70 28.67 -14.51
C VAL D 25 13.66 27.56 -14.47
N PHE D 26 14.10 26.35 -14.17
CA PHE D 26 13.19 25.21 -14.16
C PHE D 26 13.79 24.10 -13.32
N PRO D 27 12.96 23.22 -12.77
CA PRO D 27 13.48 22.14 -11.92
C PRO D 27 14.28 21.13 -12.73
N SER D 28 15.43 20.74 -12.17
CA SER D 28 16.38 19.86 -12.84
C SER D 28 15.94 18.40 -12.77
N ILE D 29 14.73 18.14 -13.25
CA ILE D 29 14.11 16.82 -13.17
C ILE D 29 13.91 16.28 -14.57
N VAL D 30 14.14 14.97 -14.74
CA VAL D 30 13.65 14.21 -15.88
C VAL D 30 12.54 13.30 -15.40
N GLY D 31 11.39 13.34 -16.08
CA GLY D 31 10.27 12.49 -15.77
C GLY D 31 10.09 11.40 -16.81
N ARG D 32 9.98 10.16 -16.34
CA ARG D 32 9.69 9.03 -17.19
C ARG D 32 8.26 8.57 -16.96
N PRO D 33 7.49 8.33 -18.02
CA PRO D 33 6.14 7.79 -17.83
C PRO D 33 6.18 6.37 -17.31
N ARG D 34 5.27 6.05 -16.39
CA ARG D 34 5.27 4.78 -15.70
C ARG D 34 4.10 3.90 -16.06
N HIS D 35 3.35 4.23 -17.12
CA HIS D 35 2.14 3.50 -17.47
C HIS D 35 2.10 3.26 -18.97
N GLN D 36 1.25 2.32 -19.37
CA GLN D 36 0.95 2.09 -20.78
C GLN D 36 0.15 3.23 -21.37
N GLY D 37 0.63 3.76 -22.50
CA GLY D 37 -0.09 4.81 -23.23
C GLY D 37 -1.13 4.24 -24.16
N ILE D 38 -2.38 4.15 -23.70
CA ILE D 38 -3.39 3.42 -24.46
C ILE D 38 -3.99 4.25 -25.60
N MET D 39 -4.02 5.57 -25.45
CA MET D 39 -4.61 6.43 -26.48
C MET D 39 -3.63 6.64 -27.62
N VAL D 40 -4.02 6.16 -28.80
CA VAL D 40 -3.29 6.43 -30.02
C VAL D 40 -3.36 7.92 -30.37
N GLY D 41 -2.26 8.45 -30.91
CA GLY D 41 -2.26 9.76 -31.50
C GLY D 41 -1.96 10.90 -30.55
N MET D 42 -1.77 10.63 -29.26
CA MET D 42 -1.27 11.66 -28.36
C MET D 42 0.22 11.90 -28.52
N GLY D 43 0.95 11.00 -29.17
CA GLY D 43 2.36 11.21 -29.37
C GLY D 43 3.13 11.25 -28.07
N GLN D 44 2.74 10.41 -27.11
CA GLN D 44 3.28 10.50 -25.76
C GLN D 44 4.80 10.50 -25.79
N LYS D 45 5.39 11.45 -25.08
CA LYS D 45 6.84 11.57 -25.06
C LYS D 45 7.44 10.51 -24.15
N ASP D 46 8.55 9.91 -24.60
CA ASP D 46 9.20 8.88 -23.82
C ASP D 46 9.89 9.41 -22.58
N SER D 47 10.23 10.70 -22.54
CA SER D 47 10.78 11.29 -21.32
C SER D 47 10.47 12.78 -21.34
N TYR D 48 9.65 13.22 -20.39
CA TYR D 48 9.46 14.63 -20.14
C TYR D 48 10.61 15.16 -19.29
N VAL D 49 10.79 16.48 -19.35
CA VAL D 49 11.91 17.12 -18.65
C VAL D 49 11.51 18.54 -18.26
N GLY D 50 12.11 19.01 -17.18
CA GLY D 50 11.79 20.33 -16.65
C GLY D 50 10.36 20.45 -16.19
N ASP D 51 9.79 21.64 -16.43
CA ASP D 51 8.45 21.93 -15.95
C ASP D 51 7.35 21.22 -16.73
N GLU D 52 7.69 20.61 -17.87
CA GLU D 52 6.79 19.64 -18.47
C GLU D 52 6.55 18.46 -17.53
N ALA D 53 7.64 17.92 -16.98
CA ALA D 53 7.54 16.81 -16.03
C ALA D 53 6.91 17.23 -14.71
N GLN D 54 6.95 18.51 -14.37
CA GLN D 54 6.09 19.00 -13.28
C GLN D 54 4.62 18.84 -13.63
N SER D 55 4.21 19.40 -14.77
CA SER D 55 2.79 19.46 -15.08
C SER D 55 2.17 18.07 -15.25
N LYS D 56 2.94 17.11 -15.74
CA LYS D 56 2.46 15.75 -15.96
C LYS D 56 2.81 14.79 -14.84
N ARG D 57 3.38 15.28 -13.74
CA ARG D 57 4.09 14.44 -12.79
C ARG D 57 3.23 13.29 -12.25
N GLY D 58 1.91 13.46 -12.19
CA GLY D 58 1.07 12.39 -11.66
C GLY D 58 1.19 11.05 -12.33
N ILE D 59 1.51 11.03 -13.62
CA ILE D 59 1.73 9.80 -14.36
C ILE D 59 3.19 9.44 -14.50
N LEU D 60 4.08 10.22 -13.90
CA LEU D 60 5.51 10.07 -14.10
C LEU D 60 6.16 9.52 -12.84
N THR D 61 7.38 9.05 -13.01
CA THR D 61 8.38 9.03 -11.94
C THR D 61 9.37 10.15 -12.21
N LEU D 62 9.67 10.91 -11.17
CA LEU D 62 10.60 12.03 -11.28
C LEU D 62 11.93 11.63 -10.67
N ARG D 63 13.01 11.87 -11.42
CA ARG D 63 14.35 11.65 -10.92
C ARG D 63 15.19 12.89 -11.17
N TYR D 64 15.87 13.34 -10.14
CA TYR D 64 16.96 14.28 -10.32
C TYR D 64 18.18 13.54 -10.86
N PRO D 65 18.80 14.00 -11.95
CA PRO D 65 20.02 13.35 -12.42
C PRO D 65 21.28 13.80 -11.71
N ILE D 66 21.19 14.81 -10.86
CA ILE D 66 22.34 15.34 -10.12
C ILE D 66 22.04 15.20 -8.64
N GLU D 67 22.85 14.40 -7.95
CA GLU D 67 22.69 14.14 -6.54
C GLU D 67 23.90 14.65 -5.78
N HIS D 68 23.67 15.52 -4.78
CA HIS D 68 24.74 16.10 -3.99
C HIS D 68 25.86 16.64 -4.87
N GLY D 69 25.48 17.35 -5.93
CA GLY D 69 26.43 17.92 -6.85
C GLY D 69 27.13 16.93 -7.74
N ILE D 70 26.84 15.63 -7.60
CA ILE D 70 27.41 14.61 -8.46
C ILE D 70 26.36 14.26 -9.50
N VAL D 71 26.74 14.34 -10.78
CA VAL D 71 25.84 13.91 -11.84
C VAL D 71 25.77 12.39 -11.81
N THR D 72 24.58 11.87 -11.49
CA THR D 72 24.38 10.44 -11.29
C THR D 72 23.87 9.72 -12.53
N ASN D 73 23.25 10.44 -13.47
CA ASN D 73 22.85 9.86 -14.75
C ASN D 73 23.17 10.89 -15.83
N TRP D 74 24.30 10.68 -16.51
CA TRP D 74 24.76 11.64 -17.51
C TRP D 74 23.81 11.74 -18.70
N ASP D 75 23.21 10.63 -19.12
CA ASP D 75 22.27 10.69 -20.24
C ASP D 75 21.07 11.58 -19.93
N ASP D 76 20.64 11.62 -18.67
CA ASP D 76 19.59 12.57 -18.30
C ASP D 76 20.14 13.98 -18.18
N MET D 77 21.35 14.14 -17.67
CA MET D 77 21.94 15.47 -17.62
C MET D 77 22.04 16.04 -19.03
N GLU D 78 22.42 15.21 -20.00
CA GLU D 78 22.41 15.61 -21.39
C GLU D 78 21.03 16.06 -21.81
N LYS D 79 19.99 15.32 -21.42
CA LYS D 79 18.64 15.75 -21.79
C LYS D 79 18.31 17.11 -21.18
N ILE D 80 18.77 17.35 -19.95
CA ILE D 80 18.49 18.62 -19.29
C ILE D 80 19.19 19.78 -20.00
N TRP D 81 20.47 19.62 -20.33
CA TRP D 81 21.16 20.69 -21.03
C TRP D 81 20.61 20.89 -22.42
N HIS D 82 20.28 19.80 -23.12
CA HIS D 82 19.64 19.91 -24.42
C HIS D 82 18.34 20.70 -24.34
N HIS D 83 17.48 20.35 -23.39
CA HIS D 83 16.28 21.12 -23.15
C HIS D 83 16.59 22.57 -22.86
N THR D 84 17.62 22.84 -22.08
CA THR D 84 17.99 24.20 -21.76
C THR D 84 18.29 24.99 -23.03
N PHE D 85 19.24 24.50 -23.82
CA PHE D 85 19.64 25.23 -25.01
C PHE D 85 18.49 25.37 -26.00
N TYR D 86 17.89 24.24 -26.39
CA TYR D 86 16.98 24.28 -27.53
C TYR D 86 15.54 24.64 -27.18
N ASN D 87 14.99 24.10 -26.08
CA ASN D 87 13.57 24.28 -25.78
C ASN D 87 13.35 25.49 -24.88
N GLU D 88 14.12 25.59 -23.81
CA GLU D 88 13.79 26.52 -22.74
C GLU D 88 14.42 27.88 -22.97
N LEU D 89 15.67 27.90 -23.46
CA LEU D 89 16.37 29.15 -23.74
C LEU D 89 16.35 29.51 -25.21
N ARG D 90 16.27 28.52 -26.09
CA ARG D 90 16.23 28.73 -27.54
C ARG D 90 17.47 29.50 -28.02
N VAL D 91 18.61 28.82 -27.88
CA VAL D 91 19.91 29.37 -28.24
C VAL D 91 20.72 28.27 -28.90
N ALA D 92 21.58 28.66 -29.83
CA ALA D 92 22.52 27.72 -30.43
C ALA D 92 23.77 27.60 -29.58
N PRO D 93 24.09 26.43 -29.04
CA PRO D 93 25.30 26.31 -28.21
C PRO D 93 26.59 26.35 -28.99
N GLU D 94 26.55 26.02 -30.28
CA GLU D 94 27.74 26.14 -31.13
C GLU D 94 28.23 27.57 -31.27
N GLU D 95 27.36 28.56 -31.02
CA GLU D 95 27.71 29.95 -31.26
C GLU D 95 28.26 30.66 -30.03
N HIS D 96 28.07 30.11 -28.84
CA HIS D 96 28.33 30.86 -27.63
C HIS D 96 29.17 30.05 -26.66
N PRO D 97 30.17 30.67 -26.03
CA PRO D 97 30.89 29.99 -24.96
C PRO D 97 30.02 29.86 -23.71
N VAL D 98 30.23 28.77 -22.98
CA VAL D 98 29.38 28.41 -21.85
C VAL D 98 30.23 28.40 -20.59
N LEU D 99 29.80 29.17 -19.59
CA LEU D 99 30.29 29.03 -18.22
C LEU D 99 29.37 28.07 -17.47
N LEU D 100 29.84 26.85 -17.23
CA LEU D 100 29.19 25.97 -16.29
C LEU D 100 29.64 26.25 -14.86
N THR D 101 28.91 25.66 -13.91
CA THR D 101 29.17 25.82 -12.49
C THR D 101 29.16 24.46 -11.81
N GLU D 102 30.03 24.30 -10.81
CA GLU D 102 30.13 23.07 -10.06
C GLU D 102 30.25 23.38 -8.58
N ALA D 103 29.80 22.44 -7.75
CA ALA D 103 30.12 22.47 -6.34
C ALA D 103 31.63 22.24 -6.13
N PRO D 104 32.15 22.68 -4.99
CA PRO D 104 33.54 22.36 -4.65
C PRO D 104 33.69 20.94 -4.12
N MET D 105 34.95 20.54 -3.93
CA MET D 105 35.27 19.23 -3.37
C MET D 105 34.61 18.11 -4.17
N ASN D 106 34.43 18.32 -5.47
CA ASN D 106 33.53 17.48 -6.24
C ASN D 106 34.30 16.47 -7.07
N PRO D 107 33.83 15.23 -7.15
CA PRO D 107 34.65 14.17 -7.73
C PRO D 107 35.17 14.53 -9.11
N LYS D 108 36.49 14.38 -9.26
CA LYS D 108 37.21 15.00 -10.37
C LYS D 108 36.74 14.50 -11.72
N SER D 109 36.36 13.22 -11.80
CA SER D 109 35.82 12.69 -13.04
C SER D 109 34.50 13.34 -13.42
N ASN D 110 33.79 13.92 -12.45
CA ASN D 110 32.58 14.66 -12.80
C ASN D 110 32.91 15.88 -13.65
N ARG D 111 33.91 16.66 -13.24
CA ARG D 111 34.34 17.81 -14.00
C ARG D 111 34.92 17.41 -15.35
N GLU D 112 35.61 16.26 -15.38
CA GLU D 112 36.10 15.73 -16.64
C GLU D 112 34.94 15.44 -17.59
N LYS D 113 34.06 14.53 -17.20
CA LYS D 113 32.98 14.09 -18.05
C LYS D 113 32.09 15.26 -18.46
N MET D 114 31.86 16.19 -17.53
CA MET D 114 31.13 17.41 -17.84
C MET D 114 31.69 18.12 -19.06
N THR D 115 33.02 18.24 -19.15
CA THR D 115 33.58 18.91 -20.32
C THR D 115 33.63 18.00 -21.54
N GLN D 116 33.83 16.71 -21.33
CA GLN D 116 33.76 15.79 -22.46
C GLN D 116 32.42 15.89 -23.18
N ILE D 117 31.34 15.95 -22.41
CA ILE D 117 30.01 16.18 -23.00
C ILE D 117 29.94 17.56 -23.63
N MET D 118 30.33 18.60 -22.90
CA MET D 118 30.09 19.95 -23.39
C MET D 118 30.81 20.24 -24.69
N PHE D 119 31.99 19.66 -24.90
CA PHE D 119 32.65 19.81 -26.20
C PHE D 119 32.16 18.80 -27.23
N GLU D 120 32.16 17.51 -26.91
CA GLU D 120 31.94 16.53 -27.96
C GLU D 120 30.46 16.38 -28.33
N THR D 121 29.56 16.60 -27.38
CA THR D 121 28.13 16.54 -27.68
C THR D 121 27.58 17.86 -28.18
N PHE D 122 27.84 18.95 -27.46
CA PHE D 122 27.26 20.25 -27.79
C PHE D 122 28.20 21.14 -28.60
N ASN D 123 29.44 20.73 -28.82
CA ASN D 123 30.36 21.47 -29.68
C ASN D 123 30.47 22.94 -29.26
N VAL D 124 30.42 23.17 -27.95
CA VAL D 124 30.58 24.55 -27.46
C VAL D 124 31.93 25.08 -27.89
N PRO D 125 32.03 26.32 -28.37
CA PRO D 125 33.33 26.79 -28.88
C PRO D 125 34.36 27.02 -27.80
N ALA D 126 33.96 27.55 -26.64
CA ALA D 126 34.87 27.69 -25.52
C ALA D 126 34.07 27.67 -24.22
N PHE D 127 34.76 27.33 -23.13
CA PHE D 127 34.08 26.79 -21.96
C PHE D 127 34.84 27.11 -20.69
N TYR D 128 34.12 27.14 -19.58
CA TYR D 128 34.74 27.21 -18.26
C TYR D 128 33.84 26.59 -17.20
N VAL D 129 34.45 26.27 -16.06
CA VAL D 129 33.77 25.80 -14.86
C VAL D 129 34.24 26.63 -13.69
N SER D 130 33.32 26.97 -12.79
CA SER D 130 33.71 27.66 -11.57
C SER D 130 32.84 27.21 -10.40
N ILE D 131 33.36 27.47 -9.20
CA ILE D 131 32.76 26.99 -7.97
C ILE D 131 31.53 27.82 -7.63
N GLN D 132 30.41 27.15 -7.40
CA GLN D 132 29.17 27.81 -7.05
C GLN D 132 29.34 28.92 -6.02
N ALA D 133 29.94 28.60 -4.88
CA ALA D 133 30.13 29.59 -3.81
C ALA D 133 30.96 30.78 -4.26
N VAL D 134 32.05 30.53 -4.98
CA VAL D 134 32.96 31.60 -5.35
C VAL D 134 32.23 32.70 -6.12
N LEU D 135 31.35 32.31 -7.03
CA LEU D 135 30.58 33.28 -7.78
C LEU D 135 29.79 34.22 -6.88
N SER D 136 29.38 33.76 -5.70
CA SER D 136 28.59 34.60 -4.82
C SER D 136 29.35 35.84 -4.36
N LEU D 137 30.68 35.81 -4.35
CA LEU D 137 31.43 37.02 -4.04
C LEU D 137 31.29 38.04 -5.15
N TYR D 138 31.23 37.58 -6.40
CA TYR D 138 31.02 38.49 -7.52
C TYR D 138 29.63 39.11 -7.46
N SER D 139 28.60 38.31 -7.16
CA SER D 139 27.26 38.88 -7.04
C SER D 139 27.09 39.67 -5.76
N SER D 140 27.94 39.45 -4.76
CA SER D 140 28.00 40.37 -3.63
C SER D 140 28.86 41.59 -3.92
N GLY D 141 29.70 41.54 -4.95
CA GLY D 141 30.61 42.62 -5.24
C GLY D 141 31.72 42.71 -4.23
N ARG D 142 32.39 41.59 -3.96
CA ARG D 142 33.33 41.50 -2.86
C ARG D 142 34.56 40.71 -3.27
N THR D 143 35.61 40.87 -2.47
CA THR D 143 36.84 40.12 -2.63
C THR D 143 37.24 39.38 -1.36
N THR D 144 36.47 39.52 -0.29
CA THR D 144 36.67 38.78 0.94
C THR D 144 35.32 38.27 1.41
N GLY D 145 35.34 37.26 2.27
CA GLY D 145 34.12 36.77 2.85
C GLY D 145 34.02 35.27 2.79
N ILE D 146 33.21 34.70 3.67
CA ILE D 146 32.97 33.27 3.74
C ILE D 146 31.56 33.01 3.24
N VAL D 147 31.43 32.09 2.29
CA VAL D 147 30.16 31.84 1.61
C VAL D 147 29.56 30.55 2.13
N LEU D 148 28.38 30.65 2.73
CA LEU D 148 27.48 29.50 2.81
C LEU D 148 26.68 29.41 1.52
N ASP D 149 27.01 28.43 0.69
CA ASP D 149 26.06 27.93 -0.29
C ASP D 149 25.24 26.82 0.35
N SER D 150 23.96 26.76 -0.01
CA SER D 150 23.16 25.59 0.36
C SER D 150 22.13 25.33 -0.75
N GLY D 151 22.57 24.60 -1.77
CA GLY D 151 21.67 24.20 -2.83
C GLY D 151 20.69 23.16 -2.33
N ASP D 152 20.01 22.53 -3.29
CA ASP D 152 19.27 21.31 -2.98
C ASP D 152 20.19 20.16 -2.59
N GLY D 153 21.39 20.10 -3.16
CA GLY D 153 22.21 18.92 -3.01
C GLY D 153 23.32 19.02 -1.98
N VAL D 154 23.99 20.17 -1.90
CA VAL D 154 25.15 20.30 -1.04
C VAL D 154 25.11 21.64 -0.33
N THR D 155 25.43 21.62 0.96
CA THR D 155 25.89 22.79 1.68
C THR D 155 27.42 22.76 1.68
N HIS D 156 28.04 23.83 1.23
CA HIS D 156 29.49 23.95 1.31
C HIS D 156 29.89 25.35 1.75
N VAL D 157 30.84 25.40 2.67
CA VAL D 157 31.34 26.65 3.24
C VAL D 157 32.68 26.95 2.61
N VAL D 158 32.83 28.13 2.03
CA VAL D 158 34.05 28.46 1.32
C VAL D 158 34.56 29.83 1.76
N PRO D 159 35.60 29.88 2.60
CA PRO D 159 36.22 31.17 2.93
C PRO D 159 37.12 31.65 1.81
N ILE D 160 37.03 32.94 1.51
CA ILE D 160 37.88 33.59 0.53
C ILE D 160 38.41 34.88 1.15
N TYR D 161 39.70 35.15 0.92
CA TYR D 161 40.31 36.37 1.42
C TYR D 161 41.20 36.96 0.34
N GLU D 162 40.95 38.22 -0.02
CA GLU D 162 41.75 38.94 -1.01
C GLU D 162 41.89 38.15 -2.31
N GLY D 163 40.87 37.38 -2.65
CA GLY D 163 40.90 36.55 -3.84
C GLY D 163 41.73 35.28 -3.75
N PHE D 164 42.25 34.95 -2.58
CA PHE D 164 42.90 33.67 -2.31
C PHE D 164 41.93 32.72 -1.63
N SER D 165 41.97 31.46 -2.06
CA SER D 165 40.84 30.56 -1.86
C SER D 165 40.93 29.73 -0.58
N LEU D 166 42.01 29.84 0.18
CA LEU D 166 42.12 29.17 1.46
C LEU D 166 41.61 27.73 1.36
N PRO D 167 42.05 26.97 0.37
CA PRO D 167 41.34 25.75 0.00
C PRO D 167 41.27 24.72 1.11
N HIS D 168 42.21 24.75 2.05
CA HIS D 168 42.21 23.83 3.18
C HIS D 168 41.09 24.08 4.17
N ALA D 169 40.38 25.21 4.07
CA ALA D 169 39.33 25.56 5.02
C ALA D 169 37.93 25.46 4.42
N ILE D 170 37.78 24.80 3.28
CA ILE D 170 36.46 24.49 2.74
C ILE D 170 35.86 23.32 3.52
N LEU D 171 34.65 23.53 4.03
CA LEU D 171 33.85 22.50 4.65
C LEU D 171 32.66 22.19 3.76
N ARG D 172 32.49 20.92 3.40
CA ARG D 172 31.37 20.47 2.58
C ARG D 172 30.41 19.61 3.40
N ILE D 173 29.12 19.95 3.33
CA ILE D 173 28.12 19.45 4.26
C ILE D 173 26.92 18.99 3.44
N ASP D 174 26.43 17.79 3.73
CA ASP D 174 25.44 17.12 2.89
C ASP D 174 24.00 17.40 3.29
N LEU D 175 23.76 18.17 4.35
CA LEU D 175 22.45 18.75 4.56
C LEU D 175 22.12 19.74 3.47
N ALA D 176 20.95 19.57 2.84
CA ALA D 176 20.57 20.42 1.73
C ALA D 176 19.06 20.31 1.52
N GLY D 177 18.55 21.23 0.70
CA GLY D 177 17.10 21.37 0.55
C GLY D 177 16.38 20.07 0.24
N ARG D 178 16.99 19.21 -0.57
CA ARG D 178 16.38 17.92 -0.86
C ARG D 178 16.25 17.07 0.40
N ASP D 179 17.30 17.06 1.22
CA ASP D 179 17.24 16.24 2.44
C ASP D 179 16.32 16.85 3.49
N LEU D 180 16.16 18.17 3.49
CA LEU D 180 15.13 18.77 4.34
C LEU D 180 13.74 18.42 3.85
N THR D 181 13.56 18.35 2.53
CA THR D 181 12.30 17.88 1.97
C THR D 181 11.98 16.48 2.47
N ASP D 182 12.96 15.58 2.37
CA ASP D 182 12.77 14.21 2.82
C ASP D 182 12.48 14.14 4.31
N TYR D 183 13.22 14.89 5.13
CA TYR D 183 12.96 14.88 6.57
C TYR D 183 11.58 15.42 6.90
N LEU D 184 11.15 16.48 6.20
CA LEU D 184 9.80 16.99 6.40
C LEU D 184 8.78 15.92 6.09
N MET D 185 9.00 15.19 5.00
CA MET D 185 8.12 14.08 4.65
C MET D 185 8.11 13.03 5.76
N LYS D 186 9.27 12.77 6.36
CA LYS D 186 9.32 11.82 7.48
C LYS D 186 8.49 12.28 8.67
N ILE D 187 8.67 13.53 9.10
CA ILE D 187 7.91 13.99 10.26
C ILE D 187 6.47 14.31 9.91
N LEU D 188 6.19 14.69 8.66
CA LEU D 188 4.81 15.00 8.29
C LEU D 188 3.94 13.75 8.29
N SER D 189 4.55 12.57 8.31
CA SER D 189 3.83 11.35 8.61
C SER D 189 3.26 11.34 10.01
N GLU D 190 3.79 12.18 10.91
CA GLU D 190 3.34 12.15 12.29
C GLU D 190 1.88 12.59 12.44
N ARG D 191 1.42 13.46 11.55
CA ARG D 191 0.00 13.80 11.48
C ARG D 191 -0.81 12.82 10.64
N GLY D 192 -0.16 11.81 10.07
CA GLY D 192 -0.84 10.82 9.27
C GLY D 192 -1.03 11.18 7.82
N TYR D 193 -0.47 12.30 7.36
CA TYR D 193 -0.39 12.57 5.94
C TYR D 193 0.72 11.73 5.34
N SER D 194 0.39 10.97 4.31
CA SER D 194 1.36 10.14 3.62
C SER D 194 1.70 10.80 2.30
N PHE D 195 3.01 10.91 2.03
CA PHE D 195 3.51 11.62 0.85
C PHE D 195 4.71 10.88 0.28
N SER D 196 4.70 9.55 0.38
CA SER D 196 5.90 8.80 0.11
C SER D 196 6.30 8.90 -1.35
N THR D 197 5.36 9.22 -2.23
CA THR D 197 5.72 9.16 -3.64
C THR D 197 6.56 10.36 -4.07
N THR D 198 7.30 10.17 -5.15
CA THR D 198 8.06 11.25 -5.74
C THR D 198 7.15 12.38 -6.22
N ALA D 199 5.98 12.00 -6.75
CA ALA D 199 5.00 13.00 -7.11
C ALA D 199 4.54 13.75 -5.87
N GLU D 200 4.54 13.09 -4.72
CA GLU D 200 4.20 13.74 -3.47
C GLU D 200 5.43 14.36 -2.83
N ARG D 201 6.62 13.80 -3.10
CA ARG D 201 7.86 14.45 -2.70
C ARG D 201 7.90 15.89 -3.22
N GLU D 202 7.43 16.09 -4.45
CA GLU D 202 7.37 17.45 -5.01
C GLU D 202 6.39 18.33 -4.23
N ILE D 203 5.27 17.75 -3.77
CA ILE D 203 4.33 18.52 -2.99
C ILE D 203 4.93 18.90 -1.64
N VAL D 204 5.65 17.97 -1.02
CA VAL D 204 6.32 18.31 0.23
C VAL D 204 7.35 19.40 0.00
N ARG D 205 7.99 19.40 -1.18
CA ARG D 205 8.90 20.48 -1.52
C ARG D 205 8.20 21.83 -1.57
N ASP D 206 7.01 21.87 -2.16
CA ASP D 206 6.25 23.12 -2.16
C ASP D 206 5.80 23.53 -0.76
N ILE D 207 5.36 22.57 0.05
CA ILE D 207 4.96 22.88 1.42
C ILE D 207 6.12 23.49 2.19
N LYS D 208 7.30 22.89 2.06
CA LYS D 208 8.49 23.44 2.71
C LYS D 208 8.78 24.85 2.19
N GLU D 209 8.78 25.00 0.87
CA GLU D 209 9.17 26.27 0.26
C GLU D 209 8.23 27.40 0.62
N LYS D 210 6.98 27.09 0.96
CA LYS D 210 6.02 28.14 1.29
C LYS D 210 5.83 28.38 2.79
N LEU D 211 5.63 27.32 3.59
CA LEU D 211 5.13 27.51 4.94
C LEU D 211 6.18 27.37 6.04
N CYS D 212 7.35 26.79 5.76
CA CYS D 212 8.31 26.54 6.82
C CYS D 212 9.17 27.77 7.11
N TYR D 213 9.73 27.80 8.32
CA TYR D 213 10.57 28.89 8.78
C TYR D 213 11.53 28.34 9.83
N VAL D 214 12.67 29.02 9.97
CA VAL D 214 13.68 28.61 10.94
C VAL D 214 13.35 29.16 12.31
N ALA D 215 13.27 28.28 13.30
CA ALA D 215 13.04 28.69 14.68
C ALA D 215 14.20 29.53 15.19
N LEU D 216 13.88 30.60 15.91
CA LEU D 216 14.89 31.42 16.56
C LEU D 216 15.20 30.97 17.97
N ASP D 217 14.30 30.21 18.61
CA ASP D 217 14.61 29.45 19.81
C ASP D 217 13.81 28.15 19.71
N PHE D 218 14.50 27.07 19.36
CA PHE D 218 13.81 25.82 19.06
C PHE D 218 13.05 25.28 20.25
N GLU D 219 13.63 25.34 21.45
CA GLU D 219 12.94 24.84 22.64
C GLU D 219 11.75 25.71 23.01
N GLN D 220 11.90 27.04 22.96
CA GLN D 220 10.78 27.91 23.27
C GLN D 220 9.64 27.77 22.27
N GLU D 221 9.97 27.69 20.98
CA GLU D 221 8.90 27.53 19.99
C GLU D 221 8.28 26.14 20.00
N MET D 222 9.03 25.11 20.37
CA MET D 222 8.42 23.83 20.69
C MET D 222 7.45 23.95 21.86
N GLN D 223 7.82 24.71 22.89
CA GLN D 223 6.93 24.88 24.02
C GLN D 223 5.66 25.62 23.62
N THR D 224 5.81 26.74 22.93
CA THR D 224 4.65 27.54 22.55
C THR D 224 3.76 26.85 21.52
N ALA D 225 4.34 26.06 20.61
CA ALA D 225 3.52 25.26 19.72
C ALA D 225 2.84 24.09 20.43
N ALA D 226 3.42 23.60 21.52
CA ALA D 226 2.69 22.66 22.36
C ALA D 226 1.57 23.37 23.15
N GLN D 227 1.78 24.64 23.50
CA GLN D 227 0.77 25.39 24.23
C GLN D 227 -0.33 25.95 23.35
N SER D 228 -0.03 26.31 22.10
CA SER D 228 -0.98 27.11 21.33
C SER D 228 -0.89 26.77 19.84
N SER D 229 -2.03 26.89 19.18
CA SER D 229 -2.17 26.76 17.73
C SER D 229 -1.67 27.97 16.96
N SER D 230 -1.08 28.97 17.63
CA SER D 230 -0.72 30.21 16.95
C SER D 230 0.08 29.96 15.68
N ILE D 231 0.93 28.93 15.67
CA ILE D 231 1.82 28.66 14.55
C ILE D 231 1.17 27.82 13.45
N GLU D 232 0.01 27.22 13.72
CA GLU D 232 -0.51 26.11 12.93
C GLU D 232 -1.16 26.60 11.63
N LYS D 233 -0.32 27.04 10.70
CA LYS D 233 -0.79 27.35 9.36
C LYS D 233 -1.27 26.08 8.66
N SER D 234 -1.96 26.28 7.53
CA SER D 234 -2.62 25.21 6.80
C SER D 234 -2.37 25.33 5.31
N TYR D 235 -2.20 24.18 4.65
CA TYR D 235 -1.92 24.11 3.21
C TYR D 235 -3.01 23.31 2.51
N GLU D 236 -3.22 23.61 1.23
CA GLU D 236 -4.22 22.95 0.40
C GLU D 236 -3.53 22.17 -0.72
N LEU D 237 -3.67 20.85 -0.70
CA LEU D 237 -2.98 19.99 -1.63
C LEU D 237 -3.50 20.18 -3.06
N PRO D 238 -2.79 19.64 -4.05
CA PRO D 238 -3.31 19.65 -5.43
C PRO D 238 -4.62 18.91 -5.62
N ASP D 239 -5.10 18.17 -4.63
CA ASP D 239 -6.43 17.58 -4.69
C ASP D 239 -7.47 18.38 -3.92
N GLY D 240 -7.08 19.50 -3.33
CA GLY D 240 -7.98 20.35 -2.60
C GLY D 240 -8.24 19.97 -1.16
N GLN D 241 -7.68 18.86 -0.68
CA GLN D 241 -7.73 18.59 0.75
C GLN D 241 -6.88 19.61 1.48
N VAL D 242 -7.39 20.09 2.60
CA VAL D 242 -6.60 20.94 3.48
C VAL D 242 -5.83 20.09 4.47
N ILE D 243 -4.63 20.54 4.80
CA ILE D 243 -3.82 19.98 5.88
C ILE D 243 -3.42 21.12 6.80
N THR D 244 -3.19 20.79 8.06
CA THR D 244 -2.61 21.71 9.02
C THR D 244 -1.26 21.19 9.49
N ILE D 245 -0.31 22.10 9.65
CA ILE D 245 1.06 21.79 9.99
C ILE D 245 1.35 22.37 11.37
N GLY D 246 1.70 21.50 12.31
CA GLY D 246 2.03 21.96 13.65
C GLY D 246 3.46 22.42 13.78
N ASN D 247 4.13 21.98 14.85
CA ASN D 247 5.53 22.34 15.06
C ASN D 247 6.44 21.83 13.95
N GLU D 248 5.98 20.89 13.14
CA GLU D 248 6.72 20.50 11.94
C GLU D 248 7.09 21.70 11.10
N ARG D 249 6.32 22.78 11.19
CA ARG D 249 6.59 23.97 10.39
C ARG D 249 7.99 24.51 10.62
N PHE D 250 8.56 24.29 11.80
CA PHE D 250 9.95 24.66 12.06
C PHE D 250 10.85 23.49 12.47
N ARG D 251 10.30 22.41 13.01
CA ARG D 251 11.14 21.25 13.36
C ARG D 251 11.90 20.72 12.16
N ALA D 252 11.34 20.86 10.95
CA ALA D 252 12.04 20.38 9.76
C ALA D 252 13.29 21.20 9.44
N PRO D 253 13.20 22.51 9.20
CA PRO D 253 14.42 23.28 8.91
C PRO D 253 15.39 23.37 10.07
N GLU D 254 14.96 23.11 11.29
CA GLU D 254 15.90 22.98 12.40
C GLU D 254 16.92 21.89 12.17
N ALA D 255 16.66 20.95 11.26
CA ALA D 255 17.66 19.96 10.89
C ALA D 255 18.96 20.59 10.43
N LEU D 256 18.90 21.74 9.78
CA LEU D 256 20.13 22.44 9.40
C LEU D 256 21.02 22.74 10.58
N PHE D 257 20.47 22.81 11.80
CA PHE D 257 21.22 23.23 12.97
C PHE D 257 21.46 22.12 13.98
N HIS D 258 20.73 21.02 13.91
CA HIS D 258 21.04 19.82 14.68
C HIS D 258 20.93 18.62 13.78
N PRO D 259 21.94 18.39 12.93
CA PRO D 259 21.87 17.26 11.99
C PRO D 259 21.79 15.90 12.65
N SER D 260 22.07 15.81 13.94
CA SER D 260 21.81 14.57 14.67
C SER D 260 20.37 14.12 14.52
N VAL D 261 19.46 15.06 14.23
CA VAL D 261 18.07 14.71 13.94
C VAL D 261 17.99 13.80 12.72
N LEU D 262 18.80 14.07 11.69
CA LEU D 262 18.91 13.19 10.55
C LEU D 262 19.87 12.05 10.79
N GLY D 263 20.47 11.99 11.97
CA GLY D 263 21.45 11.01 12.32
C GLY D 263 22.78 11.25 11.67
N LEU D 264 22.98 12.44 11.11
CA LEU D 264 24.22 12.67 10.40
C LEU D 264 25.30 12.95 11.43
N GLU D 265 26.52 12.53 11.12
CA GLU D 265 27.67 12.93 11.90
C GLU D 265 27.97 14.40 11.80
N SER D 266 27.34 15.12 10.91
CA SER D 266 27.89 16.42 10.61
C SER D 266 27.46 17.38 11.70
N ALA D 267 27.63 18.65 11.44
CA ALA D 267 27.29 19.65 12.42
C ALA D 267 26.65 20.81 11.70
N GLY D 268 25.92 21.60 12.45
CA GLY D 268 25.09 22.60 11.84
C GLY D 268 25.91 23.57 11.00
N ILE D 269 25.19 24.20 10.08
CA ILE D 269 25.80 25.16 9.19
C ILE D 269 26.37 26.33 9.97
N ASP D 270 25.80 26.60 11.15
CA ASP D 270 26.41 27.57 12.05
C ASP D 270 27.75 27.07 12.54
N GLN D 271 27.77 25.92 13.20
CA GLN D 271 28.98 25.44 13.84
C GLN D 271 30.06 25.11 12.82
N THR D 272 29.66 24.59 11.66
CA THR D 272 30.64 24.36 10.59
C THR D 272 31.13 25.66 9.94
N THR D 273 30.31 26.70 9.88
CA THR D 273 30.83 27.99 9.45
C THR D 273 31.88 28.50 10.43
N TYR D 274 31.54 28.52 11.71
CA TYR D 274 32.49 28.90 12.75
C TYR D 274 33.77 28.07 12.65
N ASN D 275 33.62 26.77 12.47
CA ASN D 275 34.78 25.88 12.42
C ASN D 275 35.65 26.13 11.19
N SER D 276 35.06 26.48 10.06
CA SER D 276 35.86 26.87 8.91
C SER D 276 36.64 28.16 9.19
N ILE D 277 35.99 29.12 9.85
CA ILE D 277 36.71 30.33 10.22
C ILE D 277 37.85 30.00 11.18
N MET D 278 37.59 29.15 12.16
CA MET D 278 38.67 28.72 13.05
C MET D 278 39.79 28.06 12.25
N LYS D 279 39.43 27.27 11.24
CA LYS D 279 40.44 26.53 10.49
C LYS D 279 41.30 27.42 9.60
N CYS D 280 40.82 28.56 9.14
CA CYS D 280 41.55 29.20 8.05
C CYS D 280 42.86 29.80 8.54
N ASP D 281 42.80 30.78 9.44
CA ASP D 281 44.01 31.40 9.97
C ASP D 281 43.65 32.17 11.23
N VAL D 282 44.68 32.70 11.90
CA VAL D 282 44.43 33.77 12.87
C VAL D 282 44.32 35.16 12.25
N ASP D 283 45.04 35.43 11.15
CA ASP D 283 45.11 36.77 10.59
C ASP D 283 43.75 37.24 10.07
N VAL D 284 43.05 36.39 9.31
CA VAL D 284 41.94 36.87 8.51
C VAL D 284 40.61 36.86 9.23
N ARG D 285 40.49 36.10 10.31
CA ARG D 285 39.16 35.86 10.88
C ARG D 285 38.49 37.17 11.23
N LYS D 286 39.29 38.19 11.53
CA LYS D 286 38.77 39.54 11.74
C LYS D 286 37.88 39.99 10.57
N GLU D 287 38.18 39.52 9.36
CA GLU D 287 37.43 39.90 8.17
C GLU D 287 36.49 38.82 7.67
N LEU D 288 36.33 37.73 8.42
CA LEU D 288 35.42 36.67 8.02
C LEU D 288 34.27 36.42 8.99
N TYR D 289 34.36 36.88 10.24
CA TYR D 289 33.18 36.85 11.09
C TYR D 289 32.19 37.93 10.66
N GLY D 290 32.68 39.13 10.40
CA GLY D 290 32.00 40.00 9.46
C GLY D 290 32.09 39.47 8.05
N ASN D 291 31.12 39.88 7.24
CA ASN D 291 31.11 39.52 5.81
C ASN D 291 30.93 38.02 5.61
N ILE D 292 30.01 37.43 6.36
CA ILE D 292 29.52 36.09 6.06
C ILE D 292 28.48 36.15 4.95
N VAL D 293 28.91 35.97 3.71
CA VAL D 293 27.98 35.91 2.60
C VAL D 293 27.20 34.60 2.67
N MET D 294 25.99 34.62 2.13
CA MET D 294 25.08 33.48 2.21
C MET D 294 24.33 33.34 0.90
N SER D 295 24.14 32.08 0.48
CA SER D 295 23.85 31.79 -0.92
C SER D 295 22.99 30.54 -1.04
N GLY D 296 22.27 30.48 -2.15
CA GLY D 296 21.54 29.29 -2.56
C GLY D 296 20.22 29.10 -1.82
N GLY D 297 19.32 28.37 -2.50
CA GLY D 297 17.91 28.42 -2.17
C GLY D 297 17.59 27.95 -0.76
N THR D 298 18.36 27.01 -0.22
CA THR D 298 18.09 26.55 1.13
C THR D 298 18.35 27.62 2.18
N THR D 299 19.13 28.63 1.85
CA THR D 299 19.37 29.76 2.74
C THR D 299 18.24 30.77 2.69
N MET D 300 17.13 30.43 2.06
CA MET D 300 16.02 31.34 1.84
C MET D 300 14.99 31.32 2.97
N PHE D 301 15.12 30.39 3.92
CA PHE D 301 14.13 30.32 4.99
C PHE D 301 14.02 31.67 5.71
N PRO D 302 12.82 32.12 6.03
CA PRO D 302 12.67 33.19 7.03
C PRO D 302 13.33 32.84 8.35
N GLY D 303 13.99 33.82 8.95
CA GLY D 303 14.64 33.63 10.24
C GLY D 303 16.01 33.02 10.20
N ILE D 304 16.48 32.55 9.04
CA ILE D 304 17.75 31.84 8.99
C ILE D 304 18.91 32.78 9.29
N ALA D 305 18.87 34.00 8.75
CA ALA D 305 19.95 34.96 9.01
C ALA D 305 20.00 35.36 10.48
N GLU D 306 18.84 35.56 11.10
CA GLU D 306 18.79 35.87 12.52
C GLU D 306 19.37 34.72 13.35
N ARG D 307 19.03 33.48 13.00
CA ARG D 307 19.59 32.33 13.71
C ARG D 307 21.09 32.25 13.52
N MET D 308 21.57 32.48 12.30
CA MET D 308 23.00 32.50 12.05
C MET D 308 23.69 33.56 12.91
N GLN D 309 23.11 34.76 12.97
CA GLN D 309 23.64 35.78 13.87
C GLN D 309 23.75 35.27 15.29
N LYS D 310 22.64 34.74 15.83
CA LYS D 310 22.63 34.27 17.21
C LYS D 310 23.68 33.20 17.45
N GLU D 311 23.80 32.23 16.54
CA GLU D 311 24.70 31.12 16.75
C GLU D 311 26.14 31.54 16.60
N ILE D 312 26.48 32.22 15.51
CA ILE D 312 27.86 32.61 15.28
C ILE D 312 28.33 33.57 16.38
N THR D 313 27.47 34.51 16.78
CA THR D 313 27.83 35.38 17.89
C THR D 313 27.95 34.60 19.20
N ALA D 314 27.29 33.46 19.31
CA ALA D 314 27.50 32.61 20.48
C ALA D 314 28.79 31.81 20.39
N LEU D 315 29.31 31.59 19.18
CA LEU D 315 30.54 30.82 18.97
C LEU D 315 31.75 31.70 18.74
N ALA D 316 31.59 32.79 17.99
CA ALA D 316 32.71 33.68 17.70
C ALA D 316 33.22 34.31 18.98
N PRO D 317 34.43 34.86 18.94
CA PRO D 317 35.01 35.47 20.15
C PRO D 317 34.15 36.61 20.66
N SER D 318 34.22 36.83 21.97
CA SER D 318 33.60 37.99 22.57
C SER D 318 34.17 39.28 21.99
N SER D 319 33.27 40.23 21.70
CA SER D 319 33.63 41.47 21.04
C SER D 319 34.25 41.23 19.67
N MET D 320 33.77 40.22 18.96
CA MET D 320 34.03 40.09 17.53
C MET D 320 32.75 40.39 16.76
N LYS D 321 32.86 41.27 15.77
CA LYS D 321 31.72 41.61 14.92
C LYS D 321 31.28 40.41 14.10
N VAL D 322 29.96 40.24 13.97
CA VAL D 322 29.37 39.26 13.08
C VAL D 322 28.35 39.94 12.19
N LYS D 323 28.38 39.63 10.90
CA LYS D 323 27.44 40.22 9.95
C LYS D 323 27.10 39.19 8.89
N ILE D 324 25.88 38.66 8.95
CA ILE D 324 25.37 37.69 7.97
C ILE D 324 24.82 38.47 6.78
N ILE D 325 25.62 38.61 5.72
CA ILE D 325 25.23 39.38 4.54
C ILE D 325 24.26 38.52 3.72
N ALA D 326 22.97 38.83 3.81
CA ALA D 326 21.92 38.03 3.19
C ALA D 326 21.07 38.93 2.29
N PRO D 327 21.45 39.08 1.03
CA PRO D 327 20.60 39.80 0.08
C PRO D 327 19.27 39.11 -0.12
N PRO D 328 18.31 39.75 -0.79
CA PRO D 328 17.11 39.03 -1.27
C PRO D 328 17.37 38.12 -2.45
N GLU D 329 18.51 38.26 -3.14
CA GLU D 329 18.77 37.56 -4.39
C GLU D 329 19.32 36.15 -4.17
N ARG D 330 19.33 35.69 -2.93
CA ARG D 330 20.13 34.51 -2.56
C ARG D 330 19.90 33.38 -3.54
N LYS D 331 18.63 33.16 -3.91
CA LYS D 331 18.24 32.05 -4.78
C LYS D 331 18.92 32.11 -6.15
N TYR D 332 19.42 33.27 -6.56
CA TYR D 332 20.11 33.41 -7.84
C TYR D 332 21.53 33.93 -7.72
N SER D 333 22.01 34.23 -6.51
CA SER D 333 23.29 34.90 -6.34
C SER D 333 24.43 34.18 -7.04
N VAL D 334 24.38 32.85 -7.11
CA VAL D 334 25.39 32.11 -7.87
C VAL D 334 25.33 32.51 -9.34
N TRP D 335 24.15 32.43 -9.95
CA TRP D 335 24.04 32.71 -11.37
C TRP D 335 24.43 34.16 -11.67
N ILE D 336 23.94 35.10 -10.86
CA ILE D 336 24.31 36.50 -11.04
C ILE D 336 25.83 36.66 -10.96
N GLY D 337 26.46 35.94 -10.03
CA GLY D 337 27.91 35.97 -9.95
C GLY D 337 28.57 35.49 -11.22
N GLY D 338 28.07 34.37 -11.76
CA GLY D 338 28.59 33.89 -13.03
C GLY D 338 28.37 34.88 -14.17
N SER D 339 27.22 35.54 -14.17
CA SER D 339 26.94 36.55 -15.18
C SER D 339 27.96 37.69 -15.14
N ILE D 340 28.27 38.16 -13.93
CA ILE D 340 29.30 39.18 -13.78
C ILE D 340 30.64 38.64 -14.27
N LEU D 341 31.03 37.45 -13.80
CA LEU D 341 32.35 36.93 -14.13
C LEU D 341 32.51 36.76 -15.64
N ALA D 342 31.51 36.18 -16.30
CA ALA D 342 31.56 36.05 -17.75
C ALA D 342 31.50 37.40 -18.45
N SER D 343 30.91 38.40 -17.79
CA SER D 343 30.88 39.72 -18.39
C SER D 343 32.28 40.34 -18.44
N LEU D 344 33.08 40.14 -17.39
CA LEU D 344 34.35 40.85 -17.27
C LEU D 344 35.21 40.63 -18.51
N THR D 345 35.71 41.74 -19.06
CA THR D 345 36.64 41.67 -20.17
C THR D 345 37.94 40.96 -19.78
N THR D 346 38.40 41.18 -18.56
CA THR D 346 39.60 40.53 -18.02
C THR D 346 39.41 39.07 -17.71
N PHE D 347 38.32 38.46 -18.18
CA PHE D 347 38.13 37.02 -18.11
C PHE D 347 38.13 36.34 -19.47
N GLN D 348 37.96 37.11 -20.56
CA GLN D 348 37.75 36.52 -21.87
C GLN D 348 38.97 35.77 -22.39
N GLN D 349 40.12 35.94 -21.77
CA GLN D 349 41.32 35.18 -22.10
C GLN D 349 41.40 33.83 -21.39
N MET D 350 40.47 33.53 -20.48
CA MET D 350 40.56 32.34 -19.66
C MET D 350 39.79 31.15 -20.19
N TRP D 351 38.84 31.36 -21.10
CA TRP D 351 38.05 30.26 -21.63
C TRP D 351 38.93 29.16 -22.18
N ILE D 352 38.55 27.92 -21.87
CA ILE D 352 39.15 26.75 -22.52
C ILE D 352 38.67 26.71 -23.97
N SER D 353 39.60 26.76 -24.91
CA SER D 353 39.24 26.68 -26.31
C SER D 353 38.92 25.25 -26.73
N LYS D 354 37.98 25.14 -27.67
CA LYS D 354 37.79 23.90 -28.42
C LYS D 354 39.10 23.42 -29.02
N GLN D 355 39.93 24.35 -29.48
CA GLN D 355 41.23 23.98 -30.03
C GLN D 355 42.11 23.33 -28.96
N GLU D 356 42.08 23.87 -27.75
CA GLU D 356 42.84 23.27 -26.66
C GLU D 356 42.29 21.90 -26.27
N TYR D 357 40.97 21.75 -26.30
CA TYR D 357 40.38 20.43 -26.09
C TYR D 357 40.73 19.45 -27.19
N ASP D 358 41.04 19.95 -28.38
CA ASP D 358 41.57 19.09 -29.43
C ASP D 358 43.04 18.79 -29.23
N GLU D 359 43.77 19.70 -28.60
CA GLU D 359 45.16 19.42 -28.25
C GLU D 359 45.27 18.38 -27.14
N SER D 360 44.39 18.47 -26.14
CA SER D 360 44.35 17.47 -25.08
C SER D 360 42.92 17.28 -24.62
N GLY D 361 42.60 16.05 -24.26
CA GLY D 361 41.26 15.67 -23.89
C GLY D 361 40.78 16.30 -22.59
N PRO D 362 39.62 15.84 -22.12
CA PRO D 362 38.97 16.46 -20.95
C PRO D 362 39.89 16.70 -19.77
N SER D 363 40.93 15.89 -19.57
CA SER D 363 41.87 16.15 -18.49
C SER D 363 42.48 17.54 -18.56
N ILE D 364 42.44 18.19 -19.72
CA ILE D 364 42.88 19.57 -19.85
C ILE D 364 42.27 20.47 -18.79
N VAL D 365 41.05 20.17 -18.36
CA VAL D 365 40.34 21.07 -17.44
C VAL D 365 41.08 21.20 -16.12
N HIS D 366 41.66 20.11 -15.62
CA HIS D 366 42.36 20.18 -14.35
C HIS D 366 43.61 21.06 -14.41
N HIS D 367 44.09 21.36 -15.61
CA HIS D 367 45.17 22.33 -15.78
C HIS D 367 44.65 23.75 -15.91
N LYS D 368 43.65 23.94 -16.78
CA LYS D 368 43.18 25.27 -17.12
C LYS D 368 42.29 25.89 -16.06
N CYS D 369 41.51 25.08 -15.36
CA CYS D 369 40.41 25.56 -14.55
C CYS D 369 40.72 25.48 -13.06
N PHE D 370 40.42 26.55 -12.35
CA PHE D 370 40.53 26.60 -10.89
C PHE D 370 39.37 27.41 -10.31
N ALA E 1 59.06 -2.90 40.89
CA ALA E 1 58.29 -2.85 39.62
C ALA E 1 57.72 -1.45 39.39
N ALA E 2 57.50 -1.11 38.12
CA ALA E 2 56.94 0.17 37.76
C ALA E 2 56.16 0.02 36.46
N LEU E 3 55.22 0.94 36.25
CA LEU E 3 54.39 0.97 35.06
C LEU E 3 54.84 2.08 34.14
N VAL E 4 54.95 1.77 32.85
CA VAL E 4 55.38 2.71 31.83
C VAL E 4 54.23 2.92 30.87
N ILE E 5 53.88 4.18 30.61
CA ILE E 5 52.74 4.54 29.81
C ILE E 5 53.16 5.57 28.77
N ASP E 6 52.98 5.24 27.50
CA ASP E 6 53.31 6.17 26.42
C ASP E 6 52.33 7.34 26.37
N ASN E 7 51.13 7.18 26.90
CA ASN E 7 50.10 8.20 26.85
C ASN E 7 49.96 8.74 25.42
N GLY E 8 49.95 7.81 24.47
CA GLY E 8 50.20 8.17 23.09
C GLY E 8 49.15 9.11 22.55
N SER E 9 49.56 9.99 21.65
CA SER E 9 48.59 10.82 20.95
C SER E 9 47.62 9.98 20.15
N GLY E 10 48.05 8.79 19.72
CA GLY E 10 47.23 7.92 18.90
C GLY E 10 46.94 6.60 19.58
N MET E 11 47.85 5.65 19.44
CA MET E 11 47.79 4.42 20.22
C MET E 11 48.36 4.70 21.61
N CYS E 12 47.57 4.45 22.63
CA CYS E 12 48.12 4.27 23.97
C CYS E 12 48.96 3.01 24.04
N LYS E 13 50.02 3.06 24.82
CA LYS E 13 50.82 1.90 25.15
C LYS E 13 51.09 1.90 26.65
N ALA E 14 50.96 0.74 27.28
CA ALA E 14 51.27 0.62 28.69
C ALA E 14 51.80 -0.78 28.97
N GLY E 15 52.61 -0.88 30.01
CA GLY E 15 53.17 -2.16 30.41
C GLY E 15 54.07 -1.98 31.62
N PHE E 16 54.65 -3.09 32.05
CA PHE E 16 55.60 -3.06 33.15
C PHE E 16 57.00 -2.73 32.67
N ALA E 17 57.73 -2.00 33.51
CA ALA E 17 59.14 -1.74 33.25
C ALA E 17 59.93 -3.03 33.19
N GLY E 18 60.94 -3.05 32.33
CA GLY E 18 61.75 -4.23 32.10
C GLY E 18 61.20 -5.19 31.06
N ASP E 19 59.99 -4.97 30.58
CA ASP E 19 59.50 -5.72 29.44
C ASP E 19 60.08 -5.17 28.14
N ASP E 20 60.04 -5.99 27.10
CA ASP E 20 60.53 -5.60 25.79
C ASP E 20 59.46 -5.01 24.88
N ALA E 21 58.20 -5.06 25.30
CA ALA E 21 57.11 -4.45 24.55
C ALA E 21 56.01 -4.10 25.52
N PRO E 22 55.17 -3.13 25.19
CA PRO E 22 53.98 -2.89 26.01
C PRO E 22 53.00 -4.05 25.91
N ARG E 23 52.29 -4.26 27.01
CA ARG E 23 51.29 -5.33 27.07
C ARG E 23 49.92 -4.86 26.63
N ALA E 24 49.50 -3.68 27.07
CA ALA E 24 48.29 -3.03 26.57
C ALA E 24 48.64 -2.07 25.46
N VAL E 25 48.13 -2.33 24.26
CA VAL E 25 48.19 -1.38 23.16
C VAL E 25 46.79 -1.26 22.57
N PHE E 26 46.26 -0.04 22.54
CA PHE E 26 44.90 0.17 22.08
C PHE E 26 44.73 1.62 21.67
N PRO E 27 43.80 1.91 20.77
CA PRO E 27 43.61 3.28 20.32
C PRO E 27 43.05 4.18 21.42
N SER E 28 43.63 5.37 21.54
CA SER E 28 43.31 6.31 22.62
C SER E 28 42.00 7.05 22.34
N ILE E 29 40.94 6.29 22.12
CA ILE E 29 39.65 6.85 21.73
C ILE E 29 38.63 6.54 22.82
N VAL E 30 37.75 7.50 23.08
CA VAL E 30 36.51 7.29 23.81
C VAL E 30 35.36 7.40 22.82
N GLY E 31 34.49 6.40 22.81
CA GLY E 31 33.31 6.38 21.95
C GLY E 31 32.05 6.62 22.76
N ARG E 32 31.24 7.58 22.30
CA ARG E 32 29.95 7.85 22.88
C ARG E 32 28.85 7.34 21.95
N PRO E 33 27.85 6.63 22.44
CA PRO E 33 26.74 6.22 21.58
C PRO E 33 25.91 7.42 21.16
N ARG E 34 25.47 7.41 19.91
CA ARG E 34 24.79 8.56 19.32
C ARG E 34 23.32 8.27 19.02
N HIS E 35 22.76 7.17 19.54
CA HIS E 35 21.40 6.79 19.21
C HIS E 35 20.66 6.34 20.47
N GLN E 36 19.34 6.30 20.37
CA GLN E 36 18.51 5.75 21.42
C GLN E 36 18.66 4.24 21.51
N GLY E 37 18.94 3.75 22.71
CA GLY E 37 19.03 2.32 22.97
C GLY E 37 17.67 1.68 23.22
N ILE E 38 17.04 1.14 22.18
CA ILE E 38 15.64 0.71 22.31
C ILE E 38 15.52 -0.66 22.96
N MET E 39 16.51 -1.53 22.81
CA MET E 39 16.43 -2.86 23.39
C MET E 39 16.75 -2.83 24.87
N VAL E 40 15.77 -3.20 25.68
CA VAL E 40 15.96 -3.40 27.11
C VAL E 40 16.88 -4.58 27.36
N GLY E 41 17.71 -4.47 28.39
CA GLY E 41 18.48 -5.59 28.89
C GLY E 41 19.82 -5.82 28.24
N MET E 42 20.18 -5.02 27.24
CA MET E 42 21.54 -5.06 26.72
C MET E 42 22.54 -4.36 27.64
N GLY E 43 22.07 -3.53 28.56
CA GLY E 43 22.97 -2.86 29.48
C GLY E 43 23.91 -1.92 28.76
N GLN E 44 23.41 -1.23 27.74
CA GLN E 44 24.26 -0.43 26.87
C GLN E 44 25.14 0.51 27.68
N LYS E 45 26.43 0.50 27.38
CA LYS E 45 27.37 1.34 28.12
C LYS E 45 27.26 2.78 27.65
N ASP E 46 27.31 3.70 28.61
CA ASP E 46 27.21 5.12 28.29
C ASP E 46 28.44 5.65 27.58
N SER E 47 29.60 5.01 27.72
CA SER E 47 30.78 5.41 26.98
C SER E 47 31.69 4.20 26.82
N TYR E 48 31.86 3.75 25.59
CA TYR E 48 32.87 2.76 25.27
C TYR E 48 34.23 3.44 25.14
N VAL E 49 35.29 2.63 25.28
CA VAL E 49 36.64 3.16 25.26
C VAL E 49 37.59 2.10 24.71
N GLY E 50 38.66 2.56 24.10
CA GLY E 50 39.63 1.68 23.48
C GLY E 50 39.06 0.86 22.35
N ASP E 51 39.51 -0.39 22.25
CA ASP E 51 39.11 -1.26 21.14
C ASP E 51 37.67 -1.73 21.25
N GLU E 52 37.02 -1.56 22.39
CA GLU E 52 35.57 -1.69 22.44
C GLU E 52 34.91 -0.67 21.51
N ALA E 53 35.33 0.59 21.61
CA ALA E 53 34.80 1.64 20.76
C ALA E 53 35.20 1.47 19.30
N GLN E 54 36.28 0.75 19.01
CA GLN E 54 36.52 0.30 17.65
C GLN E 54 35.43 -0.65 17.18
N SER E 55 35.19 -1.72 17.94
CA SER E 55 34.30 -2.77 17.46
C SER E 55 32.87 -2.28 17.30
N LYS E 56 32.44 -1.32 18.11
CA LYS E 56 31.09 -0.78 18.06
C LYS E 56 30.98 0.52 17.29
N ARG E 57 32.07 0.96 16.65
CA ARG E 57 32.19 2.33 16.19
C ARG E 57 31.05 2.79 15.29
N GLY E 58 30.42 1.88 14.56
CA GLY E 58 29.33 2.28 13.66
C GLY E 58 28.18 3.02 14.31
N ILE E 59 27.90 2.72 15.57
CA ILE E 59 26.87 3.42 16.32
C ILE E 59 27.42 4.54 17.20
N LEU E 60 28.71 4.79 17.14
CA LEU E 60 29.37 5.71 18.06
C LEU E 60 29.79 6.96 17.33
N THR E 61 30.09 7.99 18.12
CA THR E 61 31.02 9.02 17.72
C THR E 61 32.33 8.78 18.45
N LEU E 62 33.44 8.85 17.73
CA LEU E 62 34.76 8.62 18.30
C LEU E 62 35.46 9.96 18.46
N ARG E 63 35.99 10.19 19.65
CA ARG E 63 36.79 11.36 19.94
C ARG E 63 38.10 10.95 20.58
N TYR E 64 39.19 11.46 20.05
CA TYR E 64 40.45 11.43 20.77
C TYR E 64 40.43 12.49 21.87
N PRO E 65 40.74 12.15 23.11
CA PRO E 65 40.81 13.17 24.17
C PRO E 65 42.12 13.93 24.20
N ILE E 66 43.12 13.51 23.44
CA ILE E 66 44.43 14.15 23.40
C ILE E 66 44.68 14.62 21.98
N GLU E 67 44.81 15.93 21.81
CA GLU E 67 45.02 16.55 20.51
C GLU E 67 46.36 17.25 20.49
N HIS E 68 47.21 16.89 19.53
CA HIS E 68 48.55 17.47 19.40
C HIS E 68 49.28 17.46 20.73
N GLY E 69 49.21 16.34 21.44
CA GLY E 69 49.86 16.19 22.72
C GLY E 69 49.22 16.97 23.84
N ILE E 70 48.17 17.73 23.58
CA ILE E 70 47.43 18.44 24.61
C ILE E 70 46.20 17.64 24.96
N VAL E 71 46.02 17.33 26.24
CA VAL E 71 44.82 16.65 26.69
C VAL E 71 43.67 17.65 26.63
N THR E 72 42.71 17.39 25.74
CA THR E 72 41.63 18.32 25.47
C THR E 72 40.36 18.01 26.26
N ASN E 73 40.20 16.78 26.74
CA ASN E 73 39.08 16.43 27.63
C ASN E 73 39.65 15.52 28.71
N TRP E 74 39.91 16.10 29.89
CA TRP E 74 40.52 15.36 30.97
C TRP E 74 39.62 14.24 31.49
N ASP E 75 38.31 14.46 31.54
CA ASP E 75 37.42 13.41 32.01
C ASP E 75 37.48 12.16 31.13
N ASP E 76 37.71 12.35 29.83
CA ASP E 76 37.92 11.20 28.97
C ASP E 76 39.31 10.62 29.14
N MET E 77 40.32 11.47 29.33
CA MET E 77 41.64 10.95 29.59
C MET E 77 41.64 10.09 30.85
N GLU E 78 40.91 10.52 31.88
CA GLU E 78 40.70 9.71 33.06
C GLU E 78 40.08 8.38 32.71
N LYS E 79 39.06 8.38 31.83
CA LYS E 79 38.46 7.11 31.44
C LYS E 79 39.48 6.21 30.74
N ILE E 80 40.35 6.80 29.94
CA ILE E 80 41.35 6.01 29.22
C ILE E 80 42.36 5.39 30.18
N TRP E 81 42.87 6.17 31.13
CA TRP E 81 43.81 5.61 32.09
C TRP E 81 43.14 4.59 33.00
N HIS E 82 41.91 4.86 33.42
CA HIS E 82 41.16 3.89 34.20
C HIS E 82 41.01 2.57 33.46
N HIS E 83 40.59 2.64 32.19
CA HIS E 83 40.53 1.44 31.37
C HIS E 83 41.89 0.76 31.28
N THR E 84 42.95 1.54 31.14
CA THR E 84 44.28 0.94 31.06
C THR E 84 44.59 0.12 32.29
N PHE E 85 44.49 0.74 33.47
CA PHE E 85 44.85 0.04 34.69
C PHE E 85 43.93 -1.14 34.94
N TYR E 86 42.62 -0.91 34.96
CA TYR E 86 41.71 -1.93 35.46
C TYR E 86 41.26 -2.94 34.41
N ASN E 87 40.94 -2.50 33.20
CA ASN E 87 40.34 -3.40 32.21
C ASN E 87 41.41 -4.02 31.31
N GLU E 88 42.32 -3.19 30.79
CA GLU E 88 43.19 -3.62 29.71
C GLU E 88 44.47 -4.24 30.24
N LEU E 89 45.04 -3.67 31.30
CA LEU E 89 46.26 -4.19 31.89
C LEU E 89 46.00 -5.01 33.15
N ARG E 90 44.92 -4.72 33.87
CA ARG E 90 44.54 -5.43 35.08
C ARG E 90 45.65 -5.37 36.12
N VAL E 91 45.87 -4.15 36.60
CA VAL E 91 46.91 -3.85 37.59
C VAL E 91 46.32 -2.84 38.57
N ALA E 92 46.80 -2.92 39.81
CA ALA E 92 46.44 -1.93 40.81
C ALA E 92 47.38 -0.74 40.74
N PRO E 93 46.90 0.47 40.44
CA PRO E 93 47.81 1.62 40.36
C PRO E 93 48.32 2.10 41.71
N GLU E 94 47.60 1.81 42.79
CA GLU E 94 48.08 2.15 44.12
C GLU E 94 49.36 1.42 44.49
N GLU E 95 49.66 0.31 43.83
CA GLU E 95 50.81 -0.50 44.22
C GLU E 95 52.08 -0.19 43.46
N HIS E 96 51.99 0.52 42.33
CA HIS E 96 53.11 0.64 41.43
C HIS E 96 53.35 2.09 41.04
N PRO E 97 54.61 2.53 41.03
CA PRO E 97 54.92 3.86 40.48
C PRO E 97 54.75 3.87 38.96
N VAL E 98 54.33 5.01 38.45
CA VAL E 98 53.97 5.17 37.04
C VAL E 98 54.90 6.19 36.40
N LEU E 99 55.56 5.78 35.33
CA LEU E 99 56.23 6.69 34.42
C LEU E 99 55.26 7.06 33.30
N LEU E 100 54.73 8.28 33.34
CA LEU E 100 54.02 8.84 32.20
C LEU E 100 55.00 9.47 31.21
N THR E 101 54.48 9.77 30.03
CA THR E 101 55.25 10.38 28.95
C THR E 101 54.48 11.56 28.36
N GLU E 102 55.23 12.58 27.97
CA GLU E 102 54.65 13.79 27.37
C GLU E 102 55.47 14.21 26.16
N ALA E 103 54.82 14.88 25.23
CA ALA E 103 55.52 15.60 24.19
C ALA E 103 56.29 16.77 24.79
N PRO E 104 57.33 17.23 24.10
CA PRO E 104 58.03 18.46 24.52
C PRO E 104 57.26 19.71 24.16
N MET E 105 57.77 20.84 24.64
CA MET E 105 57.19 22.14 24.34
C MET E 105 55.70 22.20 24.69
N ASN E 106 55.31 21.45 25.70
CA ASN E 106 53.89 21.16 25.88
C ASN E 106 53.31 22.01 27.00
N PRO E 107 52.10 22.53 26.83
CA PRO E 107 51.58 23.55 27.75
C PRO E 107 51.67 23.11 29.20
N LYS E 108 52.27 23.97 30.01
CA LYS E 108 52.77 23.58 31.33
C LYS E 108 51.65 23.11 32.24
N SER E 109 50.46 23.70 32.12
CA SER E 109 49.32 23.26 32.90
C SER E 109 48.89 21.85 32.53
N ASN E 110 49.24 21.37 31.35
CA ASN E 110 48.95 19.98 31.00
C ASN E 110 49.73 19.04 31.90
N ARG E 111 51.03 19.29 32.06
CA ARG E 111 51.86 18.47 32.94
C ARG E 111 51.43 18.61 34.39
N GLU E 112 50.99 19.80 34.77
CA GLU E 112 50.44 19.99 36.11
C GLU E 112 49.22 19.11 36.33
N LYS E 113 48.17 19.34 35.53
CA LYS E 113 46.91 18.62 35.71
C LYS E 113 47.12 17.11 35.59
N MET E 114 47.99 16.69 34.67
CA MET E 114 48.35 15.29 34.55
C MET E 114 48.76 14.68 35.89
N THR E 115 49.59 15.40 36.64
CA THR E 115 50.00 14.84 37.93
C THR E 115 48.94 15.02 39.01
N GLN E 116 48.18 16.11 38.95
CA GLN E 116 47.07 16.27 39.87
C GLN E 116 46.11 15.09 39.79
N ILE E 117 45.79 14.66 38.57
CA ILE E 117 44.98 13.45 38.39
C ILE E 117 45.72 12.23 38.89
N MET E 118 46.96 12.05 38.46
CA MET E 118 47.64 10.79 38.75
C MET E 118 47.82 10.55 40.24
N PHE E 119 48.00 11.61 41.03
CA PHE E 119 48.04 11.41 42.48
C PHE E 119 46.66 11.39 43.11
N GLU E 120 45.82 12.39 42.84
CA GLU E 120 44.60 12.52 43.62
C GLU E 120 43.51 11.56 43.16
N THR E 121 43.47 11.21 41.88
CA THR E 121 42.49 10.26 41.40
C THR E 121 42.96 8.81 41.55
N PHE E 122 44.17 8.51 41.06
CA PHE E 122 44.67 7.14 41.04
C PHE E 122 45.57 6.80 42.22
N ASN E 123 45.93 7.78 43.05
CA ASN E 123 46.70 7.52 44.27
C ASN E 123 47.99 6.74 43.95
N VAL E 124 48.59 7.05 42.81
CA VAL E 124 49.86 6.40 42.47
C VAL E 124 50.89 6.73 43.54
N PRO E 125 51.69 5.76 44.00
CA PRO E 125 52.61 6.06 45.11
C PRO E 125 53.76 6.96 44.72
N ALA E 126 54.32 6.79 43.52
CA ALA E 126 55.35 7.69 43.03
C ALA E 126 55.33 7.70 41.51
N PHE E 127 55.87 8.77 40.94
CA PHE E 127 55.47 9.16 39.59
C PHE E 127 56.61 9.90 38.90
N TYR E 128 56.61 9.86 37.57
CA TYR E 128 57.48 10.71 36.77
C TYR E 128 56.89 10.96 35.40
N VAL E 129 57.40 12.00 34.74
CA VAL E 129 57.07 12.36 33.37
C VAL E 129 58.37 12.53 32.60
N SER E 130 58.41 12.08 31.34
CA SER E 130 59.56 12.31 30.50
C SER E 130 59.15 12.52 29.06
N ILE E 131 60.06 13.12 28.30
CA ILE E 131 59.78 13.55 26.94
C ILE E 131 59.81 12.35 26.02
N GLN E 132 58.74 12.19 25.23
CA GLN E 132 58.62 11.09 24.29
C GLN E 132 59.91 10.83 23.49
N ALA E 133 60.42 11.87 22.83
CA ALA E 133 61.62 11.72 22.02
C ALA E 133 62.82 11.26 22.84
N VAL E 134 63.02 11.83 24.02
CA VAL E 134 64.21 11.53 24.80
C VAL E 134 64.31 10.04 25.08
N LEU E 135 63.18 9.40 25.39
CA LEU E 135 63.19 7.97 25.63
C LEU E 135 63.73 7.18 24.45
N SER E 136 63.57 7.69 23.23
CA SER E 136 64.05 6.96 22.07
C SER E 136 65.55 6.77 22.07
N LEU E 137 66.31 7.62 22.75
CA LEU E 137 67.74 7.38 22.87
C LEU E 137 68.02 6.17 23.74
N TYR E 138 67.21 5.98 24.79
CA TYR E 138 67.35 4.80 25.62
C TYR E 138 67.02 3.53 24.85
N SER E 139 65.95 3.54 24.07
CA SER E 139 65.61 2.38 23.27
C SER E 139 66.55 2.22 22.08
N SER E 140 67.24 3.28 21.67
CA SER E 140 68.35 3.11 20.73
C SER E 140 69.64 2.70 21.43
N GLY E 141 69.72 2.88 22.74
CA GLY E 141 70.94 2.59 23.46
C GLY E 141 72.02 3.62 23.18
N ARG E 142 71.67 4.90 23.30
CA ARG E 142 72.55 5.97 22.84
C ARG E 142 72.53 7.12 23.83
N THR E 143 73.54 7.97 23.69
CA THR E 143 73.66 9.19 24.47
C THR E 143 73.80 10.43 23.59
N THR E 144 73.84 10.26 22.28
CA THR E 144 73.84 11.36 21.34
C THR E 144 72.85 11.04 20.23
N GLY E 145 72.42 12.07 19.52
CA GLY E 145 71.56 11.86 18.38
C GLY E 145 70.38 12.81 18.39
N ILE E 146 69.81 13.02 17.21
CA ILE E 146 68.63 13.87 17.05
C ILE E 146 67.45 12.98 16.73
N VAL E 147 66.36 13.16 17.48
CA VAL E 147 65.21 12.27 17.41
C VAL E 147 64.09 12.98 16.64
N LEU E 148 63.69 12.40 15.52
CA LEU E 148 62.35 12.65 14.98
C LEU E 148 61.36 11.72 15.66
N ASP E 149 60.55 12.27 16.55
CA ASP E 149 59.28 11.64 16.90
C ASP E 149 58.21 12.13 15.92
N SER E 150 57.30 11.23 15.57
CA SER E 150 56.10 11.68 14.84
C SER E 150 54.93 10.80 15.26
N GLY E 151 54.29 11.17 16.36
CA GLY E 151 53.10 10.48 16.79
C GLY E 151 51.93 10.76 15.87
N ASP E 152 50.74 10.40 16.33
CA ASP E 152 49.53 10.89 15.68
C ASP E 152 49.36 12.39 15.83
N GLY E 153 49.81 12.96 16.94
CA GLY E 153 49.48 14.35 17.24
C GLY E 153 50.56 15.36 16.93
N VAL E 154 51.82 15.02 17.21
CA VAL E 154 52.91 16.00 17.09
C VAL E 154 54.11 15.33 16.45
N THR E 155 54.73 16.03 15.51
CA THR E 155 56.11 15.79 15.14
C THR E 155 56.98 16.77 15.92
N HIS E 156 57.98 16.26 16.64
CA HIS E 156 58.93 17.12 17.32
C HIS E 156 60.34 16.58 17.16
N VAL E 157 61.26 17.49 16.86
CA VAL E 157 62.66 17.16 16.63
C VAL E 157 63.44 17.57 17.86
N VAL E 158 64.19 16.62 18.43
CA VAL E 158 64.90 16.89 19.68
C VAL E 158 66.35 16.45 19.56
N PRO E 159 67.29 17.38 19.38
CA PRO E 159 68.70 17.02 19.41
C PRO E 159 69.19 16.82 20.84
N ILE E 160 69.97 15.77 21.05
CA ILE E 160 70.61 15.50 22.32
C ILE E 160 72.07 15.18 22.07
N TYR E 161 72.95 15.71 22.94
CA TYR E 161 74.37 15.45 22.83
C TYR E 161 74.94 15.20 24.21
N GLU E 162 75.59 14.05 24.38
CA GLU E 162 76.24 13.68 25.64
C GLU E 162 75.28 13.80 26.83
N GLY E 163 73.99 13.56 26.59
CA GLY E 163 72.99 13.70 27.62
C GLY E 163 72.57 15.11 27.98
N PHE E 164 73.05 16.11 27.24
CA PHE E 164 72.59 17.48 27.36
C PHE E 164 71.57 17.79 26.28
N SER E 165 70.51 18.51 26.67
CA SER E 165 69.27 18.50 25.91
C SER E 165 69.16 19.60 24.87
N LEU E 166 70.14 20.49 24.78
CA LEU E 166 70.16 21.51 23.74
C LEU E 166 68.78 22.12 23.56
N PRO E 167 68.13 22.55 24.64
CA PRO E 167 66.68 22.80 24.58
C PRO E 167 66.29 23.88 23.60
N HIS E 168 67.19 24.80 23.29
CA HIS E 168 66.91 25.86 22.33
C HIS E 168 66.80 25.36 20.90
N ALA E 169 67.18 24.11 20.62
CA ALA E 169 67.15 23.58 19.26
C ALA E 169 66.04 22.56 19.05
N ILE E 170 65.09 22.47 19.95
CA ILE E 170 63.89 21.65 19.72
C ILE E 170 62.96 22.36 18.75
N LEU E 171 62.59 21.66 17.68
CA LEU E 171 61.58 22.10 16.73
C LEU E 171 60.35 21.22 16.88
N ARG E 172 59.20 21.84 17.10
CA ARG E 172 57.92 21.15 17.22
C ARG E 172 57.03 21.44 16.02
N ILE E 173 56.50 20.39 15.42
CA ILE E 173 55.88 20.44 14.10
C ILE E 173 54.55 19.69 14.17
N ASP E 174 53.49 20.32 13.68
CA ASP E 174 52.13 19.83 13.89
C ASP E 174 51.63 18.90 12.80
N LEU E 175 52.43 18.63 11.77
CA LEU E 175 52.17 17.49 10.89
C LEU E 175 52.31 16.20 11.66
N ALA E 176 51.29 15.35 11.59
CA ALA E 176 51.30 14.10 12.33
C ALA E 176 50.26 13.15 11.74
N GLY E 177 50.35 11.89 12.17
CA GLY E 177 49.55 10.84 11.55
C GLY E 177 48.08 11.16 11.43
N ARG E 178 47.51 11.82 12.44
CA ARG E 178 46.11 12.20 12.38
C ARG E 178 45.86 13.18 11.24
N ASP E 179 46.75 14.16 11.07
CA ASP E 179 46.54 15.14 10.01
C ASP E 179 46.82 14.55 8.63
N LEU E 180 47.70 13.55 8.55
CA LEU E 180 47.84 12.82 7.29
C LEU E 180 46.59 12.00 6.98
N THR E 181 45.97 11.43 8.01
CA THR E 181 44.70 10.75 7.84
C THR E 181 43.67 11.71 7.25
N ASP E 182 43.55 12.88 7.86
CA ASP E 182 42.59 13.87 7.37
C ASP E 182 42.90 14.32 5.94
N TYR E 183 44.16 14.56 5.63
CA TYR E 183 44.50 14.96 4.27
C TYR E 183 44.21 13.86 3.26
N LEU E 184 44.50 12.60 3.63
CA LEU E 184 44.16 11.49 2.76
C LEU E 184 42.66 11.46 2.50
N MET E 185 41.87 11.68 3.55
CA MET E 185 40.43 11.75 3.39
C MET E 185 40.03 12.89 2.44
N LYS E 186 40.73 14.02 2.52
CA LYS E 186 40.48 15.13 1.61
C LYS E 186 40.75 14.75 0.15
N ILE E 187 41.91 14.18 -0.13
CA ILE E 187 42.21 13.83 -1.52
C ILE E 187 41.48 12.58 -1.96
N LEU E 188 41.16 11.66 -1.05
CA LEU E 188 40.46 10.46 -1.44
C LEU E 188 39.03 10.76 -1.90
N SER E 189 38.52 11.95 -1.59
CA SER E 189 37.31 12.45 -2.22
C SER E 189 37.48 12.63 -3.72
N GLU E 190 38.71 12.74 -4.20
CA GLU E 190 38.92 13.00 -5.62
C GLU E 190 38.45 11.85 -6.50
N ARG E 191 38.49 10.63 -5.98
CA ARG E 191 37.90 9.48 -6.66
C ARG E 191 36.41 9.32 -6.36
N GLY E 192 35.85 10.20 -5.54
CA GLY E 192 34.44 10.14 -5.20
C GLY E 192 34.08 9.22 -4.07
N TYR E 193 35.07 8.64 -3.39
CA TYR E 193 34.82 7.96 -2.13
C TYR E 193 34.65 9.00 -1.04
N SER E 194 33.52 8.91 -0.33
CA SER E 194 33.24 9.82 0.77
C SER E 194 33.46 9.08 2.08
N PHE E 195 34.20 9.72 2.98
CA PHE E 195 34.60 9.12 4.25
C PHE E 195 34.55 10.14 5.36
N SER E 196 33.62 11.07 5.27
CA SER E 196 33.67 12.23 6.13
C SER E 196 33.45 11.87 7.58
N THR E 197 32.83 10.72 7.85
CA THR E 197 32.51 10.44 9.23
C THR E 197 33.71 9.99 10.03
N THR E 198 33.63 10.17 11.35
CA THR E 198 34.66 9.69 12.24
C THR E 198 34.77 8.17 12.18
N ALA E 199 33.64 7.48 12.02
CA ALA E 199 33.67 6.06 11.81
C ALA E 199 34.39 5.73 10.52
N GLU E 200 34.31 6.63 9.54
CA GLU E 200 35.02 6.44 8.30
C GLU E 200 36.42 7.03 8.38
N ARG E 201 36.61 8.06 9.22
CA ARG E 201 37.96 8.53 9.53
C ARG E 201 38.84 7.38 10.00
N GLU E 202 38.29 6.48 10.81
CA GLU E 202 39.05 5.31 11.23
C GLU E 202 39.40 4.40 10.07
N ILE E 203 38.49 4.27 9.10
CA ILE E 203 38.78 3.45 7.93
C ILE E 203 39.87 4.08 7.09
N VAL E 204 39.84 5.40 6.94
CA VAL E 204 40.92 6.07 6.22
C VAL E 204 42.24 5.89 6.96
N ARG E 205 42.19 5.83 8.28
CA ARG E 205 43.39 5.53 9.06
C ARG E 205 43.95 4.16 8.72
N ASP E 206 43.08 3.16 8.61
CA ASP E 206 43.55 1.83 8.22
C ASP E 206 44.09 1.81 6.79
N ILE E 207 43.41 2.49 5.86
CA ILE E 207 43.90 2.55 4.49
C ILE E 207 45.29 3.16 4.43
N LYS E 208 45.48 4.26 5.16
CA LYS E 208 46.81 4.87 5.22
C LYS E 208 47.82 3.90 5.81
N GLU E 209 47.48 3.29 6.94
CA GLU E 209 48.41 2.44 7.66
C GLU E 209 48.82 1.21 6.86
N LYS E 210 47.99 0.77 5.92
CA LYS E 210 48.31 -0.41 5.14
C LYS E 210 48.91 -0.11 3.76
N LEU E 211 48.30 0.78 2.97
CA LEU E 211 48.63 0.86 1.55
C LEU E 211 49.52 2.02 1.17
N CYS E 212 49.68 3.04 2.01
CA CYS E 212 50.43 4.22 1.60
C CYS E 212 51.93 4.02 1.80
N TYR E 213 52.70 4.82 1.06
CA TYR E 213 54.15 4.79 1.11
C TYR E 213 54.68 6.15 0.71
N VAL E 214 55.88 6.46 1.17
CA VAL E 214 56.51 7.73 0.87
C VAL E 214 57.22 7.67 -0.48
N ALA E 215 56.87 8.61 -1.36
CA ALA E 215 57.53 8.70 -2.65
C ALA E 215 58.99 9.06 -2.50
N LEU E 216 59.85 8.40 -3.28
CA LEU E 216 61.27 8.73 -3.30
C LEU E 216 61.62 9.77 -4.36
N ASP E 217 60.76 9.96 -5.36
CA ASP E 217 60.80 11.13 -6.23
C ASP E 217 59.35 11.47 -6.56
N PHE E 218 58.84 12.51 -5.90
CA PHE E 218 57.42 12.82 -5.99
C PHE E 218 57.00 13.16 -7.41
N GLU E 219 57.80 13.94 -8.12
CA GLU E 219 57.46 14.30 -9.49
C GLU E 219 57.53 13.11 -10.45
N GLN E 220 58.57 12.29 -10.32
CA GLN E 220 58.67 11.11 -11.17
C GLN E 220 57.55 10.11 -10.89
N GLU E 221 57.22 9.87 -9.63
CA GLU E 221 56.14 8.94 -9.34
C GLU E 221 54.76 9.50 -9.68
N MET E 222 54.58 10.82 -9.58
CA MET E 222 53.39 11.43 -10.18
C MET E 222 53.31 11.19 -11.68
N GLN E 223 54.46 11.29 -12.37
CA GLN E 223 54.47 11.05 -13.81
C GLN E 223 54.13 9.60 -14.13
N THR E 224 54.79 8.67 -13.46
CA THR E 224 54.57 7.25 -13.74
C THR E 224 53.18 6.78 -13.32
N ALA E 225 52.61 7.33 -12.24
CA ALA E 225 51.23 7.01 -11.90
C ALA E 225 50.24 7.66 -12.86
N ALA E 226 50.61 8.77 -13.48
CA ALA E 226 49.79 9.27 -14.59
C ALA E 226 49.93 8.40 -15.83
N GLN E 227 51.10 7.80 -16.03
CA GLN E 227 51.32 6.94 -17.19
C GLN E 227 50.77 5.53 -17.00
N SER E 228 50.78 4.99 -15.78
CA SER E 228 50.53 3.56 -15.62
C SER E 228 49.82 3.28 -14.30
N SER E 229 49.00 2.23 -14.32
CA SER E 229 48.32 1.68 -13.16
C SER E 229 49.23 0.87 -12.24
N SER E 230 50.54 0.82 -12.51
CA SER E 230 51.42 -0.06 -11.74
C SER E 230 51.26 0.13 -10.24
N ILE E 231 51.00 1.36 -9.80
CA ILE E 231 50.92 1.67 -8.37
C ILE E 231 49.54 1.41 -7.78
N GLU E 232 48.52 1.20 -8.61
CA GLU E 232 47.11 1.33 -8.19
C GLU E 232 46.65 0.10 -7.43
N LYS E 233 47.13 -0.03 -6.20
CA LYS E 233 46.61 -1.05 -5.30
C LYS E 233 45.15 -0.76 -4.94
N SER E 234 44.50 -1.75 -4.33
CA SER E 234 43.07 -1.71 -4.05
C SER E 234 42.78 -2.21 -2.64
N TYR E 235 41.81 -1.57 -1.99
CA TYR E 235 41.41 -1.90 -0.62
C TYR E 235 39.93 -2.29 -0.58
N GLU E 236 39.59 -3.12 0.40
CA GLU E 236 38.23 -3.61 0.59
C GLU E 236 37.67 -3.08 1.91
N LEU E 237 36.63 -2.26 1.82
CA LEU E 237 36.07 -1.60 2.98
C LEU E 237 35.41 -2.60 3.92
N PRO E 238 35.07 -2.16 5.14
CA PRO E 238 34.30 -3.03 6.05
C PRO E 238 32.91 -3.41 5.55
N ASP E 239 32.44 -2.83 4.44
CA ASP E 239 31.22 -3.28 3.80
C ASP E 239 31.46 -4.18 2.60
N GLY E 240 32.73 -4.47 2.30
CA GLY E 240 33.08 -5.34 1.20
C GLY E 240 33.15 -4.69 -0.16
N GLN E 241 32.84 -3.40 -0.27
CA GLN E 241 33.11 -2.71 -1.52
C GLN E 241 34.61 -2.60 -1.71
N VAL E 242 35.07 -2.81 -2.92
CA VAL E 242 36.46 -2.56 -3.27
C VAL E 242 36.63 -1.11 -3.71
N ILE E 243 37.78 -0.56 -3.38
CA ILE E 243 38.22 0.74 -3.88
C ILE E 243 39.61 0.57 -4.46
N THR E 244 39.94 1.43 -5.41
CA THR E 244 41.30 1.52 -5.94
C THR E 244 41.87 2.89 -5.64
N ILE E 245 43.15 2.93 -5.29
CA ILE E 245 43.83 4.13 -4.86
C ILE E 245 44.92 4.45 -5.88
N GLY E 246 44.82 5.62 -6.51
CA GLY E 246 45.81 6.02 -7.48
C GLY E 246 47.04 6.65 -6.85
N ASN E 247 47.48 7.78 -7.41
CA ASN E 247 48.63 8.49 -6.87
C ASN E 247 48.40 8.97 -5.44
N GLU E 248 47.15 9.01 -4.99
CA GLU E 248 46.88 9.29 -3.59
C GLU E 248 47.67 8.38 -2.67
N ARG E 249 48.05 7.20 -3.16
CA ARG E 249 48.79 6.25 -2.34
C ARG E 249 50.09 6.85 -1.80
N PHE E 250 50.68 7.81 -2.51
CA PHE E 250 51.84 8.52 -2.02
C PHE E 250 51.67 10.03 -1.89
N ARG E 251 50.75 10.64 -2.64
CA ARG E 251 50.51 12.08 -2.50
C ARG E 251 50.14 12.46 -1.08
N ALA E 252 49.48 11.55 -0.34
CA ALA E 252 49.13 11.86 1.05
C ALA E 252 50.34 11.96 1.96
N PRO E 253 51.16 10.93 2.13
CA PRO E 253 52.33 11.05 3.00
C PRO E 253 53.37 12.03 2.52
N GLU E 254 53.36 12.41 1.24
CA GLU E 254 54.21 13.50 0.79
C GLU E 254 53.92 14.81 1.52
N ALA E 255 52.76 14.93 2.16
CA ALA E 255 52.49 16.09 3.00
C ALA E 255 53.55 16.31 4.07
N LEU E 256 54.13 15.24 4.59
CA LEU E 256 55.21 15.38 5.55
C LEU E 256 56.38 16.19 5.00
N PHE E 257 56.53 16.26 3.68
CA PHE E 257 57.70 16.89 3.07
C PHE E 257 57.39 18.18 2.33
N HIS E 258 56.12 18.44 2.01
CA HIS E 258 55.70 19.76 1.52
C HIS E 258 54.43 20.17 2.24
N PRO E 259 54.55 20.62 3.48
CA PRO E 259 53.35 20.99 4.26
C PRO E 259 52.55 22.11 3.66
N SER E 260 53.09 22.85 2.69
CA SER E 260 52.29 23.80 1.94
C SER E 260 51.07 23.14 1.32
N VAL E 261 51.14 21.83 1.09
CA VAL E 261 49.97 21.09 0.63
C VAL E 261 48.82 21.19 1.63
N LEU E 262 49.14 21.13 2.92
CA LEU E 262 48.14 21.36 3.96
C LEU E 262 47.95 22.83 4.26
N GLY E 263 48.68 23.68 3.55
CA GLY E 263 48.65 25.11 3.77
C GLY E 263 49.37 25.53 5.02
N LEU E 264 50.17 24.63 5.59
CA LEU E 264 50.80 24.97 6.84
C LEU E 264 52.01 25.84 6.53
N GLU E 265 52.29 26.77 7.42
CA GLU E 265 53.53 27.52 7.35
C GLU E 265 54.75 26.68 7.59
N SER E 266 54.59 25.44 8.02
CA SER E 266 55.76 24.79 8.56
C SER E 266 56.59 24.29 7.40
N ALA E 267 57.54 23.42 7.71
CA ALA E 267 58.41 22.90 6.69
C ALA E 267 58.63 21.44 6.98
N GLY E 268 59.06 20.74 5.95
CA GLY E 268 59.10 19.30 6.05
C GLY E 268 59.98 18.84 7.18
N ILE E 269 59.69 17.61 7.60
CA ILE E 269 60.45 16.98 8.68
C ILE E 269 61.90 16.85 8.30
N ASP E 270 62.19 16.76 7.00
CA ASP E 270 63.57 16.82 6.53
C ASP E 270 64.16 18.19 6.82
N GLN E 271 63.55 19.23 6.26
CA GLN E 271 64.14 20.56 6.35
C GLN E 271 64.17 21.07 7.78
N THR E 272 63.14 20.74 8.57
CA THR E 272 63.17 21.09 10.00
C THR E 272 64.17 20.27 10.80
N THR E 273 64.44 19.03 10.42
CA THR E 273 65.54 18.30 11.05
C THR E 273 66.87 18.99 10.77
N TYR E 274 67.13 19.25 9.49
CA TYR E 274 68.33 19.98 9.10
C TYR E 274 68.44 21.30 9.85
N ASN E 275 67.32 22.04 9.92
CA ASN E 275 67.34 23.34 10.57
C ASN E 275 67.60 23.25 12.07
N SER E 276 67.10 22.20 12.73
CA SER E 276 67.46 22.00 14.14
C SER E 276 68.95 21.73 14.30
N ILE E 277 69.52 20.92 13.40
CA ILE E 277 70.95 20.68 13.44
C ILE E 277 71.71 21.98 13.21
N MET E 278 71.28 22.78 12.24
CA MET E 278 71.91 24.08 12.05
C MET E 278 71.80 24.92 13.32
N LYS E 279 70.66 24.86 13.99
CA LYS E 279 70.43 25.70 15.17
C LYS E 279 71.27 25.30 16.37
N CYS E 280 71.67 24.04 16.51
CA CYS E 280 72.18 23.64 17.82
C CYS E 280 73.55 24.24 18.07
N ASP E 281 74.55 23.88 17.29
CA ASP E 281 75.90 24.42 17.44
C ASP E 281 76.70 24.14 16.18
N VAL E 282 77.93 24.69 16.14
CA VAL E 282 78.90 24.17 15.18
C VAL E 282 79.64 22.91 15.67
N ASP E 283 79.86 22.77 16.97
CA ASP E 283 80.69 21.68 17.47
C ASP E 283 80.07 20.31 17.21
N VAL E 284 78.77 20.17 17.51
CA VAL E 284 78.18 18.84 17.62
C VAL E 284 77.65 18.30 16.30
N ARG E 285 77.40 19.15 15.31
CA ARG E 285 76.66 18.70 14.14
C ARG E 285 77.35 17.51 13.49
N LYS E 286 78.68 17.43 13.65
CA LYS E 286 79.43 16.27 13.20
C LYS E 286 78.83 14.97 13.74
N GLU E 287 78.23 15.02 14.92
CA GLU E 287 77.66 13.83 15.56
C GLU E 287 76.14 13.79 15.50
N LEU E 288 75.51 14.72 14.78
CA LEU E 288 74.06 14.72 14.64
C LEU E 288 73.55 14.54 13.22
N TYR E 289 74.38 14.77 12.20
CA TYR E 289 73.97 14.37 10.86
C TYR E 289 74.04 12.86 10.70
N GLY E 290 75.10 12.24 11.18
CA GLY E 290 75.02 10.86 11.62
C GLY E 290 74.18 10.74 12.88
N ASN E 291 73.62 9.55 13.07
CA ASN E 291 72.86 9.23 14.28
C ASN E 291 71.59 10.07 14.36
N ILE E 292 70.88 10.19 13.25
CA ILE E 292 69.51 10.67 13.26
C ILE E 292 68.55 9.56 13.66
N VAL E 293 68.24 9.47 14.95
CA VAL E 293 67.25 8.52 15.41
C VAL E 293 65.88 8.94 14.96
N MET E 294 64.99 7.96 14.78
CA MET E 294 63.66 8.20 14.24
C MET E 294 62.65 7.34 14.97
N SER E 295 61.47 7.91 15.24
CA SER E 295 60.60 7.40 16.27
C SER E 295 59.14 7.66 15.94
N GLY E 296 58.28 6.84 16.51
CA GLY E 296 56.85 7.03 16.48
C GLY E 296 56.19 6.62 15.17
N GLY E 297 54.90 6.30 15.29
CA GLY E 297 54.23 5.51 14.26
C GLY E 297 54.20 6.15 12.90
N THR E 298 54.15 7.49 12.84
CA THR E 298 54.12 8.15 11.54
C THR E 298 55.43 7.99 10.79
N THR E 299 56.51 7.66 11.47
CA THR E 299 57.79 7.38 10.82
C THR E 299 57.86 5.96 10.28
N MET E 300 56.73 5.26 10.25
CA MET E 300 56.68 3.86 9.85
C MET E 300 56.46 3.67 8.35
N PHE E 301 56.19 4.74 7.61
CA PHE E 301 55.94 4.58 6.18
C PHE E 301 57.12 3.87 5.51
N PRO E 302 56.86 2.93 4.61
CA PRO E 302 57.91 2.49 3.69
C PRO E 302 58.50 3.65 2.89
N GLY E 303 59.82 3.62 2.72
CA GLY E 303 60.51 4.64 1.96
C GLY E 303 60.84 5.91 2.70
N ILE E 304 60.37 6.07 3.95
CA ILE E 304 60.58 7.34 4.64
C ILE E 304 62.05 7.53 4.99
N ALA E 305 62.72 6.48 5.43
CA ALA E 305 64.15 6.59 5.76
C ALA E 305 64.98 6.91 4.53
N GLU E 306 64.68 6.28 3.40
CA GLU E 306 65.37 6.60 2.16
C GLU E 306 65.16 8.05 1.75
N ARG E 307 63.93 8.55 1.88
CA ARG E 307 63.67 9.94 1.56
C ARG E 307 64.41 10.87 2.51
N MET E 308 64.42 10.55 3.80
CA MET E 308 65.20 11.33 4.75
C MET E 308 66.67 11.38 4.37
N GLN E 309 67.24 10.22 4.02
CA GLN E 309 68.61 10.19 3.52
C GLN E 309 68.80 11.16 2.37
N LYS E 310 67.95 11.02 1.34
CA LYS E 310 68.09 11.86 0.16
C LYS E 310 68.01 13.35 0.49
N GLU E 311 67.04 13.72 1.34
CA GLU E 311 66.82 15.13 1.62
C GLU E 311 67.93 15.69 2.51
N ILE E 312 68.24 15.02 3.61
CA ILE E 312 69.25 15.53 4.51
C ILE E 312 70.60 15.58 3.83
N THR E 313 70.93 14.56 3.03
CA THR E 313 72.17 14.62 2.27
C THR E 313 72.13 15.72 1.22
N ALA E 314 70.95 16.13 0.78
CA ALA E 314 70.87 17.29 -0.10
C ALA E 314 71.00 18.61 0.65
N LEU E 315 70.71 18.62 1.94
CA LEU E 315 70.80 19.82 2.76
C LEU E 315 72.06 19.90 3.60
N ALA E 316 72.50 18.77 4.15
CA ALA E 316 73.70 18.76 4.97
C ALA E 316 74.93 19.13 4.14
N PRO E 317 76.02 19.50 4.80
CA PRO E 317 77.22 19.91 4.07
C PRO E 317 77.74 18.79 3.18
N SER E 318 78.40 19.18 2.10
CA SER E 318 79.10 18.23 1.26
C SER E 318 80.16 17.49 2.06
N SER E 319 80.24 16.18 1.83
CA SER E 319 81.12 15.29 2.58
C SER E 319 80.83 15.33 4.08
N MET E 320 79.55 15.44 4.44
CA MET E 320 79.11 15.15 5.79
C MET E 320 78.32 13.84 5.78
N LYS E 321 78.67 12.94 6.68
CA LYS E 321 77.96 11.67 6.81
C LYS E 321 76.53 11.90 7.29
N VAL E 322 75.59 11.14 6.71
CA VAL E 322 74.22 11.10 7.17
C VAL E 322 73.81 9.66 7.40
N LYS E 323 73.14 9.40 8.51
CA LYS E 323 72.69 8.05 8.84
C LYS E 323 71.36 8.13 9.57
N ILE E 324 70.28 7.76 8.89
CA ILE E 324 68.94 7.72 9.47
C ILE E 324 68.78 6.39 10.19
N ILE E 325 68.95 6.40 11.51
CA ILE E 325 68.87 5.18 12.32
C ILE E 325 67.40 4.85 12.51
N ALA E 326 66.90 3.86 11.77
CA ALA E 326 65.48 3.51 11.76
C ALA E 326 65.33 2.02 12.08
N PRO E 327 65.22 1.68 13.35
CA PRO E 327 64.92 0.28 13.72
C PRO E 327 63.56 -0.14 13.19
N PRO E 328 63.24 -1.44 13.28
CA PRO E 328 61.85 -1.88 13.06
C PRO E 328 60.91 -1.55 14.22
N GLU E 329 61.44 -1.19 15.39
CA GLU E 329 60.63 -1.03 16.59
C GLU E 329 60.01 0.36 16.70
N ARG E 330 60.11 1.16 15.64
CA ARG E 330 59.84 2.59 15.74
C ARG E 330 58.52 2.85 16.46
N LYS E 331 57.50 2.06 16.12
CA LYS E 331 56.16 2.24 16.67
C LYS E 331 56.12 2.11 18.19
N TYR E 332 57.12 1.47 18.79
CA TYR E 332 57.17 1.31 20.24
C TYR E 332 58.43 1.90 20.88
N SER E 333 59.34 2.45 20.10
CA SER E 333 60.64 2.86 20.61
C SER E 333 60.52 3.80 21.81
N VAL E 334 59.50 4.65 21.84
CA VAL E 334 59.28 5.48 23.02
C VAL E 334 59.01 4.62 24.25
N TRP E 335 58.05 3.71 24.15
CA TRP E 335 57.71 2.89 25.31
C TRP E 335 58.88 2.04 25.76
N ILE E 336 59.57 1.41 24.81
CA ILE E 336 60.74 0.61 25.16
C ILE E 336 61.78 1.48 25.87
N GLY E 337 61.95 2.72 25.41
CA GLY E 337 62.85 3.64 26.09
C GLY E 337 62.42 3.90 27.53
N GLY E 338 61.13 4.13 27.74
CA GLY E 338 60.64 4.31 29.09
C GLY E 338 60.83 3.07 29.94
N SER E 339 60.65 1.89 29.35
CA SER E 339 60.86 0.64 30.06
C SER E 339 62.30 0.52 30.55
N ILE E 340 63.25 0.84 29.68
CA ILE E 340 64.65 0.86 30.09
C ILE E 340 64.86 1.89 31.20
N LEU E 341 64.39 3.11 31.01
CA LEU E 341 64.65 4.17 31.98
C LEU E 341 64.10 3.80 33.35
N ALA E 342 62.86 3.33 33.40
CA ALA E 342 62.28 2.89 34.66
C ALA E 342 62.98 1.67 35.22
N SER E 343 63.61 0.87 34.36
CA SER E 343 64.35 -0.28 34.85
C SER E 343 65.60 0.15 35.60
N LEU E 344 66.28 1.19 35.13
CA LEU E 344 67.58 1.55 35.69
C LEU E 344 67.49 1.76 37.19
N THR E 345 68.40 1.11 37.91
CA THR E 345 68.51 1.31 39.36
C THR E 345 68.88 2.75 39.69
N THR E 346 69.74 3.36 38.89
CA THR E 346 70.16 4.75 39.05
C THR E 346 69.08 5.75 38.69
N PHE E 347 67.83 5.31 38.53
CA PHE E 347 66.69 6.19 38.37
C PHE E 347 65.71 6.14 39.54
N GLN E 348 65.79 5.09 40.37
CA GLN E 348 64.78 4.86 41.39
C GLN E 348 64.75 5.94 42.47
N GLN E 349 65.77 6.78 42.54
CA GLN E 349 65.79 7.93 43.44
C GLN E 349 65.11 9.16 42.88
N MET E 350 64.66 9.13 41.63
CA MET E 350 64.14 10.32 40.97
C MET E 350 62.63 10.44 41.03
N TRP E 351 61.90 9.36 41.31
CA TRP E 351 60.45 9.40 41.35
C TRP E 351 59.96 10.51 42.28
N ILE E 352 58.94 11.23 41.83
CA ILE E 352 58.21 12.14 42.70
C ILE E 352 57.39 11.32 43.68
N SER E 353 57.64 11.51 44.98
CA SER E 353 56.87 10.81 45.99
C SER E 353 55.50 11.41 46.18
N LYS E 354 54.54 10.54 46.49
CA LYS E 354 53.26 10.99 47.03
C LYS E 354 53.45 11.90 48.23
N GLN E 355 54.45 11.62 49.06
CA GLN E 355 54.76 12.48 50.20
C GLN E 355 55.17 13.86 49.75
N GLU E 356 55.98 13.95 48.69
CA GLU E 356 56.35 15.26 48.15
C GLU E 356 55.17 15.98 47.55
N TYR E 357 54.27 15.25 46.88
CA TYR E 357 53.04 15.87 46.39
C TYR E 357 52.14 16.33 47.53
N ASP E 358 52.27 15.72 48.71
CA ASP E 358 51.57 16.23 49.87
C ASP E 358 52.28 17.44 50.48
N GLU E 359 53.60 17.52 50.30
CA GLU E 359 54.32 18.71 50.74
C GLU E 359 54.02 19.90 49.84
N SER E 360 53.93 19.68 48.52
CA SER E 360 53.56 20.73 47.61
C SER E 360 52.74 20.15 46.47
N GLY E 361 51.77 20.93 46.00
CA GLY E 361 50.85 20.49 44.98
C GLY E 361 51.48 20.26 43.62
N PRO E 362 50.64 20.03 42.63
CA PRO E 362 51.12 19.65 41.29
C PRO E 362 52.26 20.50 40.74
N SER E 363 52.34 21.78 41.12
CA SER E 363 53.46 22.61 40.69
C SER E 363 54.81 22.02 41.06
N ILE E 364 54.84 21.10 42.02
CA ILE E 364 56.07 20.39 42.38
C ILE E 364 56.75 19.79 41.15
N VAL E 365 55.97 19.40 40.14
CA VAL E 365 56.54 18.71 38.99
C VAL E 365 57.54 19.58 38.25
N HIS E 366 57.24 20.87 38.12
CA HIS E 366 58.16 21.75 37.40
C HIS E 366 59.49 21.90 38.09
N HIS E 367 59.58 21.54 39.38
CA HIS E 367 60.86 21.50 40.08
C HIS E 367 61.55 20.15 39.92
N LYS E 368 60.80 19.06 40.13
CA LYS E 368 61.38 17.73 40.19
C LYS E 368 61.69 17.16 38.81
N CYS E 369 60.89 17.50 37.81
CA CYS E 369 60.88 16.79 36.54
C CYS E 369 61.53 17.61 35.43
N PHE E 370 62.39 16.96 34.66
CA PHE E 370 63.01 17.55 33.48
C PHE E 370 63.13 16.50 32.38
PB ADP F . -52.11 -24.29 0.54
O1B ADP F . -53.21 -24.48 1.54
O2B ADP F . -52.22 -23.03 -0.28
O3B ADP F . -50.73 -24.58 1.07
PA ADP F . -52.62 -26.95 0.05
O1A ADP F . -53.96 -26.96 0.73
O2A ADP F . -51.40 -27.37 0.83
O3A ADP F . -52.36 -25.47 -0.51
O5' ADP F . -52.70 -27.86 -1.27
C5' ADP F . -53.70 -28.87 -1.35
C4' ADP F . -53.59 -29.64 -2.67
O4' ADP F . -52.44 -30.48 -2.68
C3' ADP F . -54.71 -30.63 -2.92
O3' ADP F . -55.93 -30.01 -3.32
C2' ADP F . -54.11 -31.44 -4.04
O2' ADP F . -54.19 -30.79 -5.31
C1' ADP F . -52.66 -31.55 -3.60
N9 ADP F . -52.48 -32.83 -2.86
C8 ADP F . -52.80 -33.01 -1.57
N7 ADP F . -52.53 -34.29 -1.20
C5 ADP F . -52.02 -34.92 -2.27
C6 ADP F . -51.52 -36.28 -2.56
N6 ADP F . -51.51 -37.23 -1.60
N1 ADP F . -51.08 -36.53 -3.81
C2 ADP F . -51.09 -35.59 -4.77
N3 ADP F . -51.53 -34.34 -4.58
C4 ADP F . -52.00 -33.95 -3.37
MG MG G . -51.34 -23.65 2.61
PB ADP H . -24.15 -1.33 -24.37
O1B ADP H . -24.57 -1.51 -25.80
O2B ADP H . -23.57 -2.57 -23.73
O3B ADP H . -23.36 -0.07 -24.11
PA ADP H . -26.57 -0.03 -24.22
O1A ADP H . -27.11 -0.62 -25.50
O2A ADP H . -25.90 1.31 -24.25
O3A ADP H . -25.53 -1.09 -23.60
O5' ADP H . -27.76 0.02 -23.13
C5' ADP H . -29.11 0.05 -23.58
C4' ADP H . -30.06 0.14 -22.41
O4' ADP H . -30.02 1.42 -21.80
C3' ADP H . -31.53 0.01 -22.78
O3' ADP H . -31.92 -1.33 -23.07
C2' ADP H . -32.17 0.51 -21.50
O2' ADP H . -32.20 -0.46 -20.45
C1' ADP H . -31.26 1.67 -21.14
N9 ADP H . -31.84 2.92 -21.66
C8 ADP H . -31.71 3.34 -22.93
N7 ADP H . -32.35 4.52 -23.11
C5 ADP H . -32.90 4.86 -21.93
C6 ADP H . -33.72 5.98 -21.43
N6 ADP H . -34.07 7.00 -22.24
N1 ADP H . -34.09 5.95 -20.13
C2 ADP H . -33.73 4.94 -19.31
N3 ADP H . -33.00 3.89 -19.71
C4 ADP H . -32.56 3.80 -20.99
MG MG I . -22.49 -0.48 -25.75
PB ADP J . 0.12 -8.96 11.43
O1B ADP J . -0.77 -9.67 12.44
O2B ADP J . -0.22 -7.52 11.19
O3B ADP J . 1.59 -9.24 11.61
PA ADP J . -0.28 -11.31 10.04
O1A ADP J . -1.48 -11.74 10.84
O2A ADP J . 1.08 -11.82 10.41
O3A ADP J . -0.24 -9.71 10.05
O5' ADP J . -0.56 -11.68 8.50
C5' ADP J . -1.48 -12.70 8.18
C4' ADP J . -1.56 -12.92 6.67
O4' ADP J . -0.37 -13.54 6.17
C3' ADP J . -2.63 -13.89 6.22
O3' ADP J . -3.95 -13.33 6.27
C2' ADP J . -2.19 -14.14 4.81
O2' ADP J . -2.56 -13.10 3.90
C1' ADP J . -0.69 -14.23 4.96
N9 ADP J . -0.29 -15.64 5.11
C8 ADP J . -0.36 -16.33 6.26
N7 ADP J . 0.07 -17.61 6.08
C5 ADP J . 0.42 -17.73 4.79
C6 ADP J . 0.94 -18.81 3.93
N6 ADP J . 1.18 -20.03 4.44
N1 ADP J . 1.16 -18.52 2.63
C2 ADP J . 0.91 -17.31 2.12
N3 ADP J . 0.44 -16.28 2.84
C4 ADP J . 0.17 -16.44 4.15
MG MG K . 1.22 -9.04 13.46
PB ADP L . 21.33 25.04 -6.53
O1B ADP L . 20.66 25.35 -7.85
O2B ADP L . 22.10 23.75 -6.49
O3B ADP L . 22.04 26.23 -5.91
PA ADP L . 18.88 25.86 -5.55
O1A ADP L . 18.15 25.71 -6.85
O2A ADP L . 19.44 27.21 -5.15
O3A ADP L . 20.09 24.80 -5.54
O5' ADP L . 17.92 25.35 -4.36
C5' ADP L . 16.50 25.35 -4.57
C4' ADP L . 15.78 24.87 -3.33
O4' ADP L . 15.84 25.85 -2.29
C3' ADP L . 14.28 24.69 -3.50
O3' ADP L . 13.94 23.51 -4.23
C2' ADP L . 13.85 24.60 -2.05
O2' ADP L . 14.09 23.31 -1.47
C1' ADP L . 14.72 25.65 -1.41
N9 ADP L . 13.97 26.92 -1.33
C8 ADP L . 13.84 27.80 -2.34
N7 ADP L . 13.09 28.85 -1.96
C5 ADP L . 12.74 28.67 -0.69
C6 ADP L . 11.95 29.40 0.33
N6 ADP L . 11.38 30.60 0.02
N1 ADP L . 11.84 28.86 1.55
C2 ADP L . 12.40 27.67 1.86
N3 ADP L . 13.12 26.95 0.99
C4 ADP L . 13.33 27.39 -0.27
MG MG M . 22.63 26.56 -7.69
PB ADP N . 52.22 8.28 19.78
O1B ADP N . 51.58 7.15 20.55
O2B ADP N . 51.73 9.65 20.16
O3B ADP N . 53.71 8.16 19.62
PA ADP N . 51.73 6.56 17.66
O1A ADP N . 50.74 5.71 18.41
O2A ADP N . 53.18 6.14 17.62
O3A ADP N . 51.66 8.04 18.29
O5' ADP N . 51.21 6.76 16.16
C5' ADP N . 50.32 5.80 15.60
C4' ADP N . 49.98 6.15 14.16
O4' ADP N . 51.09 5.93 13.30
C3' ADP N . 48.92 5.27 13.53
O3' ADP N . 47.59 5.58 13.97
C2' ADP N . 49.11 5.61 12.08
O2' ADP N . 48.50 6.85 11.70
C1' ADP N . 50.61 5.69 11.97
N9 ADP N . 51.13 4.38 11.51
C8 ADP N . 51.33 3.31 12.31
N7 ADP N . 51.81 2.27 11.59
C5 ADP N . 51.92 2.68 10.32
C6 ADP N . 52.36 2.07 9.05
N6 ADP N . 52.78 0.79 9.00
N1 ADP N . 52.32 2.83 7.93
C2 ADP N . 51.88 4.11 7.97
N3 ADP N . 51.48 4.72 9.09
C4 ADP N . 51.46 4.07 10.27
MG MG O . 53.67 7.62 21.45
#